data_2PN2
# 
_entry.id   2PN2 
# 
_audit_conform.dict_name       mmcif_pdbx.dic 
_audit_conform.dict_version    5.398 
_audit_conform.dict_location   http://mmcif.pdb.org/dictionaries/ascii/mmcif_pdbx.dic 
# 
loop_
_database_2.database_id 
_database_2.database_code 
_database_2.pdbx_database_accession 
_database_2.pdbx_DOI 
PDB   2PN2         pdb_00002pn2 10.2210/pdb2pn2/pdb 
RCSB  RCSB042559   ?            ?                   
WWPDB D_1000042559 ?            ?                   
# 
loop_
_pdbx_audit_revision_history.ordinal 
_pdbx_audit_revision_history.data_content_type 
_pdbx_audit_revision_history.major_revision 
_pdbx_audit_revision_history.minor_revision 
_pdbx_audit_revision_history.revision_date 
1 'Structure model' 1 0 2007-05-08 
2 'Structure model' 1 1 2008-05-01 
3 'Structure model' 1 2 2011-07-13 
4 'Structure model' 1 3 2017-10-18 
5 'Structure model' 1 4 2017-10-25 
6 'Structure model' 1 5 2023-01-25 
7 'Structure model' 1 6 2024-11-06 
# 
_pdbx_audit_revision_details.ordinal             1 
_pdbx_audit_revision_details.revision_ordinal    1 
_pdbx_audit_revision_details.data_content_type   'Structure model' 
_pdbx_audit_revision_details.provider            repository 
_pdbx_audit_revision_details.type                'Initial release' 
_pdbx_audit_revision_details.description         ? 
_pdbx_audit_revision_details.details             ? 
# 
loop_
_pdbx_audit_revision_group.ordinal 
_pdbx_audit_revision_group.revision_ordinal 
_pdbx_audit_revision_group.data_content_type 
_pdbx_audit_revision_group.group 
1  2 'Structure model' 'Version format compliance'  
2  3 'Structure model' Advisory                     
3  3 'Structure model' 'Derived calculations'       
4  3 'Structure model' 'Source and taxonomy'        
5  3 'Structure model' 'Version format compliance'  
6  4 'Structure model' 'Refinement description'     
7  5 'Structure model' 'Author supporting evidence' 
8  6 'Structure model' 'Database references'        
9  6 'Structure model' 'Derived calculations'       
10 7 'Structure model' 'Data collection'            
11 7 'Structure model' 'Structure summary'          
# 
loop_
_pdbx_audit_revision_category.ordinal 
_pdbx_audit_revision_category.revision_ordinal 
_pdbx_audit_revision_category.data_content_type 
_pdbx_audit_revision_category.category 
1  4 'Structure model' software                           
2  5 'Structure model' pdbx_struct_assembly_auth_evidence 
3  6 'Structure model' database_2                         
4  6 'Structure model' struct_conn                        
5  6 'Structure model' struct_ref_seq_dif                 
6  6 'Structure model' struct_site                        
7  7 'Structure model' chem_comp_atom                     
8  7 'Structure model' chem_comp_bond                     
9  7 'Structure model' pdbx_entry_details                 
10 7 'Structure model' pdbx_modification_feature          
# 
loop_
_pdbx_audit_revision_item.ordinal 
_pdbx_audit_revision_item.revision_ordinal 
_pdbx_audit_revision_item.data_content_type 
_pdbx_audit_revision_item.item 
1 4 'Structure model' '_software.classification'            
2 4 'Structure model' '_software.name'                      
3 6 'Structure model' '_database_2.pdbx_DOI'                
4 6 'Structure model' '_database_2.pdbx_database_accession' 
5 6 'Structure model' '_struct_conn.pdbx_leaving_atom_flag' 
6 6 'Structure model' '_struct_ref_seq_dif.details'         
7 6 'Structure model' '_struct_site.pdbx_auth_asym_id'      
8 6 'Structure model' '_struct_site.pdbx_auth_comp_id'      
9 6 'Structure model' '_struct_site.pdbx_auth_seq_id'       
# 
_pdbx_database_status.SG_entry                        Y 
_pdbx_database_status.entry_id                        2PN2 
_pdbx_database_status.deposit_site                    RCSB 
_pdbx_database_status.process_site                    RCSB 
_pdbx_database_status.recvd_initial_deposition_date   2007-04-23 
_pdbx_database_status.status_code                     REL 
_pdbx_database_status.status_code_sf                  REL 
_pdbx_database_status.status_code_mr                  ? 
_pdbx_database_status.pdb_format_compatible           Y 
_pdbx_database_status.status_code_cs                  ? 
_pdbx_database_status.methods_development_category    ? 
_pdbx_database_status.status_code_nmr_data            ? 
# 
_pdbx_database_related.db_name        TargetDB 
_pdbx_database_related.db_id          370504 
_pdbx_database_related.details        . 
_pdbx_database_related.content_type   unspecified 
# 
_audit_author.name           'Joint Center for Structural Genomics (JCSG)' 
_audit_author.pdbx_ordinal   1 
# 
_citation.id                        primary 
_citation.title                     
'Crystal structure of uncharacterized protein (YP_263861.1) from Psychrobacter arcticus 273-4 at 2.15 A resolution' 
_citation.journal_abbrev            'To be published' 
_citation.journal_volume            ? 
_citation.page_first                ? 
_citation.page_last                 ? 
_citation.year                      ? 
_citation.journal_id_ASTM           ? 
_citation.country                   ? 
_citation.journal_id_ISSN           ? 
_citation.journal_id_CSD            0353 
_citation.book_publisher            ? 
_citation.pdbx_database_id_PubMed   ? 
_citation.pdbx_database_id_DOI      ? 
# 
_citation_author.citation_id        primary 
_citation_author.name               'Joint Center for Structural Genomics (JCSG)' 
_citation_author.ordinal            1 
_citation_author.identifier_ORCID   ? 
# 
loop_
_entity.id 
_entity.type 
_entity.src_method 
_entity.pdbx_description 
_entity.formula_weight 
_entity.pdbx_number_of_molecules 
_entity.pdbx_ec 
_entity.pdbx_mutation 
_entity.pdbx_fragment 
_entity.details 
1 polymer     man 'Uncharacterized protein' 17462.006 1  ? ? ? ? 
2 non-polymer syn 'CHLORIDE ION'            35.453    2  ? ? ? ? 
3 non-polymer syn 'SULFATE ION'             96.063    1  ? ? ? ? 
4 water       nat water                     18.015    66 ? ? ? ? 
# 
_entity_poly.entity_id                      1 
_entity_poly.type                           'polypeptide(L)' 
_entity_poly.nstd_linkage                   no 
_entity_poly.nstd_monomer                   yes 
_entity_poly.pdbx_seq_one_letter_code       
;(MSE)GSDKIHHHHHHENLYFQG(MSE)TTSKVTYQGDLRTSAIHLQSNNEIITDAPVDNQGKGEAFSPTDLLATSLASC
(MSE)LTIIGIKARD(MSE)EIDIAGTTAEVTKV(MSE)AADPRRVSEVHIAITFNQELDDKTQKIFYNTALTCPVAKSI
HPDIFQKVIIHSKSY
;
_entity_poly.pdbx_seq_one_letter_code_can   
;MGSDKIHHHHHHENLYFQGMTTSKVTYQGDLRTSAIHLQSNNEIITDAPVDNQGKGEAFSPTDLLATSLASCMLTIIGIK
ARDMEIDIAGTTAEVTKVMAADPRRVSEVHIAITFNQELDDKTQKIFYNTALTCPVAKSIHPDIFQKVIIHSKSY
;
_entity_poly.pdbx_strand_id                 A 
_entity_poly.pdbx_target_identifier         370504 
# 
loop_
_pdbx_entity_nonpoly.entity_id 
_pdbx_entity_nonpoly.name 
_pdbx_entity_nonpoly.comp_id 
2 'CHLORIDE ION' CL  
3 'SULFATE ION'  SO4 
4 water          HOH 
# 
loop_
_entity_poly_seq.entity_id 
_entity_poly_seq.num 
_entity_poly_seq.mon_id 
_entity_poly_seq.hetero 
1 1   MSE n 
1 2   GLY n 
1 3   SER n 
1 4   ASP n 
1 5   LYS n 
1 6   ILE n 
1 7   HIS n 
1 8   HIS n 
1 9   HIS n 
1 10  HIS n 
1 11  HIS n 
1 12  HIS n 
1 13  GLU n 
1 14  ASN n 
1 15  LEU n 
1 16  TYR n 
1 17  PHE n 
1 18  GLN n 
1 19  GLY n 
1 20  MSE n 
1 21  THR n 
1 22  THR n 
1 23  SER n 
1 24  LYS n 
1 25  VAL n 
1 26  THR n 
1 27  TYR n 
1 28  GLN n 
1 29  GLY n 
1 30  ASP n 
1 31  LEU n 
1 32  ARG n 
1 33  THR n 
1 34  SER n 
1 35  ALA n 
1 36  ILE n 
1 37  HIS n 
1 38  LEU n 
1 39  GLN n 
1 40  SER n 
1 41  ASN n 
1 42  ASN n 
1 43  GLU n 
1 44  ILE n 
1 45  ILE n 
1 46  THR n 
1 47  ASP n 
1 48  ALA n 
1 49  PRO n 
1 50  VAL n 
1 51  ASP n 
1 52  ASN n 
1 53  GLN n 
1 54  GLY n 
1 55  LYS n 
1 56  GLY n 
1 57  GLU n 
1 58  ALA n 
1 59  PHE n 
1 60  SER n 
1 61  PRO n 
1 62  THR n 
1 63  ASP n 
1 64  LEU n 
1 65  LEU n 
1 66  ALA n 
1 67  THR n 
1 68  SER n 
1 69  LEU n 
1 70  ALA n 
1 71  SER n 
1 72  CYS n 
1 73  MSE n 
1 74  LEU n 
1 75  THR n 
1 76  ILE n 
1 77  ILE n 
1 78  GLY n 
1 79  ILE n 
1 80  LYS n 
1 81  ALA n 
1 82  ARG n 
1 83  ASP n 
1 84  MSE n 
1 85  GLU n 
1 86  ILE n 
1 87  ASP n 
1 88  ILE n 
1 89  ALA n 
1 90  GLY n 
1 91  THR n 
1 92  THR n 
1 93  ALA n 
1 94  GLU n 
1 95  VAL n 
1 96  THR n 
1 97  LYS n 
1 98  VAL n 
1 99  MSE n 
1 100 ALA n 
1 101 ALA n 
1 102 ASP n 
1 103 PRO n 
1 104 ARG n 
1 105 ARG n 
1 106 VAL n 
1 107 SER n 
1 108 GLU n 
1 109 VAL n 
1 110 HIS n 
1 111 ILE n 
1 112 ALA n 
1 113 ILE n 
1 114 THR n 
1 115 PHE n 
1 116 ASN n 
1 117 GLN n 
1 118 GLU n 
1 119 LEU n 
1 120 ASP n 
1 121 ASP n 
1 122 LYS n 
1 123 THR n 
1 124 GLN n 
1 125 LYS n 
1 126 ILE n 
1 127 PHE n 
1 128 TYR n 
1 129 ASN n 
1 130 THR n 
1 131 ALA n 
1 132 LEU n 
1 133 THR n 
1 134 CYS n 
1 135 PRO n 
1 136 VAL n 
1 137 ALA n 
1 138 LYS n 
1 139 SER n 
1 140 ILE n 
1 141 HIS n 
1 142 PRO n 
1 143 ASP n 
1 144 ILE n 
1 145 PHE n 
1 146 GLN n 
1 147 LYS n 
1 148 VAL n 
1 149 ILE n 
1 150 ILE n 
1 151 HIS n 
1 152 SER n 
1 153 LYS n 
1 154 SER n 
1 155 TYR n 
# 
_entity_src_gen.entity_id                          1 
_entity_src_gen.pdbx_src_id                        1 
_entity_src_gen.pdbx_alt_source_flag               sample 
_entity_src_gen.pdbx_seq_type                      ? 
_entity_src_gen.pdbx_beg_seq_num                   ? 
_entity_src_gen.pdbx_end_seq_num                   ? 
_entity_src_gen.gene_src_common_name               ? 
_entity_src_gen.gene_src_genus                     Psychrobacter 
_entity_src_gen.pdbx_gene_src_gene                 'YP_263861.1, Psyc_0566' 
_entity_src_gen.gene_src_species                   'Psychrobacter arcticus' 
_entity_src_gen.gene_src_strain                    273-4 
_entity_src_gen.gene_src_tissue                    ? 
_entity_src_gen.gene_src_tissue_fraction           ? 
_entity_src_gen.gene_src_details                   ? 
_entity_src_gen.pdbx_gene_src_fragment             ? 
_entity_src_gen.pdbx_gene_src_scientific_name      'Psychrobacter arcticus' 
_entity_src_gen.pdbx_gene_src_ncbi_taxonomy_id     259536 
_entity_src_gen.pdbx_gene_src_variant              ? 
_entity_src_gen.pdbx_gene_src_cell_line            ? 
_entity_src_gen.pdbx_gene_src_atcc                 ? 
_entity_src_gen.pdbx_gene_src_organ                ? 
_entity_src_gen.pdbx_gene_src_organelle            ? 
_entity_src_gen.pdbx_gene_src_cell                 ? 
_entity_src_gen.pdbx_gene_src_cellular_location    ? 
_entity_src_gen.host_org_common_name               ? 
_entity_src_gen.pdbx_host_org_scientific_name      'Escherichia coli' 
_entity_src_gen.pdbx_host_org_ncbi_taxonomy_id     562 
_entity_src_gen.host_org_genus                     Escherichia 
_entity_src_gen.pdbx_host_org_gene                 ? 
_entity_src_gen.pdbx_host_org_organ                ? 
_entity_src_gen.host_org_species                   ? 
_entity_src_gen.pdbx_host_org_tissue               ? 
_entity_src_gen.pdbx_host_org_tissue_fraction      ? 
_entity_src_gen.pdbx_host_org_strain               HK100 
_entity_src_gen.pdbx_host_org_variant              ? 
_entity_src_gen.pdbx_host_org_cell_line            ? 
_entity_src_gen.pdbx_host_org_atcc                 ? 
_entity_src_gen.pdbx_host_org_culture_collection   ? 
_entity_src_gen.pdbx_host_org_cell                 ? 
_entity_src_gen.pdbx_host_org_organelle            ? 
_entity_src_gen.pdbx_host_org_cellular_location    ? 
_entity_src_gen.pdbx_host_org_vector_type          Plasmid 
_entity_src_gen.pdbx_host_org_vector               ? 
_entity_src_gen.host_org_details                   ? 
_entity_src_gen.expression_system_id               ? 
_entity_src_gen.plasmid_name                       speedET 
_entity_src_gen.plasmid_details                    ? 
_entity_src_gen.pdbx_description                   ? 
# 
loop_
_chem_comp.id 
_chem_comp.type 
_chem_comp.mon_nstd_flag 
_chem_comp.name 
_chem_comp.pdbx_synonyms 
_chem_comp.formula 
_chem_comp.formula_weight 
ALA 'L-peptide linking' y ALANINE          ? 'C3 H7 N O2'     89.093  
ARG 'L-peptide linking' y ARGININE         ? 'C6 H15 N4 O2 1' 175.209 
ASN 'L-peptide linking' y ASPARAGINE       ? 'C4 H8 N2 O3'    132.118 
ASP 'L-peptide linking' y 'ASPARTIC ACID'  ? 'C4 H7 N O4'     133.103 
CL  non-polymer         . 'CHLORIDE ION'   ? 'Cl -1'          35.453  
CYS 'L-peptide linking' y CYSTEINE         ? 'C3 H7 N O2 S'   121.158 
GLN 'L-peptide linking' y GLUTAMINE        ? 'C5 H10 N2 O3'   146.144 
GLU 'L-peptide linking' y 'GLUTAMIC ACID'  ? 'C5 H9 N O4'     147.129 
GLY 'peptide linking'   y GLYCINE          ? 'C2 H5 N O2'     75.067  
HIS 'L-peptide linking' y HISTIDINE        ? 'C6 H10 N3 O2 1' 156.162 
HOH non-polymer         . WATER            ? 'H2 O'           18.015  
ILE 'L-peptide linking' y ISOLEUCINE       ? 'C6 H13 N O2'    131.173 
LEU 'L-peptide linking' y LEUCINE          ? 'C6 H13 N O2'    131.173 
LYS 'L-peptide linking' y LYSINE           ? 'C6 H15 N2 O2 1' 147.195 
MET 'L-peptide linking' y METHIONINE       ? 'C5 H11 N O2 S'  149.211 
MSE 'L-peptide linking' n SELENOMETHIONINE ? 'C5 H11 N O2 Se' 196.106 
PHE 'L-peptide linking' y PHENYLALANINE    ? 'C9 H11 N O2'    165.189 
PRO 'L-peptide linking' y PROLINE          ? 'C5 H9 N O2'     115.130 
SER 'L-peptide linking' y SERINE           ? 'C3 H7 N O3'     105.093 
SO4 non-polymer         . 'SULFATE ION'    ? 'O4 S -2'        96.063  
THR 'L-peptide linking' y THREONINE        ? 'C4 H9 N O3'     119.119 
TYR 'L-peptide linking' y TYROSINE         ? 'C9 H11 N O3'    181.189 
VAL 'L-peptide linking' y VALINE           ? 'C5 H11 N O2'    117.146 
# 
loop_
_pdbx_poly_seq_scheme.asym_id 
_pdbx_poly_seq_scheme.entity_id 
_pdbx_poly_seq_scheme.seq_id 
_pdbx_poly_seq_scheme.mon_id 
_pdbx_poly_seq_scheme.ndb_seq_num 
_pdbx_poly_seq_scheme.pdb_seq_num 
_pdbx_poly_seq_scheme.auth_seq_num 
_pdbx_poly_seq_scheme.pdb_mon_id 
_pdbx_poly_seq_scheme.auth_mon_id 
_pdbx_poly_seq_scheme.pdb_strand_id 
_pdbx_poly_seq_scheme.pdb_ins_code 
_pdbx_poly_seq_scheme.hetero 
A 1 1   MSE 1   -18 ?   ?   ?   A . n 
A 1 2   GLY 2   -17 ?   ?   ?   A . n 
A 1 3   SER 3   -16 ?   ?   ?   A . n 
A 1 4   ASP 4   -15 ?   ?   ?   A . n 
A 1 5   LYS 5   -14 ?   ?   ?   A . n 
A 1 6   ILE 6   -13 ?   ?   ?   A . n 
A 1 7   HIS 7   -12 ?   ?   ?   A . n 
A 1 8   HIS 8   -11 ?   ?   ?   A . n 
A 1 9   HIS 9   -10 ?   ?   ?   A . n 
A 1 10  HIS 10  -9  ?   ?   ?   A . n 
A 1 11  HIS 11  -8  ?   ?   ?   A . n 
A 1 12  HIS 12  -7  ?   ?   ?   A . n 
A 1 13  GLU 13  -6  ?   ?   ?   A . n 
A 1 14  ASN 14  -5  ?   ?   ?   A . n 
A 1 15  LEU 15  -4  -4  LEU LEU A . n 
A 1 16  TYR 16  -3  -3  TYR TYR A . n 
A 1 17  PHE 17  -2  -2  PHE PHE A . n 
A 1 18  GLN 18  -1  -1  GLN GLN A . n 
A 1 19  GLY 19  0   0   GLY GLY A . n 
A 1 20  MSE 20  1   1   MSE MSE A . n 
A 1 21  THR 21  2   2   THR THR A . n 
A 1 22  THR 22  3   3   THR THR A . n 
A 1 23  SER 23  4   4   SER SER A . n 
A 1 24  LYS 24  5   5   LYS LYS A . n 
A 1 25  VAL 25  6   6   VAL VAL A . n 
A 1 26  THR 26  7   7   THR THR A . n 
A 1 27  TYR 27  8   8   TYR TYR A . n 
A 1 28  GLN 28  9   9   GLN GLN A . n 
A 1 29  GLY 29  10  10  GLY GLY A . n 
A 1 30  ASP 30  11  11  ASP ASP A . n 
A 1 31  LEU 31  12  12  LEU LEU A . n 
A 1 32  ARG 32  13  13  ARG ARG A . n 
A 1 33  THR 33  14  14  THR THR A . n 
A 1 34  SER 34  15  15  SER SER A . n 
A 1 35  ALA 35  16  16  ALA ALA A . n 
A 1 36  ILE 36  17  17  ILE ILE A . n 
A 1 37  HIS 37  18  18  HIS HIS A . n 
A 1 38  LEU 38  19  19  LEU LEU A . n 
A 1 39  GLN 39  20  20  GLN GLN A . n 
A 1 40  SER 40  21  21  SER SER A . n 
A 1 41  ASN 41  22  22  ASN ASN A . n 
A 1 42  ASN 42  23  23  ASN ASN A . n 
A 1 43  GLU 43  24  24  GLU GLU A . n 
A 1 44  ILE 44  25  25  ILE ILE A . n 
A 1 45  ILE 45  26  26  ILE ILE A . n 
A 1 46  THR 46  27  27  THR THR A . n 
A 1 47  ASP 47  28  28  ASP ASP A . n 
A 1 48  ALA 48  29  29  ALA ALA A . n 
A 1 49  PRO 49  30  30  PRO PRO A . n 
A 1 50  VAL 50  31  31  VAL VAL A . n 
A 1 51  ASP 51  32  32  ASP ASP A . n 
A 1 52  ASN 52  33  33  ASN ASN A . n 
A 1 53  GLN 53  34  34  GLN GLN A . n 
A 1 54  GLY 54  35  35  GLY GLY A . n 
A 1 55  LYS 55  36  36  LYS LYS A . n 
A 1 56  GLY 56  37  37  GLY GLY A . n 
A 1 57  GLU 57  38  38  GLU GLU A . n 
A 1 58  ALA 58  39  39  ALA ALA A . n 
A 1 59  PHE 59  40  40  PHE PHE A . n 
A 1 60  SER 60  41  41  SER SER A . n 
A 1 61  PRO 61  42  42  PRO PRO A . n 
A 1 62  THR 62  43  43  THR THR A . n 
A 1 63  ASP 63  44  44  ASP ASP A . n 
A 1 64  LEU 64  45  45  LEU LEU A . n 
A 1 65  LEU 65  46  46  LEU LEU A . n 
A 1 66  ALA 66  47  47  ALA ALA A . n 
A 1 67  THR 67  48  48  THR THR A . n 
A 1 68  SER 68  49  49  SER SER A . n 
A 1 69  LEU 69  50  50  LEU LEU A . n 
A 1 70  ALA 70  51  51  ALA ALA A . n 
A 1 71  SER 71  52  52  SER SER A . n 
A 1 72  CYS 72  53  53  CYS CYS A . n 
A 1 73  MSE 73  54  54  MSE MSE A . n 
A 1 74  LEU 74  55  55  LEU LEU A . n 
A 1 75  THR 75  56  56  THR THR A . n 
A 1 76  ILE 76  57  57  ILE ILE A . n 
A 1 77  ILE 77  58  58  ILE ILE A . n 
A 1 78  GLY 78  59  59  GLY GLY A . n 
A 1 79  ILE 79  60  60  ILE ILE A . n 
A 1 80  LYS 80  61  61  LYS LYS A . n 
A 1 81  ALA 81  62  62  ALA ALA A . n 
A 1 82  ARG 82  63  63  ARG ARG A . n 
A 1 83  ASP 83  64  64  ASP ASP A . n 
A 1 84  MSE 84  65  65  MSE MSE A . n 
A 1 85  GLU 85  66  66  GLU GLU A . n 
A 1 86  ILE 86  67  67  ILE ILE A . n 
A 1 87  ASP 87  68  68  ASP ASP A . n 
A 1 88  ILE 88  69  69  ILE ILE A . n 
A 1 89  ALA 89  70  70  ALA ALA A . n 
A 1 90  GLY 90  71  71  GLY GLY A . n 
A 1 91  THR 91  72  72  THR THR A . n 
A 1 92  THR 92  73  73  THR THR A . n 
A 1 93  ALA 93  74  74  ALA ALA A . n 
A 1 94  GLU 94  75  75  GLU GLU A . n 
A 1 95  VAL 95  76  76  VAL VAL A . n 
A 1 96  THR 96  77  77  THR THR A . n 
A 1 97  LYS 97  78  78  LYS LYS A . n 
A 1 98  VAL 98  79  79  VAL VAL A . n 
A 1 99  MSE 99  80  80  MSE MSE A . n 
A 1 100 ALA 100 81  81  ALA ALA A . n 
A 1 101 ALA 101 82  82  ALA ALA A . n 
A 1 102 ASP 102 83  83  ASP ASP A . n 
A 1 103 PRO 103 84  84  PRO PRO A . n 
A 1 104 ARG 104 85  85  ARG ARG A . n 
A 1 105 ARG 105 86  86  ARG ARG A . n 
A 1 106 VAL 106 87  87  VAL VAL A . n 
A 1 107 SER 107 88  88  SER SER A . n 
A 1 108 GLU 108 89  89  GLU GLU A . n 
A 1 109 VAL 109 90  90  VAL VAL A . n 
A 1 110 HIS 110 91  91  HIS HIS A . n 
A 1 111 ILE 111 92  92  ILE ILE A . n 
A 1 112 ALA 112 93  93  ALA ALA A . n 
A 1 113 ILE 113 94  94  ILE ILE A . n 
A 1 114 THR 114 95  95  THR THR A . n 
A 1 115 PHE 115 96  96  PHE PHE A . n 
A 1 116 ASN 116 97  97  ASN ASN A . n 
A 1 117 GLN 117 98  98  GLN GLN A . n 
A 1 118 GLU 118 99  99  GLU GLU A . n 
A 1 119 LEU 119 100 100 LEU LEU A . n 
A 1 120 ASP 120 101 101 ASP ASP A . n 
A 1 121 ASP 121 102 102 ASP ASP A . n 
A 1 122 LYS 122 103 103 LYS LYS A . n 
A 1 123 THR 123 104 104 THR THR A . n 
A 1 124 GLN 124 105 105 GLN GLN A . n 
A 1 125 LYS 125 106 106 LYS LYS A . n 
A 1 126 ILE 126 107 107 ILE ILE A . n 
A 1 127 PHE 127 108 108 PHE PHE A . n 
A 1 128 TYR 128 109 109 TYR TYR A . n 
A 1 129 ASN 129 110 110 ASN ASN A . n 
A 1 130 THR 130 111 111 THR THR A . n 
A 1 131 ALA 131 112 112 ALA ALA A . n 
A 1 132 LEU 132 113 113 LEU LEU A . n 
A 1 133 THR 133 114 114 THR THR A . n 
A 1 134 CYS 134 115 115 CYS CYS A . n 
A 1 135 PRO 135 116 116 PRO PRO A . n 
A 1 136 VAL 136 117 117 VAL VAL A . n 
A 1 137 ALA 137 118 118 ALA ALA A . n 
A 1 138 LYS 138 119 119 LYS LYS A . n 
A 1 139 SER 139 120 120 SER SER A . n 
A 1 140 ILE 140 121 121 ILE ILE A . n 
A 1 141 HIS 141 122 122 HIS HIS A . n 
A 1 142 PRO 142 123 123 PRO PRO A . n 
A 1 143 ASP 143 124 124 ASP ASP A . n 
A 1 144 ILE 144 125 125 ILE ILE A . n 
A 1 145 PHE 145 126 126 PHE PHE A . n 
A 1 146 GLN 146 127 127 GLN GLN A . n 
A 1 147 LYS 147 128 128 LYS LYS A . n 
A 1 148 VAL 148 129 129 VAL VAL A . n 
A 1 149 ILE 149 130 130 ILE ILE A . n 
A 1 150 ILE 150 131 131 ILE ILE A . n 
A 1 151 HIS 151 132 132 HIS HIS A . n 
A 1 152 SER 152 133 ?   ?   ?   A . n 
A 1 153 LYS 153 134 ?   ?   ?   A . n 
A 1 154 SER 154 135 ?   ?   ?   A . n 
A 1 155 TYR 155 136 ?   ?   ?   A . n 
# 
loop_
_pdbx_nonpoly_scheme.asym_id 
_pdbx_nonpoly_scheme.entity_id 
_pdbx_nonpoly_scheme.mon_id 
_pdbx_nonpoly_scheme.ndb_seq_num 
_pdbx_nonpoly_scheme.pdb_seq_num 
_pdbx_nonpoly_scheme.auth_seq_num 
_pdbx_nonpoly_scheme.pdb_mon_id 
_pdbx_nonpoly_scheme.auth_mon_id 
_pdbx_nonpoly_scheme.pdb_strand_id 
_pdbx_nonpoly_scheme.pdb_ins_code 
B 2 CL  1  137 1  CL  CL  A . 
C 2 CL  1  138 2  CL  CL  A . 
D 3 SO4 1  139 3  SO4 SO4 A . 
E 4 HOH 1  140 4  HOH HOH A . 
E 4 HOH 2  141 5  HOH HOH A . 
E 4 HOH 3  142 6  HOH HOH A . 
E 4 HOH 4  143 7  HOH HOH A . 
E 4 HOH 5  144 8  HOH HOH A . 
E 4 HOH 6  145 9  HOH HOH A . 
E 4 HOH 7  146 10 HOH HOH A . 
E 4 HOH 8  147 11 HOH HOH A . 
E 4 HOH 9  148 12 HOH HOH A . 
E 4 HOH 10 149 13 HOH HOH A . 
E 4 HOH 11 150 14 HOH HOH A . 
E 4 HOH 12 151 15 HOH HOH A . 
E 4 HOH 13 152 16 HOH HOH A . 
E 4 HOH 14 153 17 HOH HOH A . 
E 4 HOH 15 154 18 HOH HOH A . 
E 4 HOH 16 155 19 HOH HOH A . 
E 4 HOH 17 156 20 HOH HOH A . 
E 4 HOH 18 157 21 HOH HOH A . 
E 4 HOH 19 158 22 HOH HOH A . 
E 4 HOH 20 159 23 HOH HOH A . 
E 4 HOH 21 160 24 HOH HOH A . 
E 4 HOH 22 161 25 HOH HOH A . 
E 4 HOH 23 162 26 HOH HOH A . 
E 4 HOH 24 163 27 HOH HOH A . 
E 4 HOH 25 164 28 HOH HOH A . 
E 4 HOH 26 165 29 HOH HOH A . 
E 4 HOH 27 166 30 HOH HOH A . 
E 4 HOH 28 167 31 HOH HOH A . 
E 4 HOH 29 168 32 HOH HOH A . 
E 4 HOH 30 169 33 HOH HOH A . 
E 4 HOH 31 170 34 HOH HOH A . 
E 4 HOH 32 171 35 HOH HOH A . 
E 4 HOH 33 172 36 HOH HOH A . 
E 4 HOH 34 173 37 HOH HOH A . 
E 4 HOH 35 174 38 HOH HOH A . 
E 4 HOH 36 175 39 HOH HOH A . 
E 4 HOH 37 176 40 HOH HOH A . 
E 4 HOH 38 177 41 HOH HOH A . 
E 4 HOH 39 178 42 HOH HOH A . 
E 4 HOH 40 179 43 HOH HOH A . 
E 4 HOH 41 180 44 HOH HOH A . 
E 4 HOH 42 181 45 HOH HOH A . 
E 4 HOH 43 182 46 HOH HOH A . 
E 4 HOH 44 183 47 HOH HOH A . 
E 4 HOH 45 184 48 HOH HOH A . 
E 4 HOH 46 185 49 HOH HOH A . 
E 4 HOH 47 186 50 HOH HOH A . 
E 4 HOH 48 187 51 HOH HOH A . 
E 4 HOH 49 188 52 HOH HOH A . 
E 4 HOH 50 189 53 HOH HOH A . 
E 4 HOH 51 190 54 HOH HOH A . 
E 4 HOH 52 191 55 HOH HOH A . 
E 4 HOH 53 192 56 HOH HOH A . 
E 4 HOH 54 193 57 HOH HOH A . 
E 4 HOH 55 194 58 HOH HOH A . 
E 4 HOH 56 195 59 HOH HOH A . 
E 4 HOH 57 196 60 HOH HOH A . 
E 4 HOH 58 197 61 HOH HOH A . 
E 4 HOH 59 198 62 HOH HOH A . 
E 4 HOH 60 199 63 HOH HOH A . 
E 4 HOH 61 200 64 HOH HOH A . 
E 4 HOH 62 201 65 HOH HOH A . 
E 4 HOH 63 202 66 HOH HOH A . 
E 4 HOH 64 203 67 HOH HOH A . 
E 4 HOH 65 204 68 HOH HOH A . 
E 4 HOH 66 205 69 HOH HOH A . 
# 
loop_
_pdbx_unobs_or_zero_occ_atoms.id 
_pdbx_unobs_or_zero_occ_atoms.PDB_model_num 
_pdbx_unobs_or_zero_occ_atoms.polymer_flag 
_pdbx_unobs_or_zero_occ_atoms.occupancy_flag 
_pdbx_unobs_or_zero_occ_atoms.auth_asym_id 
_pdbx_unobs_or_zero_occ_atoms.auth_comp_id 
_pdbx_unobs_or_zero_occ_atoms.auth_seq_id 
_pdbx_unobs_or_zero_occ_atoms.PDB_ins_code 
_pdbx_unobs_or_zero_occ_atoms.auth_atom_id 
_pdbx_unobs_or_zero_occ_atoms.label_alt_id 
_pdbx_unobs_or_zero_occ_atoms.label_asym_id 
_pdbx_unobs_or_zero_occ_atoms.label_comp_id 
_pdbx_unobs_or_zero_occ_atoms.label_seq_id 
_pdbx_unobs_or_zero_occ_atoms.label_atom_id 
1  1 Y 1 A LEU 19  ? CG  ? A LEU 38  CG  
2  1 Y 1 A LEU 19  ? CD1 ? A LEU 38  CD1 
3  1 Y 1 A LEU 19  ? CD2 ? A LEU 38  CD2 
4  1 Y 1 A GLN 20  ? CG  ? A GLN 39  CG  
5  1 Y 1 A GLN 20  ? CD  ? A GLN 39  CD  
6  1 Y 1 A GLN 20  ? OE1 ? A GLN 39  OE1 
7  1 Y 1 A GLN 20  ? NE2 ? A GLN 39  NE2 
8  1 Y 1 A ASP 32  ? CG  ? A ASP 51  CG  
9  1 Y 1 A ASP 32  ? OD1 ? A ASP 51  OD1 
10 1 Y 1 A ASP 32  ? OD2 ? A ASP 51  OD2 
11 1 Y 1 A LYS 36  ? CE  ? A LYS 55  CE  
12 1 Y 1 A LYS 36  ? NZ  ? A LYS 55  NZ  
13 1 Y 1 A GLN 98  ? CG  ? A GLN 117 CG  
14 1 Y 1 A GLN 98  ? CD  ? A GLN 117 CD  
15 1 Y 1 A GLN 98  ? OE1 ? A GLN 117 OE1 
16 1 Y 1 A GLN 98  ? NE2 ? A GLN 117 NE2 
17 1 Y 1 A GLU 99  ? CG  ? A GLU 118 CG  
18 1 Y 1 A GLU 99  ? CD  ? A GLU 118 CD  
19 1 Y 1 A GLU 99  ? OE1 ? A GLU 118 OE1 
20 1 Y 1 A GLU 99  ? OE2 ? A GLU 118 OE2 
21 1 Y 1 A LYS 106 ? CD  ? A LYS 125 CD  
22 1 Y 1 A LYS 106 ? CE  ? A LYS 125 CE  
23 1 Y 1 A LYS 106 ? NZ  ? A LYS 125 NZ  
# 
loop_
_software.name 
_software.version 
_software.date 
_software.type 
_software.contact_author 
_software.contact_author_email 
_software.classification 
_software.location 
_software.language 
_software.citation_id 
_software.pdbx_ordinal 
MolProbity  3beta29   ?                package 'D.C. & J.S. Richardson lab' molprobity@kinemage.biochem.duke.edu 'model building'  
http://kinemage.biochem.duke.edu/molprobity/ ?          ? 1 
SHELX       .         ?                package 'George Sheldrick'           gsheldr@shelx.uni-ac.gwdg.de         phasing           
http://shelx.uni-ac.gwdg.de/SHELX/           Fortran_77 ? 2 
REFMAC      5.2.0019  ?                program 'Murshudov, G.N.'            ccp4@dl.ac.uk                        refinement        
http://www.ccp4.ac.uk/main.html              Fortran_77 ? 3 
SCALA       .         ?                other   'Phil Evans'                 pre@mrc-lmb.cam.ac.uk                'data scaling'    
http://www.ccp4.ac.uk/dist/html/INDEX.html   Fortran_77 ? 4 
PDB_EXTRACT 2.000     'April. 3, 2006' package PDB                          sw-help@rcsb.rutgers.edu             'data extraction' 
http://pdb.rutgers.edu/software/             C++        ? 5 
MAR345      CCD       ?                ?       ?                            ?                                    'data collection' 
?                                            ?          ? 6 
MOSFLM      .         ?                ?       ?                            ?                                    'data reduction'  
?                                            ?          ? 7 
CCP4        '(SCALA)' ?                ?       ?                            ?                                    'data scaling'    
?                                            ?          ? 8 
autoSHARP   .         ?                ?       ?                            ?                                    phasing           
?                                            ?          ? 9 
# 
_cell.entry_id           2PN2 
_cell.length_a           47.243 
_cell.length_b           57.390 
_cell.length_c           103.398 
_cell.angle_alpha        90.000 
_cell.angle_beta         90.000 
_cell.angle_gamma        90.000 
_cell.pdbx_unique_axis   ? 
_cell.Z_PDB              8 
_cell.length_a_esd       ? 
_cell.length_b_esd       ? 
_cell.length_c_esd       ? 
_cell.angle_alpha_esd    ? 
_cell.angle_beta_esd     ? 
_cell.angle_gamma_esd    ? 
# 
_symmetry.entry_id                         2PN2 
_symmetry.Int_Tables_number                20 
_symmetry.space_group_name_H-M             'C 2 2 21' 
_symmetry.pdbx_full_space_group_name_H-M   ? 
_symmetry.cell_setting                     ? 
_symmetry.space_group_name_Hall            ? 
# 
_exptl.crystals_number   1 
_exptl.method            'X-RAY DIFFRACTION' 
_exptl.entry_id          2PN2 
# 
_exptl_crystal.id                    1 
_exptl_crystal.density_Matthews      2.01 
_exptl_crystal.density_meas          ? 
_exptl_crystal.density_percent_sol   38.69 
_exptl_crystal.description           'ICE RINGS WERE EXCLUDED DURING DATA INTEGRATION BY MOSFLM' 
_exptl_crystal.F_000                 ? 
_exptl_crystal.preparation           ? 
# 
_exptl_crystal_grow.crystal_id      1 
_exptl_crystal_grow.method          'VAPOR DIFFUSION, SITTING DROP' 
_exptl_crystal_grow.pH              4.43 
_exptl_crystal_grow.temp            293 
_exptl_crystal_grow.pdbx_details    
'NANODROP, 0.2M Ammonium sulfate, 30.5% PEG MME 2000, 0.1M Sodium acetate pH 4.43, VAPOR DIFFUSION, SITTING DROP, temperature 293K' 
_exptl_crystal_grow.temp_details    ? 
_exptl_crystal_grow.pdbx_pH_range   . 
# 
_diffrn.id                     1 
_diffrn.ambient_temp           100 
_diffrn.ambient_temp_details   ? 
_diffrn.crystal_id             1 
# 
_diffrn_detector.diffrn_id              1 
_diffrn_detector.detector               CCD 
_diffrn_detector.type                   'MARMOSAIC 325 mm CCD' 
_diffrn_detector.details                'Flat collimating mirror, toroid focusing mirror' 
_diffrn_detector.pdbx_collection_date   2007-04-01 
# 
_diffrn_radiation.diffrn_id                        1 
_diffrn_radiation.pdbx_monochromatic_or_laue_m_l   M 
_diffrn_radiation.monochromator                    'Double crystal' 
_diffrn_radiation.pdbx_diffrn_protocol             MAD 
_diffrn_radiation.wavelength_id                    1 
_diffrn_radiation.pdbx_scattering_type             x-ray 
# 
loop_
_diffrn_radiation_wavelength.id 
_diffrn_radiation_wavelength.wavelength 
_diffrn_radiation_wavelength.wt 
1 0.91162 1.0 
2 0.97939 1.0 
3 0.97922 1.0 
# 
_diffrn_source.diffrn_id                   1 
_diffrn_source.source                      SYNCHROTRON 
_diffrn_source.pdbx_synchrotron_beamline   BL9-2 
_diffrn_source.type                        'SSRL BEAMLINE BL9-2' 
_diffrn_source.pdbx_wavelength_list        '0.91162, 0.97939, 0.97922' 
_diffrn_source.pdbx_wavelength             ? 
_diffrn_source.pdbx_synchrotron_site       SSRL 
# 
_reflns.entry_id                     2PN2 
_reflns.d_resolution_high            1.95 
_reflns.d_resolution_low             36.466 
_reflns.number_obs                   8085 
_reflns.pdbx_Rmerge_I_obs            0.039 
_reflns.pdbx_netI_over_sigmaI        11.400 
_reflns.pdbx_Rsym_value              0.039 
_reflns.pdbx_redundancy              4.000 
_reflns.percent_possible_obs         76.300 
_reflns.observed_criterion_sigma_F   ? 
_reflns.observed_criterion_sigma_I   ? 
_reflns.number_all                   ? 
_reflns.B_iso_Wilson_estimate        ? 
_reflns.R_free_details               ? 
_reflns.limit_h_max                  ? 
_reflns.limit_h_min                  ? 
_reflns.limit_k_max                  ? 
_reflns.limit_k_min                  ? 
_reflns.limit_l_max                  ? 
_reflns.limit_l_min                  ? 
_reflns.observed_criterion_F_max     ? 
_reflns.observed_criterion_F_min     ? 
_reflns.pdbx_chi_squared             ? 
_reflns.pdbx_scaling_rejects         ? 
_reflns.pdbx_ordinal                 1 
_reflns.pdbx_diffrn_id               1 
# 
loop_
_reflns_shell.d_res_high 
_reflns_shell.d_res_low 
_reflns_shell.number_measured_obs 
_reflns_shell.number_measured_all 
_reflns_shell.number_unique_obs 
_reflns_shell.Rmerge_I_obs 
_reflns_shell.meanI_over_sigI_obs 
_reflns_shell.pdbx_Rsym_value 
_reflns_shell.pdbx_chi_squared 
_reflns_shell.pdbx_redundancy 
_reflns_shell.percent_possible_obs 
_reflns_shell.number_unique_all 
_reflns_shell.percent_possible_all 
_reflns_shell.pdbx_ordinal 
_reflns_shell.pdbx_diffrn_id 
1.95 2.06  ? 3471 ? 0.222 3.2  0.222 ? 3.90 ? 883  58.30 1  1 
2.06 2.18  ? 4145 ? 0.116 5.8  0.116 ? 4.00 ? 1031 71.50 2  1 
2.18 2.33  ? 2491 ? 0.103 6.4  0.103 ? 3.90 ? 632  46.50 3  1 
2.33 2.52  ? 5052 ? 0.077 8.2  0.077 ? 4.00 ? 1256 99.80 4  1 
2.52 2.76  ? 3280 ? 0.058 10.7 0.058 ? 4.00 ? 823  69.80 5  1 
2.76 3.08  ? 4275 ? 0.043 13.7 0.043 ? 4.00 ? 1058 99.70 6  1 
3.08 3.56  ? 3245 ? 0.039 13.4 0.039 ? 4.00 ? 811  86.40 7  1 
3.56 4.36  ? 2349 ? 0.033 17.7 0.033 ? 3.90 ? 601  74.90 8  1 
4.36 6.17  ? 2501 ? 0.031 18.2 0.031 ? 3.90 ? 646  99.50 9  1 
6.17 36.47 ? 1190 ? 0.020 30.7 0.020 ? 3.50 ? 344  93.40 10 1 
# 
_refine.entry_id                                 2PN2 
_refine.ls_d_res_high                            1.950 
_refine.ls_d_res_low                             36.466 
_refine.pdbx_ls_sigma_F                          0.00 
_refine.ls_percent_reflns_obs                    76.250 
_refine.ls_number_reflns_obs                     8065 
_refine.pdbx_ls_cross_valid_method               THROUGHOUT 
_refine.pdbx_R_Free_selection_details            RANDOM 
_refine.details                                  
;1. HYDROGENS HAVE BEEN ADDED IN THE RIDING POSITIONS. 
2. A MET-INHIBITION PROTOCOL WAS USED FOR SELENOMETHIONINE 
INCORPORATION DURING PROTEIN EXPRESSION. THE OCCUPANCY OF THE 
SE ATOMS IN THE MSE RESIDUES WAS REDUCED TO 0.75 FOR THE 
REDUCED SCATTERING POWER DUE TO PARTIAL S-MET INCORPORATION. 
3. CL AND SO4 IONS FROM THE CRYSTALLIZATION SOLUTION ARE MODELED. 
4. ATOM RECORDS CONTAIN RESIDUAL B FACTORS ONLY. 
5. RESIDUES 132-136 ARE DISORDERED AND ARE NOT MODELED. 
6. THE RESOLUTION SHELLS CORRESPONDING TO ICE RINGS WERE REMOVED 
DURING THE INTEGRATION OF THE DATA. THIS RESULTED IN LOWER 
COMPLETENESS. 
7. THE NOMINAL RESOLUTION IS 2.15 A WITH 1570 OBSERVED REFLECTIONS 
BETWEEN 2.15-1.95 (59.8% COMPLETE FOR THIS SHELL) INCLUDED IN THE 
REFINEMENT.
;
_refine.ls_R_factor_all                          0.197 
_refine.ls_R_factor_R_work                       0.195 
_refine.ls_R_factor_R_free                       0.242 
_refine.ls_percent_reflns_R_free                 4.900 
_refine.ls_number_reflns_R_free                  393 
_refine.B_iso_mean                               35.711 
_refine.aniso_B[1][1]                            -1.320 
_refine.aniso_B[2][2]                            -2.550 
_refine.aniso_B[3][3]                            3.870 
_refine.aniso_B[1][2]                            0.000 
_refine.aniso_B[1][3]                            0.000 
_refine.aniso_B[2][3]                            0.000 
_refine.correlation_coeff_Fo_to_Fc               0.954 
_refine.correlation_coeff_Fo_to_Fc_free          0.931 
_refine.pdbx_overall_ESU_R                       0.252 
_refine.pdbx_overall_ESU_R_Free                  0.201 
_refine.overall_SU_ML                            0.111 
_refine.overall_SU_B                             7.676 
_refine.solvent_model_details                    'BABINET MODEL WITH MASK' 
_refine.pdbx_solvent_vdw_probe_radii             1.200 
_refine.pdbx_solvent_ion_probe_radii             0.800 
_refine.pdbx_solvent_shrinkage_radii             0.800 
_refine.pdbx_method_to_determine_struct          MAD 
_refine.pdbx_stereochemistry_target_values       'MAXIMUM LIKELIHOOD WITH PHASES' 
_refine.pdbx_ls_sigma_I                          ? 
_refine.ls_number_reflns_all                     ? 
_refine.ls_R_factor_obs                          0.197 
_refine.ls_redundancy_reflns_obs                 ? 
_refine.pdbx_data_cutoff_high_absF               ? 
_refine.pdbx_data_cutoff_low_absF                ? 
_refine.ls_number_parameters                     ? 
_refine.ls_number_restraints                     ? 
_refine.ls_R_factor_R_free_error                 ? 
_refine.ls_R_factor_R_free_error_details         ? 
_refine.pdbx_starting_model                      ? 
_refine.pdbx_stereochem_target_val_spec_case     ? 
_refine.solvent_model_param_bsol                 ? 
_refine.solvent_model_param_ksol                 ? 
_refine.occupancy_max                            ? 
_refine.occupancy_min                            ? 
_refine.pdbx_isotropic_thermal_model             ? 
_refine.B_iso_min                                ? 
_refine.B_iso_max                                ? 
_refine.overall_SU_R_Cruickshank_DPI             ? 
_refine.overall_SU_R_free                        ? 
_refine.pdbx_data_cutoff_high_rms_absF           ? 
_refine.ls_wR_factor_R_free                      ? 
_refine.ls_wR_factor_R_work                      ? 
_refine.overall_FOM_free_R_set                   ? 
_refine.overall_FOM_work_R_set                   ? 
_refine.pdbx_refine_id                           'X-RAY DIFFRACTION' 
_refine.pdbx_TLS_residual_ADP_flag               'LIKELY RESIDUAL' 
_refine.pdbx_diffrn_id                           1 
_refine.pdbx_overall_phase_error                 ? 
_refine.pdbx_overall_SU_R_free_Cruickshank_DPI   ? 
_refine.pdbx_overall_SU_R_Blow_DPI               ? 
_refine.pdbx_overall_SU_R_free_Blow_DPI          ? 
# 
_refine_hist.pdbx_refine_id                   'X-RAY DIFFRACTION' 
_refine_hist.cycle_id                         LAST 
_refine_hist.pdbx_number_atoms_protein        1030 
_refine_hist.pdbx_number_atoms_nucleic_acid   0 
_refine_hist.pdbx_number_atoms_ligand         7 
_refine_hist.number_atoms_solvent             66 
_refine_hist.number_atoms_total               1103 
_refine_hist.d_res_high                       1.950 
_refine_hist.d_res_low                        36.466 
# 
loop_
_refine_ls_restr.type 
_refine_ls_restr.number 
_refine_ls_restr.dev_ideal 
_refine_ls_restr.dev_ideal_target 
_refine_ls_restr.weight 
_refine_ls_restr.pdbx_refine_id 
_refine_ls_restr.pdbx_restraint_function 
r_bond_refined_d         1076 0.014  0.022  ? 'X-RAY DIFFRACTION' ? 
r_bond_other_d           689  0.003  0.020  ? 'X-RAY DIFFRACTION' ? 
r_angle_refined_deg      1471 1.631  1.959  ? 'X-RAY DIFFRACTION' ? 
r_angle_other_deg        1708 1.370  3.000  ? 'X-RAY DIFFRACTION' ? 
r_dihedral_angle_1_deg   144  3.999  5.000  ? 'X-RAY DIFFRACTION' ? 
r_dihedral_angle_2_deg   41   30.418 24.634 ? 'X-RAY DIFFRACTION' ? 
r_dihedral_angle_3_deg   184  10.358 15.000 ? 'X-RAY DIFFRACTION' ? 
r_dihedral_angle_4_deg   5    12.428 15.000 ? 'X-RAY DIFFRACTION' ? 
r_chiral_restr           184  0.099  0.200  ? 'X-RAY DIFFRACTION' ? 
r_gen_planes_refined     1189 0.006  0.020  ? 'X-RAY DIFFRACTION' ? 
r_gen_planes_other       200  0.002  0.020  ? 'X-RAY DIFFRACTION' ? 
r_nbd_refined            171  0.182  0.200  ? 'X-RAY DIFFRACTION' ? 
r_nbd_other              630  0.142  0.200  ? 'X-RAY DIFFRACTION' ? 
r_nbtor_refined          551  0.144  0.200  ? 'X-RAY DIFFRACTION' ? 
r_nbtor_other            527  0.069  0.200  ? 'X-RAY DIFFRACTION' ? 
r_xyhbond_nbd_refined    55   0.103  0.200  ? 'X-RAY DIFFRACTION' ? 
r_symmetry_vdw_refined   21   0.097  0.200  ? 'X-RAY DIFFRACTION' ? 
r_symmetry_vdw_other     69   0.137  0.200  ? 'X-RAY DIFFRACTION' ? 
r_symmetry_hbond_refined 17   0.093  0.200  ? 'X-RAY DIFFRACTION' ? 
r_mcbond_it              729  1.647  3.000  ? 'X-RAY DIFFRACTION' ? 
r_mcbond_other           278  0.390  3.000  ? 'X-RAY DIFFRACTION' ? 
r_mcangle_it             1136 2.576  5.000  ? 'X-RAY DIFFRACTION' ? 
r_scbond_it              397  4.331  8.000  ? 'X-RAY DIFFRACTION' ? 
r_scangle_it             331  6.269  11.000 ? 'X-RAY DIFFRACTION' ? 
# 
_refine_ls_shell.d_res_high                       1.950 
_refine_ls_shell.d_res_low                        2.001 
_refine_ls_shell.pdbx_total_number_of_bins_used   20 
_refine_ls_shell.percent_reflns_obs               98.540 
_refine_ls_shell.number_reflns_R_work             697 
_refine_ls_shell.R_factor_all                     ? 
_refine_ls_shell.R_factor_R_work                  0.250 
_refine_ls_shell.R_factor_R_free                  0.314 
_refine_ls_shell.percent_reflns_R_free            ? 
_refine_ls_shell.number_reflns_R_free             44 
_refine_ls_shell.R_factor_R_free_error            ? 
_refine_ls_shell.number_reflns_all                ? 
_refine_ls_shell.number_reflns_obs                741 
_refine_ls_shell.redundancy_reflns_obs            ? 
_refine_ls_shell.pdbx_refine_id                   'X-RAY DIFFRACTION' 
# 
_struct.entry_id                  2PN2 
_struct.title                     
;CRYSTAL STRUCTURE OF A PUTATIVE OSMOTIC STRESS INDUCED AND DETOXIFICATION RESPONSE PROTEIN (PSYC_0566) FROM PSYCHROBACTER ARCTICUS 273-4 AT 2.15 A RESOLUTION
;
_struct.pdbx_model_details        ? 
_struct.pdbx_CASP_flag            ? 
_struct.pdbx_model_type_details   ? 
# 
_struct_keywords.text            
;PUTATIVE OSMOTIC STRESS INDUCED AND DETOXIFICATION RESPONSE PROTEIN, STRUCTURAL GENOMICS, JOINT CENTER FOR STRUCTURAL GENOMICS, JCSG, PROTEIN STRUCTURE INITIATIVE, PSI-2, SIGNALING PROTEIN
;
_struct_keywords.pdbx_keywords   'SIGNALING PROTEIN' 
_struct_keywords.entry_id        2PN2 
# 
loop_
_struct_asym.id 
_struct_asym.pdbx_blank_PDB_chainid_flag 
_struct_asym.pdbx_modified 
_struct_asym.entity_id 
_struct_asym.details 
A N N 1 ? 
B N N 2 ? 
C N N 2 ? 
D N N 3 ? 
E N N 4 ? 
# 
_struct_ref.id                         1 
_struct_ref.db_name                    UNP 
_struct_ref.db_code                    Q4FU81_PSYAR 
_struct_ref.pdbx_db_accession          Q4FU81 
_struct_ref.entity_id                  1 
_struct_ref.pdbx_seq_one_letter_code   
;MTTSKVTYQGDLRTSAIHLQSNNEIITDAPVDNQGKGEAFSPTDLLATSLASCMLTIIGIKARDMEIDIAGTTAEVTKVM
AADPRRVSEVHIAITFNQELDDKTQKIFYNTALTCPVAKSIHPDIFQKVIIHSKSY
;
_struct_ref.pdbx_align_begin           1 
_struct_ref.pdbx_db_isoform            ? 
# 
_struct_ref_seq.align_id                      1 
_struct_ref_seq.ref_id                        1 
_struct_ref_seq.pdbx_PDB_id_code              2PN2 
_struct_ref_seq.pdbx_strand_id                A 
_struct_ref_seq.seq_align_beg                 20 
_struct_ref_seq.pdbx_seq_align_beg_ins_code   ? 
_struct_ref_seq.seq_align_end                 155 
_struct_ref_seq.pdbx_seq_align_end_ins_code   ? 
_struct_ref_seq.pdbx_db_accession             Q4FU81 
_struct_ref_seq.db_align_beg                  1 
_struct_ref_seq.pdbx_db_align_beg_ins_code    ? 
_struct_ref_seq.db_align_end                  136 
_struct_ref_seq.pdbx_db_align_end_ins_code    ? 
_struct_ref_seq.pdbx_auth_seq_align_beg       1 
_struct_ref_seq.pdbx_auth_seq_align_end       136 
# 
loop_
_struct_ref_seq_dif.align_id 
_struct_ref_seq_dif.pdbx_pdb_id_code 
_struct_ref_seq_dif.mon_id 
_struct_ref_seq_dif.pdbx_pdb_strand_id 
_struct_ref_seq_dif.seq_num 
_struct_ref_seq_dif.pdbx_pdb_ins_code 
_struct_ref_seq_dif.pdbx_seq_db_name 
_struct_ref_seq_dif.pdbx_seq_db_accession_code 
_struct_ref_seq_dif.db_mon_id 
_struct_ref_seq_dif.pdbx_seq_db_seq_num 
_struct_ref_seq_dif.details 
_struct_ref_seq_dif.pdbx_auth_seq_num 
_struct_ref_seq_dif.pdbx_ordinal 
1 2PN2 MSE A 1  ? UNP Q4FU81 ?   ?  'expression tag'   -18 1  
1 2PN2 GLY A 2  ? UNP Q4FU81 ?   ?  'expression tag'   -17 2  
1 2PN2 SER A 3  ? UNP Q4FU81 ?   ?  'expression tag'   -16 3  
1 2PN2 ASP A 4  ? UNP Q4FU81 ?   ?  'expression tag'   -15 4  
1 2PN2 LYS A 5  ? UNP Q4FU81 ?   ?  'expression tag'   -14 5  
1 2PN2 ILE A 6  ? UNP Q4FU81 ?   ?  'expression tag'   -13 6  
1 2PN2 HIS A 7  ? UNP Q4FU81 ?   ?  'expression tag'   -12 7  
1 2PN2 HIS A 8  ? UNP Q4FU81 ?   ?  'expression tag'   -11 8  
1 2PN2 HIS A 9  ? UNP Q4FU81 ?   ?  'expression tag'   -10 9  
1 2PN2 HIS A 10 ? UNP Q4FU81 ?   ?  'expression tag'   -9  10 
1 2PN2 HIS A 11 ? UNP Q4FU81 ?   ?  'expression tag'   -8  11 
1 2PN2 HIS A 12 ? UNP Q4FU81 ?   ?  'expression tag'   -7  12 
1 2PN2 GLU A 13 ? UNP Q4FU81 ?   ?  'expression tag'   -6  13 
1 2PN2 ASN A 14 ? UNP Q4FU81 ?   ?  'expression tag'   -5  14 
1 2PN2 LEU A 15 ? UNP Q4FU81 ?   ?  'expression tag'   -4  15 
1 2PN2 TYR A 16 ? UNP Q4FU81 ?   ?  'expression tag'   -3  16 
1 2PN2 PHE A 17 ? UNP Q4FU81 ?   ?  'expression tag'   -2  17 
1 2PN2 GLN A 18 ? UNP Q4FU81 ?   ?  'expression tag'   -1  18 
1 2PN2 GLY A 19 ? UNP Q4FU81 ?   ?  'expression tag'   0   19 
1 2PN2 MSE A 20 ? UNP Q4FU81 MET 1  'modified residue' 1   20 
1 2PN2 MSE A 73 ? UNP Q4FU81 MET 54 'modified residue' 54  21 
1 2PN2 MSE A 84 ? UNP Q4FU81 MET 65 'modified residue' 65  22 
1 2PN2 MSE A 99 ? UNP Q4FU81 MET 80 'modified residue' 80  23 
# 
_pdbx_struct_assembly.id                   1 
_pdbx_struct_assembly.details              author_and_software_defined_assembly 
_pdbx_struct_assembly.method_details       PISA,PQS 
_pdbx_struct_assembly.oligomeric_details   dimeric 
_pdbx_struct_assembly.oligomeric_count     2 
# 
loop_
_pdbx_struct_assembly_prop.biol_id 
_pdbx_struct_assembly_prop.type 
_pdbx_struct_assembly_prop.value 
_pdbx_struct_assembly_prop.details 
1 'ABSA (A^2)' 6800  ? 
1 MORE         -110  ? 
1 'SSA (A^2)'  12740 ? 
# 
_pdbx_struct_assembly_gen.assembly_id       1 
_pdbx_struct_assembly_gen.oper_expression   1,2 
_pdbx_struct_assembly_gen.asym_id_list      A,B,C,D,E 
# 
loop_
_pdbx_struct_assembly_auth_evidence.id 
_pdbx_struct_assembly_auth_evidence.assembly_id 
_pdbx_struct_assembly_auth_evidence.experimental_support 
_pdbx_struct_assembly_auth_evidence.details 
1 1 'gel filtration'   ? 
2 1 'light scattering' ? 
# 
loop_
_pdbx_struct_oper_list.id 
_pdbx_struct_oper_list.type 
_pdbx_struct_oper_list.name 
_pdbx_struct_oper_list.symmetry_operation 
_pdbx_struct_oper_list.matrix[1][1] 
_pdbx_struct_oper_list.matrix[1][2] 
_pdbx_struct_oper_list.matrix[1][3] 
_pdbx_struct_oper_list.vector[1] 
_pdbx_struct_oper_list.matrix[2][1] 
_pdbx_struct_oper_list.matrix[2][2] 
_pdbx_struct_oper_list.matrix[2][3] 
_pdbx_struct_oper_list.vector[2] 
_pdbx_struct_oper_list.matrix[3][1] 
_pdbx_struct_oper_list.matrix[3][2] 
_pdbx_struct_oper_list.matrix[3][3] 
_pdbx_struct_oper_list.vector[3] 
1 'identity operation'         1_555 x,y,z       1.0000000000  0.0000000000  0.0000000000  0.0000000000  0.0000000000  1.0000000000 0.0000000000 0.0000000000 0.0000000000  0.0000000000 1.0000000000  0.0000000000  
2 'crystal symmetry operation' 3_555 -x,y,-z+1/2 -0.9569902499 -0.2899841273 -0.0088807397 10.9986367714 -0.2899841273 0.9551565369 0.0598765059 1.6409245230 -0.0088807397 0.0598765059 -0.9981662870 -0.3145511286 
# 
_struct_biol.id        1 
_struct_biol.details   
;SIZE EXCLUSION CHROMATOGRAPHY WITH STATIC LIGHT SCATTERING SUPPORTS
THE ASSIGNMENT OF A DIMER AS THE SIGNIFICANT OLIGOMERIZATION STATE.
;
# 
loop_
_struct_conf.conf_type_id 
_struct_conf.id 
_struct_conf.pdbx_PDB_helix_id 
_struct_conf.beg_label_comp_id 
_struct_conf.beg_label_asym_id 
_struct_conf.beg_label_seq_id 
_struct_conf.pdbx_beg_PDB_ins_code 
_struct_conf.end_label_comp_id 
_struct_conf.end_label_asym_id 
_struct_conf.end_label_seq_id 
_struct_conf.pdbx_end_PDB_ins_code 
_struct_conf.beg_auth_comp_id 
_struct_conf.beg_auth_asym_id 
_struct_conf.beg_auth_seq_id 
_struct_conf.end_auth_comp_id 
_struct_conf.end_auth_asym_id 
_struct_conf.end_auth_seq_id 
_struct_conf.pdbx_PDB_helix_class 
_struct_conf.details 
_struct_conf.pdbx_PDB_helix_length 
HELX_P HELX_P1 1 PRO A 49  ? GLN A 53  ? PRO A 30  GLN A 34  5 ? 5  
HELX_P HELX_P2 2 SER A 60  ? MSE A 84  ? SER A 41  MSE A 65  1 ? 25 
HELX_P HELX_P3 3 ASP A 120 ? THR A 133 ? ASP A 101 THR A 114 1 ? 14 
# 
_struct_conf_type.id          HELX_P 
_struct_conf_type.criteria    ? 
_struct_conf_type.reference   ? 
# 
loop_
_struct_conn.id 
_struct_conn.conn_type_id 
_struct_conn.pdbx_leaving_atom_flag 
_struct_conn.pdbx_PDB_id 
_struct_conn.ptnr1_label_asym_id 
_struct_conn.ptnr1_label_comp_id 
_struct_conn.ptnr1_label_seq_id 
_struct_conn.ptnr1_label_atom_id 
_struct_conn.pdbx_ptnr1_label_alt_id 
_struct_conn.pdbx_ptnr1_PDB_ins_code 
_struct_conn.pdbx_ptnr1_standard_comp_id 
_struct_conn.ptnr1_symmetry 
_struct_conn.ptnr2_label_asym_id 
_struct_conn.ptnr2_label_comp_id 
_struct_conn.ptnr2_label_seq_id 
_struct_conn.ptnr2_label_atom_id 
_struct_conn.pdbx_ptnr2_label_alt_id 
_struct_conn.pdbx_ptnr2_PDB_ins_code 
_struct_conn.ptnr1_auth_asym_id 
_struct_conn.ptnr1_auth_comp_id 
_struct_conn.ptnr1_auth_seq_id 
_struct_conn.ptnr2_auth_asym_id 
_struct_conn.ptnr2_auth_comp_id 
_struct_conn.ptnr2_auth_seq_id 
_struct_conn.ptnr2_symmetry 
_struct_conn.pdbx_ptnr3_label_atom_id 
_struct_conn.pdbx_ptnr3_label_seq_id 
_struct_conn.pdbx_ptnr3_label_comp_id 
_struct_conn.pdbx_ptnr3_label_asym_id 
_struct_conn.pdbx_ptnr3_label_alt_id 
_struct_conn.pdbx_ptnr3_PDB_ins_code 
_struct_conn.details 
_struct_conn.pdbx_dist_value 
_struct_conn.pdbx_value_order 
_struct_conn.pdbx_role 
covale1 covale both ? A GLY 19 C ? ? ? 1_555 A MSE 20  N ? ? A GLY 0  A MSE 1  1_555 ? ? ? ? ? ? ? 1.337 ? ? 
covale2 covale both ? A MSE 20 C ? ? ? 1_555 A THR 21  N ? ? A MSE 1  A THR 2  1_555 ? ? ? ? ? ? ? 1.339 ? ? 
covale3 covale both ? A CYS 72 C ? ? ? 1_555 A MSE 73  N ? ? A CYS 53 A MSE 54 1_555 ? ? ? ? ? ? ? 1.334 ? ? 
covale4 covale both ? A MSE 73 C ? ? ? 1_555 A LEU 74  N ? ? A MSE 54 A LEU 55 1_555 ? ? ? ? ? ? ? 1.342 ? ? 
covale5 covale both ? A ASP 83 C ? ? ? 1_555 A MSE 84  N ? ? A ASP 64 A MSE 65 1_555 ? ? ? ? ? ? ? 1.330 ? ? 
covale6 covale both ? A MSE 84 C ? ? ? 1_555 A GLU 85  N ? ? A MSE 65 A GLU 66 1_555 ? ? ? ? ? ? ? 1.341 ? ? 
covale7 covale both ? A VAL 98 C ? ? ? 1_555 A MSE 99  N ? ? A VAL 79 A MSE 80 1_555 ? ? ? ? ? ? ? 1.331 ? ? 
covale8 covale both ? A MSE 99 C ? ? ? 1_555 A ALA 100 N ? ? A MSE 80 A ALA 81 1_555 ? ? ? ? ? ? ? 1.337 ? ? 
# 
_struct_conn_type.id          covale 
_struct_conn_type.criteria    ? 
_struct_conn_type.reference   ? 
# 
loop_
_pdbx_modification_feature.ordinal 
_pdbx_modification_feature.label_comp_id 
_pdbx_modification_feature.label_asym_id 
_pdbx_modification_feature.label_seq_id 
_pdbx_modification_feature.label_alt_id 
_pdbx_modification_feature.modified_residue_label_comp_id 
_pdbx_modification_feature.modified_residue_label_asym_id 
_pdbx_modification_feature.modified_residue_label_seq_id 
_pdbx_modification_feature.modified_residue_label_alt_id 
_pdbx_modification_feature.auth_comp_id 
_pdbx_modification_feature.auth_asym_id 
_pdbx_modification_feature.auth_seq_id 
_pdbx_modification_feature.PDB_ins_code 
_pdbx_modification_feature.symmetry 
_pdbx_modification_feature.modified_residue_auth_comp_id 
_pdbx_modification_feature.modified_residue_auth_asym_id 
_pdbx_modification_feature.modified_residue_auth_seq_id 
_pdbx_modification_feature.modified_residue_PDB_ins_code 
_pdbx_modification_feature.modified_residue_symmetry 
_pdbx_modification_feature.comp_id_linking_atom 
_pdbx_modification_feature.modified_residue_id_linking_atom 
_pdbx_modification_feature.modified_residue_id 
_pdbx_modification_feature.ref_pcm_id 
_pdbx_modification_feature.ref_comp_id 
_pdbx_modification_feature.type 
_pdbx_modification_feature.category 
1 MSE A 20 ? . . . . MSE A 1  ? 1_555 . . . . . . . MET 1 MSE Selenomethionine 'Named protein modification' 
2 MSE A 73 ? . . . . MSE A 54 ? 1_555 . . . . . . . MET 1 MSE Selenomethionine 'Named protein modification' 
3 MSE A 84 ? . . . . MSE A 65 ? 1_555 . . . . . . . MET 1 MSE Selenomethionine 'Named protein modification' 
4 MSE A 99 ? . . . . MSE A 80 ? 1_555 . . . . . . . MET 1 MSE Selenomethionine 'Named protein modification' 
# 
_struct_mon_prot_cis.pdbx_id                1 
_struct_mon_prot_cis.label_comp_id          ASP 
_struct_mon_prot_cis.label_seq_id           102 
_struct_mon_prot_cis.label_asym_id          A 
_struct_mon_prot_cis.label_alt_id           . 
_struct_mon_prot_cis.pdbx_PDB_ins_code      ? 
_struct_mon_prot_cis.auth_comp_id           ASP 
_struct_mon_prot_cis.auth_seq_id            83 
_struct_mon_prot_cis.auth_asym_id           A 
_struct_mon_prot_cis.pdbx_label_comp_id_2   PRO 
_struct_mon_prot_cis.pdbx_label_seq_id_2    103 
_struct_mon_prot_cis.pdbx_label_asym_id_2   A 
_struct_mon_prot_cis.pdbx_PDB_ins_code_2    ? 
_struct_mon_prot_cis.pdbx_auth_comp_id_2    PRO 
_struct_mon_prot_cis.pdbx_auth_seq_id_2     84 
_struct_mon_prot_cis.pdbx_auth_asym_id_2    A 
_struct_mon_prot_cis.pdbx_PDB_model_num     1 
_struct_mon_prot_cis.pdbx_omega_angle       -1.62 
# 
loop_
_struct_sheet.id 
_struct_sheet.type 
_struct_sheet.number_strands 
_struct_sheet.details 
A ? 3 ? 
B ? 3 ? 
# 
loop_
_struct_sheet_order.sheet_id 
_struct_sheet_order.range_id_1 
_struct_sheet_order.range_id_2 
_struct_sheet_order.offset 
_struct_sheet_order.sense 
A 1 2 ? anti-parallel 
A 2 3 ? anti-parallel 
B 1 2 ? anti-parallel 
B 2 3 ? parallel      
# 
loop_
_struct_sheet_range.sheet_id 
_struct_sheet_range.id 
_struct_sheet_range.beg_label_comp_id 
_struct_sheet_range.beg_label_asym_id 
_struct_sheet_range.beg_label_seq_id 
_struct_sheet_range.pdbx_beg_PDB_ins_code 
_struct_sheet_range.end_label_comp_id 
_struct_sheet_range.end_label_asym_id 
_struct_sheet_range.end_label_seq_id 
_struct_sheet_range.pdbx_end_PDB_ins_code 
_struct_sheet_range.beg_auth_comp_id 
_struct_sheet_range.beg_auth_asym_id 
_struct_sheet_range.beg_auth_seq_id 
_struct_sheet_range.end_auth_comp_id 
_struct_sheet_range.end_auth_asym_id 
_struct_sheet_range.end_auth_seq_id 
A 1 SER A 23  ? GLY A 29  ? SER A 4   GLY A 10  
A 2 ARG A 32  ? HIS A 37  ? ARG A 13  HIS A 18  
A 3 ASN A 42  ? ASP A 47  ? ASN A 23  ASP A 28  
B 1 THR A 92  ? ALA A 100 ? THR A 73  ALA A 81  
B 2 ARG A 105 ? THR A 114 ? ARG A 86  THR A 95  
B 3 PHE A 145 ? HIS A 151 ? PHE A 126 HIS A 132 
# 
loop_
_pdbx_struct_sheet_hbond.sheet_id 
_pdbx_struct_sheet_hbond.range_id_1 
_pdbx_struct_sheet_hbond.range_id_2 
_pdbx_struct_sheet_hbond.range_1_label_atom_id 
_pdbx_struct_sheet_hbond.range_1_label_comp_id 
_pdbx_struct_sheet_hbond.range_1_label_asym_id 
_pdbx_struct_sheet_hbond.range_1_label_seq_id 
_pdbx_struct_sheet_hbond.range_1_PDB_ins_code 
_pdbx_struct_sheet_hbond.range_1_auth_atom_id 
_pdbx_struct_sheet_hbond.range_1_auth_comp_id 
_pdbx_struct_sheet_hbond.range_1_auth_asym_id 
_pdbx_struct_sheet_hbond.range_1_auth_seq_id 
_pdbx_struct_sheet_hbond.range_2_label_atom_id 
_pdbx_struct_sheet_hbond.range_2_label_comp_id 
_pdbx_struct_sheet_hbond.range_2_label_asym_id 
_pdbx_struct_sheet_hbond.range_2_label_seq_id 
_pdbx_struct_sheet_hbond.range_2_PDB_ins_code 
_pdbx_struct_sheet_hbond.range_2_auth_atom_id 
_pdbx_struct_sheet_hbond.range_2_auth_comp_id 
_pdbx_struct_sheet_hbond.range_2_auth_asym_id 
_pdbx_struct_sheet_hbond.range_2_auth_seq_id 
A 1 2 N THR A 26  ? N THR A 7  O SER A 34  ? O SER A 15  
A 2 3 N ALA A 35  ? N ALA A 16 O ILE A 44  ? O ILE A 25  
B 1 2 N THR A 96  ? N THR A 77 O HIS A 110 ? O HIS A 91  
B 2 3 N ILE A 113 ? N ILE A 94 O HIS A 151 ? O HIS A 132 
# 
loop_
_struct_site.id 
_struct_site.pdbx_evidence_code 
_struct_site.pdbx_auth_asym_id 
_struct_site.pdbx_auth_comp_id 
_struct_site.pdbx_auth_seq_id 
_struct_site.pdbx_auth_ins_code 
_struct_site.pdbx_num_residues 
_struct_site.details 
AC1 Software A CL  137 ? 1 'BINDING SITE FOR RESIDUE CL A 137'  
AC2 Software A CL  138 ? 1 'BINDING SITE FOR RESIDUE CL A 138'  
AC3 Software A SO4 139 ? 7 'BINDING SITE FOR RESIDUE SO4 A 139' 
# 
loop_
_struct_site_gen.id 
_struct_site_gen.site_id 
_struct_site_gen.pdbx_num_res 
_struct_site_gen.label_comp_id 
_struct_site_gen.label_asym_id 
_struct_site_gen.label_seq_id 
_struct_site_gen.pdbx_auth_ins_code 
_struct_site_gen.auth_comp_id 
_struct_site_gen.auth_asym_id 
_struct_site_gen.auth_seq_id 
_struct_site_gen.label_atom_id 
_struct_site_gen.label_alt_id 
_struct_site_gen.symmetry 
_struct_site_gen.details 
1 AC1 1 ASP A 30  ? ASP A 11  . ? 1_555 ? 
2 AC2 1 ARG A 104 ? ARG A 85  . ? 1_555 ? 
3 AC3 7 PRO A 49  ? PRO A 30  . ? 1_555 ? 
4 AC3 7 SER A 60  ? SER A 41  . ? 1_555 ? 
5 AC3 7 PRO A 61  ? PRO A 42  . ? 1_555 ? 
6 AC3 7 THR A 62  ? THR A 43  . ? 1_555 ? 
7 AC3 7 LYS A 97  ? LYS A 78  . ? 1_555 ? 
8 AC3 7 ARG A 104 ? ARG A 85  . ? 1_555 ? 
9 AC3 7 HOH E .   ? HOH A 202 . ? 1_555 ? 
# 
_pdbx_entry_details.entry_id                   2PN2 
_pdbx_entry_details.compound_details           ? 
_pdbx_entry_details.source_details             ? 
_pdbx_entry_details.nonpolymer_details         ? 
_pdbx_entry_details.sequence_details           ? 
_pdbx_entry_details.has_ligand_of_interest     ? 
_pdbx_entry_details.has_protein_modification   Y 
# 
_pdbx_validate_torsion.id              1 
_pdbx_validate_torsion.PDB_model_num   1 
_pdbx_validate_torsion.auth_comp_id    GLU 
_pdbx_validate_torsion.auth_asym_id    A 
_pdbx_validate_torsion.auth_seq_id     38 
_pdbx_validate_torsion.PDB_ins_code    ? 
_pdbx_validate_torsion.label_alt_id    ? 
_pdbx_validate_torsion.phi             -107.06 
_pdbx_validate_torsion.psi             41.38 
# 
_pdbx_SG_project.project_name          'PSI, Protein Structure Initiative' 
_pdbx_SG_project.full_name_of_center   'Joint Center for Structural Genomics' 
_pdbx_SG_project.id                    1 
_pdbx_SG_project.initial_of_center     JCSG 
# 
loop_
_pdbx_struct_mod_residue.id 
_pdbx_struct_mod_residue.label_asym_id 
_pdbx_struct_mod_residue.label_comp_id 
_pdbx_struct_mod_residue.label_seq_id 
_pdbx_struct_mod_residue.auth_asym_id 
_pdbx_struct_mod_residue.auth_comp_id 
_pdbx_struct_mod_residue.auth_seq_id 
_pdbx_struct_mod_residue.PDB_ins_code 
_pdbx_struct_mod_residue.parent_comp_id 
_pdbx_struct_mod_residue.details 
1 A MSE 20 A MSE 1  ? MET SELENOMETHIONINE 
2 A MSE 73 A MSE 54 ? MET SELENOMETHIONINE 
3 A MSE 84 A MSE 65 ? MET SELENOMETHIONINE 
4 A MSE 99 A MSE 80 ? MET SELENOMETHIONINE 
# 
_pdbx_struct_special_symmetry.id              1 
_pdbx_struct_special_symmetry.PDB_model_num   1 
_pdbx_struct_special_symmetry.auth_asym_id    A 
_pdbx_struct_special_symmetry.auth_comp_id    HOH 
_pdbx_struct_special_symmetry.auth_seq_id     196 
_pdbx_struct_special_symmetry.PDB_ins_code    ? 
_pdbx_struct_special_symmetry.label_asym_id   E 
_pdbx_struct_special_symmetry.label_comp_id   HOH 
_pdbx_struct_special_symmetry.label_seq_id    . 
# 
_pdbx_refine_tls.id               1 
_pdbx_refine_tls.details          ? 
_pdbx_refine_tls.method           refined 
_pdbx_refine_tls.origin_x         -0.4028 
_pdbx_refine_tls.origin_y         -0.5339 
_pdbx_refine_tls.origin_z         0.4520 
_pdbx_refine_tls.T[1][1]          -0.1446 
_pdbx_refine_tls.T[2][2]          -0.1837 
_pdbx_refine_tls.T[3][3]          -0.2695 
_pdbx_refine_tls.T[1][2]          0.0328 
_pdbx_refine_tls.T[1][3]          -0.0238 
_pdbx_refine_tls.T[2][3]          0.0108 
_pdbx_refine_tls.L[1][1]          3.4840 
_pdbx_refine_tls.L[2][2]          2.3294 
_pdbx_refine_tls.L[3][3]          1.9751 
_pdbx_refine_tls.L[1][2]          0.8178 
_pdbx_refine_tls.L[1][3]          0.2593 
_pdbx_refine_tls.L[2][3]          -0.3524 
_pdbx_refine_tls.S[1][1]          -0.0303 
_pdbx_refine_tls.S[2][2]          0.1865 
_pdbx_refine_tls.S[3][3]          -0.1561 
_pdbx_refine_tls.S[1][2]          -0.0766 
_pdbx_refine_tls.S[1][3]          0.0961 
_pdbx_refine_tls.S[2][3]          0.1669 
_pdbx_refine_tls.S[2][1]          0.0123 
_pdbx_refine_tls.S[3][1]          -0.0974 
_pdbx_refine_tls.S[3][2]          -0.1670 
_pdbx_refine_tls.pdbx_refine_id   'X-RAY DIFFRACTION' 
# 
_pdbx_refine_tls_group.id                  1 
_pdbx_refine_tls_group.refine_tls_id       1 
_pdbx_refine_tls_group.beg_label_asym_id   A 
_pdbx_refine_tls_group.beg_label_seq_id    15 
_pdbx_refine_tls_group.end_label_asym_id   A 
_pdbx_refine_tls_group.end_label_seq_id    151 
_pdbx_refine_tls_group.selection           ALL 
_pdbx_refine_tls_group.beg_auth_asym_id    A 
_pdbx_refine_tls_group.beg_auth_seq_id     -4 
_pdbx_refine_tls_group.end_auth_asym_id    A 
_pdbx_refine_tls_group.end_auth_seq_id     132 
_pdbx_refine_tls_group.pdbx_refine_id      'X-RAY DIFFRACTION' 
_pdbx_refine_tls_group.selection_details   ? 
# 
_phasing.method   MAD 
# 
loop_
_pdbx_database_remark.id 
_pdbx_database_remark.text 
300 
;
BIOMOLECULE: 1
THIS ENTRY CONTAINS THE CRYSTALLOGRAPHIC ASYMMETRIC UNIT
WHICH CONSISTS OF 1 CHAINS. SEE REMARK 350 FOR
INFORMATION ON GENERATING THE BIOLOGICAL MOLECULE(S).
SIZE EXCLUSION CHROMATOGRAPHY WITH STATIC LIGHT SCATTERING
SUPPORTS THE ASSIGNMENT OF A DIMER AS THE SIGNIFICANT
OLIGOMERIZATION STATE.
;
999 
;
SEQUENCE
THE CONSTRUCT WAS EXPRESSED WITH A PURIFICATION TAG
MGSDKIHHHHHHENLYFQG.
;
# 
loop_
_pdbx_unobs_or_zero_occ_residues.id 
_pdbx_unobs_or_zero_occ_residues.PDB_model_num 
_pdbx_unobs_or_zero_occ_residues.polymer_flag 
_pdbx_unobs_or_zero_occ_residues.occupancy_flag 
_pdbx_unobs_or_zero_occ_residues.auth_asym_id 
_pdbx_unobs_or_zero_occ_residues.auth_comp_id 
_pdbx_unobs_or_zero_occ_residues.auth_seq_id 
_pdbx_unobs_or_zero_occ_residues.PDB_ins_code 
_pdbx_unobs_or_zero_occ_residues.label_asym_id 
_pdbx_unobs_or_zero_occ_residues.label_comp_id 
_pdbx_unobs_or_zero_occ_residues.label_seq_id 
1  1 Y 1 A MSE -18 ? A MSE 1   
2  1 Y 1 A GLY -17 ? A GLY 2   
3  1 Y 1 A SER -16 ? A SER 3   
4  1 Y 1 A ASP -15 ? A ASP 4   
5  1 Y 1 A LYS -14 ? A LYS 5   
6  1 Y 1 A ILE -13 ? A ILE 6   
7  1 Y 1 A HIS -12 ? A HIS 7   
8  1 Y 1 A HIS -11 ? A HIS 8   
9  1 Y 1 A HIS -10 ? A HIS 9   
10 1 Y 1 A HIS -9  ? A HIS 10  
11 1 Y 1 A HIS -8  ? A HIS 11  
12 1 Y 1 A HIS -7  ? A HIS 12  
13 1 Y 1 A GLU -6  ? A GLU 13  
14 1 Y 1 A ASN -5  ? A ASN 14  
15 1 Y 1 A SER 133 ? A SER 152 
16 1 Y 1 A LYS 134 ? A LYS 153 
17 1 Y 1 A SER 135 ? A SER 154 
18 1 Y 1 A TYR 136 ? A TYR 155 
# 
loop_
_chem_comp_atom.comp_id 
_chem_comp_atom.atom_id 
_chem_comp_atom.type_symbol 
_chem_comp_atom.pdbx_aromatic_flag 
_chem_comp_atom.pdbx_stereo_config 
_chem_comp_atom.pdbx_ordinal 
ALA N    N  N N 1   
ALA CA   C  N S 2   
ALA C    C  N N 3   
ALA O    O  N N 4   
ALA CB   C  N N 5   
ALA OXT  O  N N 6   
ALA H    H  N N 7   
ALA H2   H  N N 8   
ALA HA   H  N N 9   
ALA HB1  H  N N 10  
ALA HB2  H  N N 11  
ALA HB3  H  N N 12  
ALA HXT  H  N N 13  
ARG N    N  N N 14  
ARG CA   C  N S 15  
ARG C    C  N N 16  
ARG O    O  N N 17  
ARG CB   C  N N 18  
ARG CG   C  N N 19  
ARG CD   C  N N 20  
ARG NE   N  N N 21  
ARG CZ   C  N N 22  
ARG NH1  N  N N 23  
ARG NH2  N  N N 24  
ARG OXT  O  N N 25  
ARG H    H  N N 26  
ARG H2   H  N N 27  
ARG HA   H  N N 28  
ARG HB2  H  N N 29  
ARG HB3  H  N N 30  
ARG HG2  H  N N 31  
ARG HG3  H  N N 32  
ARG HD2  H  N N 33  
ARG HD3  H  N N 34  
ARG HE   H  N N 35  
ARG HH11 H  N N 36  
ARG HH12 H  N N 37  
ARG HH21 H  N N 38  
ARG HH22 H  N N 39  
ARG HXT  H  N N 40  
ASN N    N  N N 41  
ASN CA   C  N S 42  
ASN C    C  N N 43  
ASN O    O  N N 44  
ASN CB   C  N N 45  
ASN CG   C  N N 46  
ASN OD1  O  N N 47  
ASN ND2  N  N N 48  
ASN OXT  O  N N 49  
ASN H    H  N N 50  
ASN H2   H  N N 51  
ASN HA   H  N N 52  
ASN HB2  H  N N 53  
ASN HB3  H  N N 54  
ASN HD21 H  N N 55  
ASN HD22 H  N N 56  
ASN HXT  H  N N 57  
ASP N    N  N N 58  
ASP CA   C  N S 59  
ASP C    C  N N 60  
ASP O    O  N N 61  
ASP CB   C  N N 62  
ASP CG   C  N N 63  
ASP OD1  O  N N 64  
ASP OD2  O  N N 65  
ASP OXT  O  N N 66  
ASP H    H  N N 67  
ASP H2   H  N N 68  
ASP HA   H  N N 69  
ASP HB2  H  N N 70  
ASP HB3  H  N N 71  
ASP HD2  H  N N 72  
ASP HXT  H  N N 73  
CL  CL   CL N N 74  
CYS N    N  N N 75  
CYS CA   C  N R 76  
CYS C    C  N N 77  
CYS O    O  N N 78  
CYS CB   C  N N 79  
CYS SG   S  N N 80  
CYS OXT  O  N N 81  
CYS H    H  N N 82  
CYS H2   H  N N 83  
CYS HA   H  N N 84  
CYS HB2  H  N N 85  
CYS HB3  H  N N 86  
CYS HG   H  N N 87  
CYS HXT  H  N N 88  
GLN N    N  N N 89  
GLN CA   C  N S 90  
GLN C    C  N N 91  
GLN O    O  N N 92  
GLN CB   C  N N 93  
GLN CG   C  N N 94  
GLN CD   C  N N 95  
GLN OE1  O  N N 96  
GLN NE2  N  N N 97  
GLN OXT  O  N N 98  
GLN H    H  N N 99  
GLN H2   H  N N 100 
GLN HA   H  N N 101 
GLN HB2  H  N N 102 
GLN HB3  H  N N 103 
GLN HG2  H  N N 104 
GLN HG3  H  N N 105 
GLN HE21 H  N N 106 
GLN HE22 H  N N 107 
GLN HXT  H  N N 108 
GLU N    N  N N 109 
GLU CA   C  N S 110 
GLU C    C  N N 111 
GLU O    O  N N 112 
GLU CB   C  N N 113 
GLU CG   C  N N 114 
GLU CD   C  N N 115 
GLU OE1  O  N N 116 
GLU OE2  O  N N 117 
GLU OXT  O  N N 118 
GLU H    H  N N 119 
GLU H2   H  N N 120 
GLU HA   H  N N 121 
GLU HB2  H  N N 122 
GLU HB3  H  N N 123 
GLU HG2  H  N N 124 
GLU HG3  H  N N 125 
GLU HE2  H  N N 126 
GLU HXT  H  N N 127 
GLY N    N  N N 128 
GLY CA   C  N N 129 
GLY C    C  N N 130 
GLY O    O  N N 131 
GLY OXT  O  N N 132 
GLY H    H  N N 133 
GLY H2   H  N N 134 
GLY HA2  H  N N 135 
GLY HA3  H  N N 136 
GLY HXT  H  N N 137 
HIS N    N  N N 138 
HIS CA   C  N S 139 
HIS C    C  N N 140 
HIS O    O  N N 141 
HIS CB   C  N N 142 
HIS CG   C  Y N 143 
HIS ND1  N  Y N 144 
HIS CD2  C  Y N 145 
HIS CE1  C  Y N 146 
HIS NE2  N  Y N 147 
HIS OXT  O  N N 148 
HIS H    H  N N 149 
HIS H2   H  N N 150 
HIS HA   H  N N 151 
HIS HB2  H  N N 152 
HIS HB3  H  N N 153 
HIS HD1  H  N N 154 
HIS HD2  H  N N 155 
HIS HE1  H  N N 156 
HIS HE2  H  N N 157 
HIS HXT  H  N N 158 
HOH O    O  N N 159 
HOH H1   H  N N 160 
HOH H2   H  N N 161 
ILE N    N  N N 162 
ILE CA   C  N S 163 
ILE C    C  N N 164 
ILE O    O  N N 165 
ILE CB   C  N S 166 
ILE CG1  C  N N 167 
ILE CG2  C  N N 168 
ILE CD1  C  N N 169 
ILE OXT  O  N N 170 
ILE H    H  N N 171 
ILE H2   H  N N 172 
ILE HA   H  N N 173 
ILE HB   H  N N 174 
ILE HG12 H  N N 175 
ILE HG13 H  N N 176 
ILE HG21 H  N N 177 
ILE HG22 H  N N 178 
ILE HG23 H  N N 179 
ILE HD11 H  N N 180 
ILE HD12 H  N N 181 
ILE HD13 H  N N 182 
ILE HXT  H  N N 183 
LEU N    N  N N 184 
LEU CA   C  N S 185 
LEU C    C  N N 186 
LEU O    O  N N 187 
LEU CB   C  N N 188 
LEU CG   C  N N 189 
LEU CD1  C  N N 190 
LEU CD2  C  N N 191 
LEU OXT  O  N N 192 
LEU H    H  N N 193 
LEU H2   H  N N 194 
LEU HA   H  N N 195 
LEU HB2  H  N N 196 
LEU HB3  H  N N 197 
LEU HG   H  N N 198 
LEU HD11 H  N N 199 
LEU HD12 H  N N 200 
LEU HD13 H  N N 201 
LEU HD21 H  N N 202 
LEU HD22 H  N N 203 
LEU HD23 H  N N 204 
LEU HXT  H  N N 205 
LYS N    N  N N 206 
LYS CA   C  N S 207 
LYS C    C  N N 208 
LYS O    O  N N 209 
LYS CB   C  N N 210 
LYS CG   C  N N 211 
LYS CD   C  N N 212 
LYS CE   C  N N 213 
LYS NZ   N  N N 214 
LYS OXT  O  N N 215 
LYS H    H  N N 216 
LYS H2   H  N N 217 
LYS HA   H  N N 218 
LYS HB2  H  N N 219 
LYS HB3  H  N N 220 
LYS HG2  H  N N 221 
LYS HG3  H  N N 222 
LYS HD2  H  N N 223 
LYS HD3  H  N N 224 
LYS HE2  H  N N 225 
LYS HE3  H  N N 226 
LYS HZ1  H  N N 227 
LYS HZ2  H  N N 228 
LYS HZ3  H  N N 229 
LYS HXT  H  N N 230 
MET N    N  N N 231 
MET CA   C  N S 232 
MET C    C  N N 233 
MET O    O  N N 234 
MET CB   C  N N 235 
MET CG   C  N N 236 
MET SD   S  N N 237 
MET CE   C  N N 238 
MET OXT  O  N N 239 
MET H    H  N N 240 
MET H2   H  N N 241 
MET HA   H  N N 242 
MET HB2  H  N N 243 
MET HB3  H  N N 244 
MET HG2  H  N N 245 
MET HG3  H  N N 246 
MET HE1  H  N N 247 
MET HE2  H  N N 248 
MET HE3  H  N N 249 
MET HXT  H  N N 250 
MSE N    N  N N 251 
MSE CA   C  N S 252 
MSE C    C  N N 253 
MSE O    O  N N 254 
MSE OXT  O  N N 255 
MSE CB   C  N N 256 
MSE CG   C  N N 257 
MSE SE   SE N N 258 
MSE CE   C  N N 259 
MSE H    H  N N 260 
MSE H2   H  N N 261 
MSE HA   H  N N 262 
MSE HXT  H  N N 263 
MSE HB2  H  N N 264 
MSE HB3  H  N N 265 
MSE HG2  H  N N 266 
MSE HG3  H  N N 267 
MSE HE1  H  N N 268 
MSE HE2  H  N N 269 
MSE HE3  H  N N 270 
PHE N    N  N N 271 
PHE CA   C  N S 272 
PHE C    C  N N 273 
PHE O    O  N N 274 
PHE CB   C  N N 275 
PHE CG   C  Y N 276 
PHE CD1  C  Y N 277 
PHE CD2  C  Y N 278 
PHE CE1  C  Y N 279 
PHE CE2  C  Y N 280 
PHE CZ   C  Y N 281 
PHE OXT  O  N N 282 
PHE H    H  N N 283 
PHE H2   H  N N 284 
PHE HA   H  N N 285 
PHE HB2  H  N N 286 
PHE HB3  H  N N 287 
PHE HD1  H  N N 288 
PHE HD2  H  N N 289 
PHE HE1  H  N N 290 
PHE HE2  H  N N 291 
PHE HZ   H  N N 292 
PHE HXT  H  N N 293 
PRO N    N  N N 294 
PRO CA   C  N S 295 
PRO C    C  N N 296 
PRO O    O  N N 297 
PRO CB   C  N N 298 
PRO CG   C  N N 299 
PRO CD   C  N N 300 
PRO OXT  O  N N 301 
PRO H    H  N N 302 
PRO HA   H  N N 303 
PRO HB2  H  N N 304 
PRO HB3  H  N N 305 
PRO HG2  H  N N 306 
PRO HG3  H  N N 307 
PRO HD2  H  N N 308 
PRO HD3  H  N N 309 
PRO HXT  H  N N 310 
SER N    N  N N 311 
SER CA   C  N S 312 
SER C    C  N N 313 
SER O    O  N N 314 
SER CB   C  N N 315 
SER OG   O  N N 316 
SER OXT  O  N N 317 
SER H    H  N N 318 
SER H2   H  N N 319 
SER HA   H  N N 320 
SER HB2  H  N N 321 
SER HB3  H  N N 322 
SER HG   H  N N 323 
SER HXT  H  N N 324 
SO4 S    S  N N 325 
SO4 O1   O  N N 326 
SO4 O2   O  N N 327 
SO4 O3   O  N N 328 
SO4 O4   O  N N 329 
THR N    N  N N 330 
THR CA   C  N S 331 
THR C    C  N N 332 
THR O    O  N N 333 
THR CB   C  N R 334 
THR OG1  O  N N 335 
THR CG2  C  N N 336 
THR OXT  O  N N 337 
THR H    H  N N 338 
THR H2   H  N N 339 
THR HA   H  N N 340 
THR HB   H  N N 341 
THR HG1  H  N N 342 
THR HG21 H  N N 343 
THR HG22 H  N N 344 
THR HG23 H  N N 345 
THR HXT  H  N N 346 
TYR N    N  N N 347 
TYR CA   C  N S 348 
TYR C    C  N N 349 
TYR O    O  N N 350 
TYR CB   C  N N 351 
TYR CG   C  Y N 352 
TYR CD1  C  Y N 353 
TYR CD2  C  Y N 354 
TYR CE1  C  Y N 355 
TYR CE2  C  Y N 356 
TYR CZ   C  Y N 357 
TYR OH   O  N N 358 
TYR OXT  O  N N 359 
TYR H    H  N N 360 
TYR H2   H  N N 361 
TYR HA   H  N N 362 
TYR HB2  H  N N 363 
TYR HB3  H  N N 364 
TYR HD1  H  N N 365 
TYR HD2  H  N N 366 
TYR HE1  H  N N 367 
TYR HE2  H  N N 368 
TYR HH   H  N N 369 
TYR HXT  H  N N 370 
VAL N    N  N N 371 
VAL CA   C  N S 372 
VAL C    C  N N 373 
VAL O    O  N N 374 
VAL CB   C  N N 375 
VAL CG1  C  N N 376 
VAL CG2  C  N N 377 
VAL OXT  O  N N 378 
VAL H    H  N N 379 
VAL H2   H  N N 380 
VAL HA   H  N N 381 
VAL HB   H  N N 382 
VAL HG11 H  N N 383 
VAL HG12 H  N N 384 
VAL HG13 H  N N 385 
VAL HG21 H  N N 386 
VAL HG22 H  N N 387 
VAL HG23 H  N N 388 
VAL HXT  H  N N 389 
# 
loop_
_chem_comp_bond.comp_id 
_chem_comp_bond.atom_id_1 
_chem_comp_bond.atom_id_2 
_chem_comp_bond.value_order 
_chem_comp_bond.pdbx_aromatic_flag 
_chem_comp_bond.pdbx_stereo_config 
_chem_comp_bond.pdbx_ordinal 
ALA N   CA   sing N N 1   
ALA N   H    sing N N 2   
ALA N   H2   sing N N 3   
ALA CA  C    sing N N 4   
ALA CA  CB   sing N N 5   
ALA CA  HA   sing N N 6   
ALA C   O    doub N N 7   
ALA C   OXT  sing N N 8   
ALA CB  HB1  sing N N 9   
ALA CB  HB2  sing N N 10  
ALA CB  HB3  sing N N 11  
ALA OXT HXT  sing N N 12  
ARG N   CA   sing N N 13  
ARG N   H    sing N N 14  
ARG N   H2   sing N N 15  
ARG CA  C    sing N N 16  
ARG CA  CB   sing N N 17  
ARG CA  HA   sing N N 18  
ARG C   O    doub N N 19  
ARG C   OXT  sing N N 20  
ARG CB  CG   sing N N 21  
ARG CB  HB2  sing N N 22  
ARG CB  HB3  sing N N 23  
ARG CG  CD   sing N N 24  
ARG CG  HG2  sing N N 25  
ARG CG  HG3  sing N N 26  
ARG CD  NE   sing N N 27  
ARG CD  HD2  sing N N 28  
ARG CD  HD3  sing N N 29  
ARG NE  CZ   sing N N 30  
ARG NE  HE   sing N N 31  
ARG CZ  NH1  sing N N 32  
ARG CZ  NH2  doub N N 33  
ARG NH1 HH11 sing N N 34  
ARG NH1 HH12 sing N N 35  
ARG NH2 HH21 sing N N 36  
ARG NH2 HH22 sing N N 37  
ARG OXT HXT  sing N N 38  
ASN N   CA   sing N N 39  
ASN N   H    sing N N 40  
ASN N   H2   sing N N 41  
ASN CA  C    sing N N 42  
ASN CA  CB   sing N N 43  
ASN CA  HA   sing N N 44  
ASN C   O    doub N N 45  
ASN C   OXT  sing N N 46  
ASN CB  CG   sing N N 47  
ASN CB  HB2  sing N N 48  
ASN CB  HB3  sing N N 49  
ASN CG  OD1  doub N N 50  
ASN CG  ND2  sing N N 51  
ASN ND2 HD21 sing N N 52  
ASN ND2 HD22 sing N N 53  
ASN OXT HXT  sing N N 54  
ASP N   CA   sing N N 55  
ASP N   H    sing N N 56  
ASP N   H2   sing N N 57  
ASP CA  C    sing N N 58  
ASP CA  CB   sing N N 59  
ASP CA  HA   sing N N 60  
ASP C   O    doub N N 61  
ASP C   OXT  sing N N 62  
ASP CB  CG   sing N N 63  
ASP CB  HB2  sing N N 64  
ASP CB  HB3  sing N N 65  
ASP CG  OD1  doub N N 66  
ASP CG  OD2  sing N N 67  
ASP OD2 HD2  sing N N 68  
ASP OXT HXT  sing N N 69  
CYS N   CA   sing N N 70  
CYS N   H    sing N N 71  
CYS N   H2   sing N N 72  
CYS CA  C    sing N N 73  
CYS CA  CB   sing N N 74  
CYS CA  HA   sing N N 75  
CYS C   O    doub N N 76  
CYS C   OXT  sing N N 77  
CYS CB  SG   sing N N 78  
CYS CB  HB2  sing N N 79  
CYS CB  HB3  sing N N 80  
CYS SG  HG   sing N N 81  
CYS OXT HXT  sing N N 82  
GLN N   CA   sing N N 83  
GLN N   H    sing N N 84  
GLN N   H2   sing N N 85  
GLN CA  C    sing N N 86  
GLN CA  CB   sing N N 87  
GLN CA  HA   sing N N 88  
GLN C   O    doub N N 89  
GLN C   OXT  sing N N 90  
GLN CB  CG   sing N N 91  
GLN CB  HB2  sing N N 92  
GLN CB  HB3  sing N N 93  
GLN CG  CD   sing N N 94  
GLN CG  HG2  sing N N 95  
GLN CG  HG3  sing N N 96  
GLN CD  OE1  doub N N 97  
GLN CD  NE2  sing N N 98  
GLN NE2 HE21 sing N N 99  
GLN NE2 HE22 sing N N 100 
GLN OXT HXT  sing N N 101 
GLU N   CA   sing N N 102 
GLU N   H    sing N N 103 
GLU N   H2   sing N N 104 
GLU CA  C    sing N N 105 
GLU CA  CB   sing N N 106 
GLU CA  HA   sing N N 107 
GLU C   O    doub N N 108 
GLU C   OXT  sing N N 109 
GLU CB  CG   sing N N 110 
GLU CB  HB2  sing N N 111 
GLU CB  HB3  sing N N 112 
GLU CG  CD   sing N N 113 
GLU CG  HG2  sing N N 114 
GLU CG  HG3  sing N N 115 
GLU CD  OE1  doub N N 116 
GLU CD  OE2  sing N N 117 
GLU OE2 HE2  sing N N 118 
GLU OXT HXT  sing N N 119 
GLY N   CA   sing N N 120 
GLY N   H    sing N N 121 
GLY N   H2   sing N N 122 
GLY CA  C    sing N N 123 
GLY CA  HA2  sing N N 124 
GLY CA  HA3  sing N N 125 
GLY C   O    doub N N 126 
GLY C   OXT  sing N N 127 
GLY OXT HXT  sing N N 128 
HIS N   CA   sing N N 129 
HIS N   H    sing N N 130 
HIS N   H2   sing N N 131 
HIS CA  C    sing N N 132 
HIS CA  CB   sing N N 133 
HIS CA  HA   sing N N 134 
HIS C   O    doub N N 135 
HIS C   OXT  sing N N 136 
HIS CB  CG   sing N N 137 
HIS CB  HB2  sing N N 138 
HIS CB  HB3  sing N N 139 
HIS CG  ND1  sing Y N 140 
HIS CG  CD2  doub Y N 141 
HIS ND1 CE1  doub Y N 142 
HIS ND1 HD1  sing N N 143 
HIS CD2 NE2  sing Y N 144 
HIS CD2 HD2  sing N N 145 
HIS CE1 NE2  sing Y N 146 
HIS CE1 HE1  sing N N 147 
HIS NE2 HE2  sing N N 148 
HIS OXT HXT  sing N N 149 
HOH O   H1   sing N N 150 
HOH O   H2   sing N N 151 
ILE N   CA   sing N N 152 
ILE N   H    sing N N 153 
ILE N   H2   sing N N 154 
ILE CA  C    sing N N 155 
ILE CA  CB   sing N N 156 
ILE CA  HA   sing N N 157 
ILE C   O    doub N N 158 
ILE C   OXT  sing N N 159 
ILE CB  CG1  sing N N 160 
ILE CB  CG2  sing N N 161 
ILE CB  HB   sing N N 162 
ILE CG1 CD1  sing N N 163 
ILE CG1 HG12 sing N N 164 
ILE CG1 HG13 sing N N 165 
ILE CG2 HG21 sing N N 166 
ILE CG2 HG22 sing N N 167 
ILE CG2 HG23 sing N N 168 
ILE CD1 HD11 sing N N 169 
ILE CD1 HD12 sing N N 170 
ILE CD1 HD13 sing N N 171 
ILE OXT HXT  sing N N 172 
LEU N   CA   sing N N 173 
LEU N   H    sing N N 174 
LEU N   H2   sing N N 175 
LEU CA  C    sing N N 176 
LEU CA  CB   sing N N 177 
LEU CA  HA   sing N N 178 
LEU C   O    doub N N 179 
LEU C   OXT  sing N N 180 
LEU CB  CG   sing N N 181 
LEU CB  HB2  sing N N 182 
LEU CB  HB3  sing N N 183 
LEU CG  CD1  sing N N 184 
LEU CG  CD2  sing N N 185 
LEU CG  HG   sing N N 186 
LEU CD1 HD11 sing N N 187 
LEU CD1 HD12 sing N N 188 
LEU CD1 HD13 sing N N 189 
LEU CD2 HD21 sing N N 190 
LEU CD2 HD22 sing N N 191 
LEU CD2 HD23 sing N N 192 
LEU OXT HXT  sing N N 193 
LYS N   CA   sing N N 194 
LYS N   H    sing N N 195 
LYS N   H2   sing N N 196 
LYS CA  C    sing N N 197 
LYS CA  CB   sing N N 198 
LYS CA  HA   sing N N 199 
LYS C   O    doub N N 200 
LYS C   OXT  sing N N 201 
LYS CB  CG   sing N N 202 
LYS CB  HB2  sing N N 203 
LYS CB  HB3  sing N N 204 
LYS CG  CD   sing N N 205 
LYS CG  HG2  sing N N 206 
LYS CG  HG3  sing N N 207 
LYS CD  CE   sing N N 208 
LYS CD  HD2  sing N N 209 
LYS CD  HD3  sing N N 210 
LYS CE  NZ   sing N N 211 
LYS CE  HE2  sing N N 212 
LYS CE  HE3  sing N N 213 
LYS NZ  HZ1  sing N N 214 
LYS NZ  HZ2  sing N N 215 
LYS NZ  HZ3  sing N N 216 
LYS OXT HXT  sing N N 217 
MET N   CA   sing N N 218 
MET N   H    sing N N 219 
MET N   H2   sing N N 220 
MET CA  C    sing N N 221 
MET CA  CB   sing N N 222 
MET CA  HA   sing N N 223 
MET C   O    doub N N 224 
MET C   OXT  sing N N 225 
MET CB  CG   sing N N 226 
MET CB  HB2  sing N N 227 
MET CB  HB3  sing N N 228 
MET CG  SD   sing N N 229 
MET CG  HG2  sing N N 230 
MET CG  HG3  sing N N 231 
MET SD  CE   sing N N 232 
MET CE  HE1  sing N N 233 
MET CE  HE2  sing N N 234 
MET CE  HE3  sing N N 235 
MET OXT HXT  sing N N 236 
MSE N   CA   sing N N 237 
MSE N   H    sing N N 238 
MSE N   H2   sing N N 239 
MSE CA  C    sing N N 240 
MSE CA  CB   sing N N 241 
MSE CA  HA   sing N N 242 
MSE C   O    doub N N 243 
MSE C   OXT  sing N N 244 
MSE OXT HXT  sing N N 245 
MSE CB  CG   sing N N 246 
MSE CB  HB2  sing N N 247 
MSE CB  HB3  sing N N 248 
MSE CG  SE   sing N N 249 
MSE CG  HG2  sing N N 250 
MSE CG  HG3  sing N N 251 
MSE SE  CE   sing N N 252 
MSE CE  HE1  sing N N 253 
MSE CE  HE2  sing N N 254 
MSE CE  HE3  sing N N 255 
PHE N   CA   sing N N 256 
PHE N   H    sing N N 257 
PHE N   H2   sing N N 258 
PHE CA  C    sing N N 259 
PHE CA  CB   sing N N 260 
PHE CA  HA   sing N N 261 
PHE C   O    doub N N 262 
PHE C   OXT  sing N N 263 
PHE CB  CG   sing N N 264 
PHE CB  HB2  sing N N 265 
PHE CB  HB3  sing N N 266 
PHE CG  CD1  doub Y N 267 
PHE CG  CD2  sing Y N 268 
PHE CD1 CE1  sing Y N 269 
PHE CD1 HD1  sing N N 270 
PHE CD2 CE2  doub Y N 271 
PHE CD2 HD2  sing N N 272 
PHE CE1 CZ   doub Y N 273 
PHE CE1 HE1  sing N N 274 
PHE CE2 CZ   sing Y N 275 
PHE CE2 HE2  sing N N 276 
PHE CZ  HZ   sing N N 277 
PHE OXT HXT  sing N N 278 
PRO N   CA   sing N N 279 
PRO N   CD   sing N N 280 
PRO N   H    sing N N 281 
PRO CA  C    sing N N 282 
PRO CA  CB   sing N N 283 
PRO CA  HA   sing N N 284 
PRO C   O    doub N N 285 
PRO C   OXT  sing N N 286 
PRO CB  CG   sing N N 287 
PRO CB  HB2  sing N N 288 
PRO CB  HB3  sing N N 289 
PRO CG  CD   sing N N 290 
PRO CG  HG2  sing N N 291 
PRO CG  HG3  sing N N 292 
PRO CD  HD2  sing N N 293 
PRO CD  HD3  sing N N 294 
PRO OXT HXT  sing N N 295 
SER N   CA   sing N N 296 
SER N   H    sing N N 297 
SER N   H2   sing N N 298 
SER CA  C    sing N N 299 
SER CA  CB   sing N N 300 
SER CA  HA   sing N N 301 
SER C   O    doub N N 302 
SER C   OXT  sing N N 303 
SER CB  OG   sing N N 304 
SER CB  HB2  sing N N 305 
SER CB  HB3  sing N N 306 
SER OG  HG   sing N N 307 
SER OXT HXT  sing N N 308 
SO4 S   O1   doub N N 309 
SO4 S   O2   doub N N 310 
SO4 S   O3   sing N N 311 
SO4 S   O4   sing N N 312 
THR N   CA   sing N N 313 
THR N   H    sing N N 314 
THR N   H2   sing N N 315 
THR CA  C    sing N N 316 
THR CA  CB   sing N N 317 
THR CA  HA   sing N N 318 
THR C   O    doub N N 319 
THR C   OXT  sing N N 320 
THR CB  OG1  sing N N 321 
THR CB  CG2  sing N N 322 
THR CB  HB   sing N N 323 
THR OG1 HG1  sing N N 324 
THR CG2 HG21 sing N N 325 
THR CG2 HG22 sing N N 326 
THR CG2 HG23 sing N N 327 
THR OXT HXT  sing N N 328 
TYR N   CA   sing N N 329 
TYR N   H    sing N N 330 
TYR N   H2   sing N N 331 
TYR CA  C    sing N N 332 
TYR CA  CB   sing N N 333 
TYR CA  HA   sing N N 334 
TYR C   O    doub N N 335 
TYR C   OXT  sing N N 336 
TYR CB  CG   sing N N 337 
TYR CB  HB2  sing N N 338 
TYR CB  HB3  sing N N 339 
TYR CG  CD1  doub Y N 340 
TYR CG  CD2  sing Y N 341 
TYR CD1 CE1  sing Y N 342 
TYR CD1 HD1  sing N N 343 
TYR CD2 CE2  doub Y N 344 
TYR CD2 HD2  sing N N 345 
TYR CE1 CZ   doub Y N 346 
TYR CE1 HE1  sing N N 347 
TYR CE2 CZ   sing Y N 348 
TYR CE2 HE2  sing N N 349 
TYR CZ  OH   sing N N 350 
TYR OH  HH   sing N N 351 
TYR OXT HXT  sing N N 352 
VAL N   CA   sing N N 353 
VAL N   H    sing N N 354 
VAL N   H2   sing N N 355 
VAL CA  C    sing N N 356 
VAL CA  CB   sing N N 357 
VAL CA  HA   sing N N 358 
VAL C   O    doub N N 359 
VAL C   OXT  sing N N 360 
VAL CB  CG1  sing N N 361 
VAL CB  CG2  sing N N 362 
VAL CB  HB   sing N N 363 
VAL CG1 HG11 sing N N 364 
VAL CG1 HG12 sing N N 365 
VAL CG1 HG13 sing N N 366 
VAL CG2 HG21 sing N N 367 
VAL CG2 HG22 sing N N 368 
VAL CG2 HG23 sing N N 369 
VAL OXT HXT  sing N N 370 
# 
_atom_sites.entry_id                    2PN2 
_atom_sites.fract_transf_matrix[1][1]   -0.01736853 
_atom_sites.fract_transf_matrix[1][2]   -0.00293567 
_atom_sites.fract_transf_matrix[1][3]   0.01174245 
_atom_sites.fract_transf_matrix[2][1]   0.00255456 
_atom_sites.fract_transf_matrix[2][2]   -0.01722360 
_atom_sites.fract_transf_matrix[2][3]   -0.00052747 
_atom_sites.fract_transf_matrix[3][1]   0.00534383 
_atom_sites.fract_transf_matrix[3][2]   0.00054634 
_atom_sites.fract_transf_matrix[3][3]   0.00804077 
_atom_sites.fract_transf_vector[1]      0.099770 
_atom_sites.fract_transf_vector[2]      -0.042071 
_atom_sites.fract_transf_vector[3]      0.221394 
# 
loop_
_atom_type.symbol 
C  
CL 
N  
O  
S  
SE 
# 
loop_
_atom_site.group_PDB 
_atom_site.id 
_atom_site.type_symbol 
_atom_site.label_atom_id 
_atom_site.label_alt_id 
_atom_site.label_comp_id 
_atom_site.label_asym_id 
_atom_site.label_entity_id 
_atom_site.label_seq_id 
_atom_site.pdbx_PDB_ins_code 
_atom_site.Cartn_x 
_atom_site.Cartn_y 
_atom_site.Cartn_z 
_atom_site.occupancy 
_atom_site.B_iso_or_equiv 
_atom_site.pdbx_formal_charge 
_atom_site.auth_seq_id 
_atom_site.auth_comp_id 
_atom_site.auth_asym_id 
_atom_site.auth_atom_id 
_atom_site.pdbx_PDB_model_num 
ATOM   1    N  N   . LEU A 1 15  ? 22.203  -9.070  -19.981 1.00 66.71  ? -4  LEU A N   1 
ATOM   2    C  CA  . LEU A 1 15  ? 21.724  -7.938  -20.825 1.00 66.27  ? -4  LEU A CA  1 
ATOM   3    C  C   . LEU A 1 15  ? 22.294  -6.583  -20.338 1.00 65.12  ? -4  LEU A C   1 
ATOM   4    O  O   . LEU A 1 15  ? 22.202  -6.227  -19.156 1.00 62.24  ? -4  LEU A O   1 
ATOM   5    C  CB  . LEU A 1 15  ? 20.189  -7.944  -20.925 1.00 67.53  ? -4  LEU A CB  1 
ATOM   6    C  CG  . LEU A 1 15  ? 19.467  -6.795  -21.655 1.00 67.21  ? -4  LEU A CG  1 
ATOM   7    C  CD1 . LEU A 1 15  ? 18.252  -7.281  -22.477 1.00 68.42  ? -4  LEU A CD1 1 
ATOM   8    C  CD2 . LEU A 1 15  ? 19.067  -5.697  -20.674 1.00 63.92  ? -4  LEU A CD2 1 
ATOM   9    N  N   . TYR A 1 16  ? 22.827  -5.833  -21.302 1.00 63.78  ? -3  TYR A N   1 
ATOM   10   C  CA  . TYR A 1 16  ? 23.551  -4.548  -21.101 1.00 63.65  ? -3  TYR A CA  1 
ATOM   11   C  C   . TYR A 1 16  ? 22.698  -3.292  -20.858 1.00 64.13  ? -3  TYR A C   1 
ATOM   12   O  O   . TYR A 1 16  ? 23.240  -2.279  -20.408 1.00 63.92  ? -3  TYR A O   1 
ATOM   13   C  CB  . TYR A 1 16  ? 24.554  -4.285  -22.266 1.00 63.14  ? -3  TYR A CB  1 
ATOM   14   C  CG  . TYR A 1 16  ? 24.048  -4.708  -23.635 1.00 62.63  ? -3  TYR A CG  1 
ATOM   15   C  CD1 . TYR A 1 16  ? 23.140  -3.916  -24.358 1.00 63.47  ? -3  TYR A CD1 1 
ATOM   16   C  CD2 . TYR A 1 16  ? 24.434  -5.946  -24.185 1.00 64.32  ? -3  TYR A CD2 1 
ATOM   17   C  CE1 . TYR A 1 16  ? 22.650  -4.339  -25.618 1.00 62.61  ? -3  TYR A CE1 1 
ATOM   18   C  CE2 . TYR A 1 16  ? 23.952  -6.375  -25.429 1.00 62.81  ? -3  TYR A CE2 1 
ATOM   19   C  CZ  . TYR A 1 16  ? 23.069  -5.569  -26.142 1.00 63.30  ? -3  TYR A CZ  1 
ATOM   20   O  OH  . TYR A 1 16  ? 22.615  -6.015  -27.354 1.00 62.78  ? -3  TYR A OH  1 
ATOM   21   N  N   . PHE A 1 17  ? 21.397  -3.347  -21.168 1.00 64.34  ? -2  PHE A N   1 
ATOM   22   C  CA  . PHE A 1 17  ? 20.485  -2.206  -20.977 1.00 64.19  ? -2  PHE A CA  1 
ATOM   23   C  C   . PHE A 1 17  ? 19.951  -2.070  -19.542 1.00 64.48  ? -2  PHE A C   1 
ATOM   24   O  O   . PHE A 1 17  ? 19.524  -3.064  -18.942 1.00 63.49  ? -2  PHE A O   1 
ATOM   25   C  CB  . PHE A 1 17  ? 19.300  -2.265  -21.963 1.00 64.55  ? -2  PHE A CB  1 
ATOM   26   C  CG  . PHE A 1 17  ? 18.407  -1.038  -21.929 1.00 64.06  ? -2  PHE A CG  1 
ATOM   27   C  CD1 . PHE A 1 17  ? 18.775  0.131   -22.612 1.00 64.86  ? -2  PHE A CD1 1 
ATOM   28   C  CD2 . PHE A 1 17  ? 17.203  -1.045  -21.211 1.00 66.19  ? -2  PHE A CD2 1 
ATOM   29   C  CE1 . PHE A 1 17  ? 17.955  1.280   -22.581 1.00 64.88  ? -2  PHE A CE1 1 
ATOM   30   C  CE2 . PHE A 1 17  ? 16.372  0.095   -21.172 1.00 63.86  ? -2  PHE A CE2 1 
ATOM   31   C  CZ  . PHE A 1 17  ? 16.749  1.259   -21.859 1.00 65.20  ? -2  PHE A CZ  1 
ATOM   32   N  N   . GLN A 1 18  ? 19.987  -0.839  -19.010 1.00 65.56  ? -1  GLN A N   1 
ATOM   33   C  CA  . GLN A 1 18  ? 19.392  -0.495  -17.698 1.00 66.05  ? -1  GLN A CA  1 
ATOM   34   C  C   . GLN A 1 18  ? 18.296  0.546   -17.976 1.00 65.91  ? -1  GLN A C   1 
ATOM   35   O  O   . GLN A 1 18  ? 18.550  1.568   -18.639 1.00 64.23  ? -1  GLN A O   1 
ATOM   36   C  CB  . GLN A 1 18  ? 20.418  0.036   -16.694 1.00 66.72  ? -1  GLN A CB  1 
ATOM   37   C  CG  . GLN A 1 18  ? 21.613  -0.905  -16.446 1.00 66.48  ? -1  GLN A CG  1 
ATOM   38   C  CD  . GLN A 1 18  ? 22.569  -0.424  -15.343 1.00 67.80  ? -1  GLN A CD  1 
ATOM   39   O  OE1 . GLN A 1 18  ? 22.548  0.743   -14.920 1.00 64.82  ? -1  GLN A OE1 1 
ATOM   40   N  NE2 . GLN A 1 18  ? 23.424  -1.332  -14.883 1.00 70.45  ? -1  GLN A NE2 1 
ATOM   41   N  N   . GLY A 1 19  ? 17.091  0.275   -17.469 1.00 65.96  ? 0   GLY A N   1 
ATOM   42   C  CA  . GLY A 1 19  ? 15.906  1.092   -17.725 1.00 65.83  ? 0   GLY A CA  1 
ATOM   43   C  C   . GLY A 1 19  ? 15.741  2.415   -17.003 1.00 65.89  ? 0   GLY A C   1 
ATOM   44   O  O   . GLY A 1 19  ? 16.635  2.877   -16.279 1.00 65.04  ? 0   GLY A O   1 
HETATM 45   N  N   . MSE A 1 20  ? 14.555  2.997   -17.211 1.00 65.80  ? 1   MSE A N   1 
HETATM 46   C  CA  . MSE A 1 20  ? 14.151  4.296   -16.655 1.00 66.01  ? 1   MSE A CA  1 
HETATM 47   C  C   . MSE A 1 20  ? 13.981  4.203   -15.134 1.00 62.00  ? 1   MSE A C   1 
HETATM 48   O  O   . MSE A 1 20  ? 13.299  3.292   -14.651 1.00 61.39  ? 1   MSE A O   1 
HETATM 49   C  CB  . MSE A 1 20  ? 12.812  4.727   -17.289 1.00 68.12  ? 1   MSE A CB  1 
HETATM 50   C  CG  . MSE A 1 20  ? 12.371  6.176   -17.080 1.00 76.90  ? 1   MSE A CG  1 
HETATM 51   SE SE  . MSE A 1 20  ? 13.331  7.474   -18.197 0.75 100.54 ? 1   MSE A SE  1 
HETATM 52   C  CE  . MSE A 1 20  ? 14.984  7.702   -17.159 1.00 93.75  ? 1   MSE A CE  1 
ATOM   53   N  N   . THR A 1 21  ? 14.591  5.143   -14.400 1.00 58.80  ? 2   THR A N   1 
ATOM   54   C  CA  A THR A 1 21  ? 14.496  5.174   -12.931 0.50 56.52  ? 2   THR A CA  1 
ATOM   55   C  CA  B THR A 1 21  ? 14.507  5.201   -12.931 0.50 56.93  ? 2   THR A CA  1 
ATOM   56   C  C   . THR A 1 21  ? 13.069  5.501   -12.483 1.00 55.11  ? 2   THR A C   1 
ATOM   57   O  O   . THR A 1 21  ? 12.391  6.300   -13.115 1.00 55.06  ? 2   THR A O   1 
ATOM   58   C  CB  A THR A 1 21  ? 15.478  6.190   -12.295 0.50 56.64  ? 2   THR A CB  1 
ATOM   59   C  CB  B THR A 1 21  ? 15.475  6.288   -12.364 0.50 57.12  ? 2   THR A CB  1 
ATOM   60   O  OG1 A THR A 1 21  ? 15.255  7.490   -12.853 0.50 53.91  ? 2   THR A OG1 1 
ATOM   61   O  OG1 B THR A 1 21  ? 16.819  5.992   -12.770 0.50 58.33  ? 2   THR A OG1 1 
ATOM   62   C  CG2 A THR A 1 21  ? 16.926  5.772   -12.544 0.50 57.27  ? 2   THR A CG2 1 
ATOM   63   C  CG2 B THR A 1 21  ? 15.415  6.363   -10.841 0.50 57.13  ? 2   THR A CG2 1 
ATOM   64   N  N   . THR A 1 22  ? 12.631  4.858   -11.393 1.00 51.45  ? 3   THR A N   1 
ATOM   65   C  CA  . THR A 1 22  ? 11.294  5.014   -10.797 1.00 51.08  ? 3   THR A CA  1 
ATOM   66   C  C   . THR A 1 22  ? 11.262  6.187   -9.813  1.00 50.75  ? 3   THR A C   1 
ATOM   67   O  O   . THR A 1 22  ? 10.370  7.052   -9.895  1.00 54.22  ? 3   THR A O   1 
ATOM   68   C  CB  . THR A 1 22  ? 10.847  3.683   -10.089 1.00 52.95  ? 3   THR A CB  1 
ATOM   69   O  OG1 . THR A 1 22  ? 10.538  2.711   -11.096 1.00 55.36  ? 3   THR A OG1 1 
ATOM   70   C  CG2 . THR A 1 22  ? 9.609   3.851   -9.195  1.00 52.14  ? 3   THR A CG2 1 
ATOM   71   N  N   . SER A 1 23  ? 12.228  6.205   -8.893  1.00 45.08  ? 4   SER A N   1 
ATOM   72   C  CA  . SER A 1 23  ? 12.351  7.261   -7.895  1.00 43.78  ? 4   SER A CA  1 
ATOM   73   C  C   . SER A 1 23  ? 13.784  7.480   -7.452  1.00 40.35  ? 4   SER A C   1 
ATOM   74   O  O   . SER A 1 23  ? 14.656  6.668   -7.740  1.00 37.36  ? 4   SER A O   1 
ATOM   75   C  CB  . SER A 1 23  ? 11.488  6.930   -6.686  1.00 44.06  ? 4   SER A CB  1 
ATOM   76   O  OG  . SER A 1 23  ? 11.814  5.659   -6.167  1.00 46.04  ? 4   SER A OG  1 
ATOM   77   N  N   . LYS A 1 24  ? 14.003  8.605   -6.774  1.00 39.55  ? 5   LYS A N   1 
ATOM   78   C  CA  . LYS A 1 24  ? 15.301  8.980   -6.249  1.00 40.70  ? 5   LYS A CA  1 
ATOM   79   C  C   . LYS A 1 24  ? 15.084  9.286   -4.781  1.00 37.77  ? 5   LYS A C   1 
ATOM   80   O  O   . LYS A 1 24  ? 14.359  10.218  -4.446  1.00 38.24  ? 5   LYS A O   1 
ATOM   81   C  CB  . LYS A 1 24  ? 15.830  10.203  -7.009  1.00 41.12  ? 5   LYS A CB  1 
ATOM   82   C  CG  . LYS A 1 24  ? 17.190  10.749  -6.570  1.00 50.40  ? 5   LYS A CG  1 
ATOM   83   C  CD  . LYS A 1 24  ? 18.327  9.753   -6.762  1.00 55.97  ? 5   LYS A CD  1 
ATOM   84   C  CE  . LYS A 1 24  ? 19.670  10.478  -6.944  1.00 62.39  ? 5   LYS A CE  1 
ATOM   85   N  NZ  . LYS A 1 24  ? 20.872  9.578   -7.052  1.00 65.98  ? 5   LYS A NZ  1 
ATOM   86   N  N   . VAL A 1 25  ? 15.703  8.499   -3.910  1.00 38.12  ? 6   VAL A N   1 
ATOM   87   C  CA  . VAL A 1 25  ? 15.558  8.675   -2.478  1.00 37.46  ? 6   VAL A CA  1 
ATOM   88   C  C   . VAL A 1 25  ? 16.789  9.351   -1.939  1.00 39.29  ? 6   VAL A C   1 
ATOM   89   O  O   . VAL A 1 25  ? 17.891  8.995   -2.322  1.00 40.95  ? 6   VAL A O   1 
ATOM   90   C  CB  . VAL A 1 25  ? 15.360  7.339   -1.758  1.00 37.88  ? 6   VAL A CB  1 
ATOM   91   C  CG1 . VAL A 1 25  ? 15.095  7.586   -0.269  1.00 33.71  ? 6   VAL A CG1 1 
ATOM   92   C  CG2 . VAL A 1 25  ? 14.184  6.563   -2.419  1.00 34.66  ? 6   VAL A CG2 1 
ATOM   93   N  N   . THR A 1 26  ? 16.597  10.294  -1.020  1.00 37.50  ? 7   THR A N   1 
ATOM   94   C  CA  . THR A 1 26  ? 17.703  10.985  -0.397  1.00 36.76  ? 7   THR A CA  1 
ATOM   95   C  C   . THR A 1 26  ? 17.638  10.775  1.098   1.00 35.77  ? 7   THR A C   1 
ATOM   96   O  O   . THR A 1 26  ? 16.582  11.023  1.694   1.00 36.86  ? 7   THR A O   1 
ATOM   97   C  CB  . THR A 1 26  ? 17.632  12.491  -0.738  1.00 38.08  ? 7   THR A CB  1 
ATOM   98   O  OG1 . THR A 1 26  ? 17.642  12.649  -2.161  1.00 37.13  ? 7   THR A OG1 1 
ATOM   99   C  CG2 . THR A 1 26  ? 18.799  13.225  -0.164  1.00 35.14  ? 7   THR A CG2 1 
ATOM   100  N  N   . TYR A 1 27  ? 18.750  10.327  1.701   1.00 36.99  ? 8   TYR A N   1 
ATOM   101  C  CA  . TYR A 1 27  ? 18.861  10.195  3.163   1.00 37.15  ? 8   TYR A CA  1 
ATOM   102  C  C   . TYR A 1 27  ? 19.134  11.592  3.732   1.00 38.38  ? 8   TYR A C   1 
ATOM   103  O  O   . TYR A 1 27  ? 20.181  12.197  3.443   1.00 38.89  ? 8   TYR A O   1 
ATOM   104  C  CB  . TYR A 1 27  ? 19.963  9.214   3.610   1.00 37.56  ? 8   TYR A CB  1 
ATOM   105  C  CG  . TYR A 1 27  ? 20.012  9.074   5.125   1.00 33.70  ? 8   TYR A CG  1 
ATOM   106  C  CD1 . TYR A 1 27  ? 18.963  8.465   5.821   1.00 32.03  ? 8   TYR A CD1 1 
ATOM   107  C  CD2 . TYR A 1 27  ? 21.083  9.562   5.862   1.00 35.18  ? 8   TYR A CD2 1 
ATOM   108  C  CE1 . TYR A 1 27  ? 18.968  8.357   7.200   1.00 38.30  ? 8   TYR A CE1 1 
ATOM   109  C  CE2 . TYR A 1 27  ? 21.112  9.454   7.258   1.00 36.00  ? 8   TYR A CE2 1 
ATOM   110  C  CZ  . TYR A 1 27  ? 20.050  8.845   7.927   1.00 33.05  ? 8   TYR A CZ  1 
ATOM   111  O  OH  . TYR A 1 27  ? 20.080  8.747   9.307   1.00 35.92  ? 8   TYR A OH  1 
ATOM   112  N  N   . GLN A 1 28  ? 18.213  12.090  4.557   1.00 38.35  ? 9   GLN A N   1 
ATOM   113  C  CA  . GLN A 1 28  ? 18.313  13.464  5.078   1.00 39.98  ? 9   GLN A CA  1 
ATOM   114  C  C   . GLN A 1 28  ? 18.859  13.594  6.508   1.00 39.12  ? 9   GLN A C   1 
ATOM   115  O  O   . GLN A 1 28  ? 18.907  14.692  7.032   1.00 39.60  ? 9   GLN A O   1 
ATOM   116  C  CB  . GLN A 1 28  ? 16.943  14.137  4.927   1.00 41.49  ? 9   GLN A CB  1 
ATOM   117  C  CG  . GLN A 1 28  ? 16.500  14.214  3.446   1.00 42.42  ? 9   GLN A CG  1 
ATOM   118  C  CD  . GLN A 1 28  ? 15.280  15.076  3.243   1.00 53.46  ? 9   GLN A CD  1 
ATOM   119  O  OE1 . GLN A 1 28  ? 14.390  15.123  4.095   1.00 50.75  ? 9   GLN A OE1 1 
ATOM   120  N  NE2 . GLN A 1 28  ? 15.221  15.764  2.100   1.00 52.55  ? 9   GLN A NE2 1 
ATOM   121  N  N   . GLY A 1 29  ? 19.312  12.488  7.110   1.00 38.42  ? 10  GLY A N   1 
ATOM   122  C  CA  . GLY A 1 29  ? 19.812  12.487  8.495   1.00 38.41  ? 10  GLY A CA  1 
ATOM   123  C  C   . GLY A 1 29  ? 18.653  12.261  9.451   1.00 38.24  ? 10  GLY A C   1 
ATOM   124  O  O   . GLY A 1 29  ? 17.490  12.288  9.040   1.00 37.91  ? 10  GLY A O   1 
ATOM   125  N  N   . ASP A 1 30  ? 18.963  11.983  10.714  1.00 38.60  ? 11  ASP A N   1 
ATOM   126  C  CA  . ASP A 1 30  ? 17.933  11.790  11.763  1.00 39.97  ? 11  ASP A CA  1 
ATOM   127  C  C   . ASP A 1 30  ? 16.941  10.648  11.419  1.00 39.04  ? 11  ASP A C   1 
ATOM   128  O  O   . ASP A 1 30  ? 15.764  10.694  11.810  1.00 38.73  ? 11  ASP A O   1 
ATOM   129  C  CB  . ASP A 1 30  ? 17.183  13.120  12.054  1.00 39.69  ? 11  ASP A CB  1 
ATOM   130  C  CG  . ASP A 1 30  ? 18.119  14.273  12.427  1.00 50.65  ? 11  ASP A CG  1 
ATOM   131  O  OD1 . ASP A 1 30  ? 19.020  14.079  13.275  1.00 57.03  ? 11  ASP A OD1 1 
ATOM   132  O  OD2 . ASP A 1 30  ? 17.924  15.397  11.900  1.00 58.42  ? 11  ASP A OD2 1 
ATOM   133  N  N   . LEU A 1 31  ? 17.440  9.641   10.685  1.00 37.03  ? 12  LEU A N   1 
ATOM   134  C  CA  . LEU A 1 31  ? 16.675  8.474   10.215  1.00 37.46  ? 12  LEU A CA  1 
ATOM   135  C  C   . LEU A 1 31  ? 15.502  8.805   9.277   1.00 37.41  ? 12  LEU A C   1 
ATOM   136  O  O   . LEU A 1 31  ? 14.535  8.033   9.164   1.00 35.01  ? 12  LEU A O   1 
ATOM   137  C  CB  . LEU A 1 31  ? 16.230  7.595   11.392  1.00 37.79  ? 12  LEU A CB  1 
ATOM   138  C  CG  . LEU A 1 31  ? 17.348  7.135   12.330  1.00 41.22  ? 12  LEU A CG  1 
ATOM   139  C  CD1 . LEU A 1 31  ? 16.772  6.250   13.429  1.00 41.71  ? 12  LEU A CD1 1 
ATOM   140  C  CD2 . LEU A 1 31  ? 18.455  6.403   11.555  1.00 42.22  ? 12  LEU A CD2 1 
ATOM   141  N  N   . ARG A 1 32  ? 15.634  9.919   8.555   1.00 38.36  ? 13  ARG A N   1 
ATOM   142  C  CA  . ARG A 1 32  ? 14.622  10.400  7.622   1.00 38.58  ? 13  ARG A CA  1 
ATOM   143  C  C   . ARG A 1 32  ? 15.061  10.237  6.177   1.00 37.82  ? 13  ARG A C   1 
ATOM   144  O  O   . ARG A 1 32  ? 16.222  10.508  5.859   1.00 39.43  ? 13  ARG A O   1 
ATOM   145  C  CB  . ARG A 1 32  ? 14.359  11.888  7.852   1.00 40.44  ? 13  ARG A CB  1 
ATOM   146  C  CG  . ARG A 1 32  ? 13.529  12.562  6.751   1.00 42.38  ? 13  ARG A CG  1 
ATOM   147  C  CD  . ARG A 1 32  ? 13.144  13.938  7.147   1.00 47.00  ? 13  ARG A CD  1 
ATOM   148  N  NE  . ARG A 1 32  ? 11.968  13.945  8.001   1.00 50.18  ? 13  ARG A NE  1 
ATOM   149  C  CZ  . ARG A 1 32  ? 11.559  14.985  8.727   1.00 59.39  ? 13  ARG A CZ  1 
ATOM   150  N  NH1 . ARG A 1 32  ? 12.224  16.154  8.761   1.00 59.28  ? 13  ARG A NH1 1 
ATOM   151  N  NH2 . ARG A 1 32  ? 10.463  14.847  9.449   1.00 63.07  ? 13  ARG A NH2 1 
ATOM   152  N  N   . THR A 1 33  ? 14.123  9.862   5.305   1.00 37.85  ? 14  THR A N   1 
ATOM   153  C  CA  . THR A 1 33  ? 14.385  9.807   3.855   1.00 38.46  ? 14  THR A CA  1 
ATOM   154  C  C   . THR A 1 33  ? 13.338  10.637  3.112   1.00 37.84  ? 14  THR A C   1 
ATOM   155  O  O   . THR A 1 33  ? 12.246  10.843  3.615   1.00 40.24  ? 14  THR A O   1 
ATOM   156  C  CB  . THR A 1 33  ? 14.438  8.383   3.272   1.00 38.84  ? 14  THR A CB  1 
ATOM   157  O  OG1 . THR A 1 33  ? 13.117  7.876   3.021   1.00 41.85  ? 14  THR A OG1 1 
ATOM   158  C  CG2 . THR A 1 33  ? 15.233  7.440   4.179   1.00 32.69  ? 14  THR A CG2 1 
ATOM   159  N  N   . SER A 1 34  ? 13.708  11.108  1.928   1.00 40.95  ? 15  SER A N   1 
ATOM   160  C  CA  . SER A 1 34  ? 12.839  11.866  1.024   1.00 40.05  ? 15  SER A CA  1 
ATOM   161  C  C   . SER A 1 34  ? 12.935  11.220  -0.342  1.00 40.27  ? 15  SER A C   1 
ATOM   162  O  O   . SER A 1 34  ? 14.033  11.078  -0.857  1.00 39.53  ? 15  SER A O   1 
ATOM   163  C  CB  . SER A 1 34  ? 13.305  13.314  0.937   1.00 42.11  ? 15  SER A CB  1 
ATOM   164  O  OG  . SER A 1 34  ? 12.591  14.002  -0.072  1.00 47.03  ? 15  SER A OG  1 
ATOM   165  N  N   . ALA A 1 35  ? 11.793  10.868  -0.929  1.00 39.19  ? 16  ALA A N   1 
ATOM   166  C  CA  . ALA A 1 35  ? 11.737  10.187  -2.227  1.00 39.61  ? 16  ALA A CA  1 
ATOM   167  C  C   . ALA A 1 35  ? 10.911  11.008  -3.219  1.00 39.70  ? 16  ALA A C   1 
ATOM   168  O  O   . ALA A 1 35  ? 9.790   11.410  -2.895  1.00 35.22  ? 16  ALA A O   1 
ATOM   169  C  CB  . ALA A 1 35  ? 11.134  8.780   -2.058  1.00 37.56  ? 16  ALA A CB  1 
ATOM   170  N  N   . ILE A 1 36  ? 11.496  11.246  -4.398  1.00 40.51  ? 17  ILE A N   1 
ATOM   171  C  CA  . ILE A 1 36  ? 10.895  11.963  -5.521  1.00 40.46  ? 17  ILE A CA  1 
ATOM   172  C  C   . ILE A 1 36  ? 10.644  10.948  -6.650  1.00 39.58  ? 17  ILE A C   1 
ATOM   173  O  O   . ILE A 1 36  ? 11.581  10.250  -7.050  1.00 40.86  ? 17  ILE A O   1 
ATOM   174  C  CB  . ILE A 1 36  ? 11.857  13.066  -6.070  1.00 40.11  ? 17  ILE A CB  1 
ATOM   175  C  CG1 . ILE A 1 36  ? 12.283  14.041  -4.972  1.00 44.86  ? 17  ILE A CG1 1 
ATOM   176  C  CG2 . ILE A 1 36  ? 11.214  13.839  -7.216  1.00 43.71  ? 17  ILE A CG2 1 
ATOM   177  C  CD1 . ILE A 1 36  ? 11.135  14.745  -4.269  1.00 44.27  ? 17  ILE A CD1 1 
ATOM   178  N  N   . HIS A 1 37  ? 9.402   10.902  -7.154  1.00 40.12  ? 18  HIS A N   1 
ATOM   179  C  CA  . HIS A 1 37  ? 8.987   10.061  -8.278  1.00 39.43  ? 18  HIS A CA  1 
ATOM   180  C  C   . HIS A 1 37  ? 9.220   10.908  -9.518  1.00 43.26  ? 18  HIS A C   1 
ATOM   181  O  O   . HIS A 1 37  ? 8.547   11.935  -9.704  1.00 39.60  ? 18  HIS A O   1 
ATOM   182  C  CB  . HIS A 1 37  ? 7.519   9.659   -8.125  1.00 40.62  ? 18  HIS A CB  1 
ATOM   183  C  CG  . HIS A 1 37  ? 6.963   8.849   -9.251  1.00 38.87  ? 18  HIS A CG  1 
ATOM   184  N  ND1 . HIS A 1 37  ? 6.141   9.389   -10.218 1.00 36.34  ? 18  HIS A ND1 1 
ATOM   185  C  CD2 . HIS A 1 37  ? 7.059   7.529   -9.534  1.00 42.10  ? 18  HIS A CD2 1 
ATOM   186  C  CE1 . HIS A 1 37  ? 5.778   8.443   -11.064 1.00 41.45  ? 18  HIS A CE1 1 
ATOM   187  N  NE2 . HIS A 1 37  ? 6.324   7.305   -10.675 1.00 45.85  ? 18  HIS A NE2 1 
ATOM   188  N  N   . LEU A 1 38  ? 10.187  10.468  -10.330 1.00 45.67  ? 19  LEU A N   1 
ATOM   189  C  CA  . LEU A 1 38  ? 10.627  11.138  -11.563 1.00 47.03  ? 19  LEU A CA  1 
ATOM   190  C  C   . LEU A 1 38  ? 9.520   11.689  -12.452 1.00 47.50  ? 19  LEU A C   1 
ATOM   191  O  O   . LEU A 1 38  ? 9.406   12.908  -12.602 1.00 50.32  ? 19  LEU A O   1 
ATOM   192  C  CB  . LEU A 1 38  ? 11.516  10.188  -12.407 1.00 48.62  ? 19  LEU A CB  1 
ATOM   193  N  N   . GLN A 1 39  ? 8.684   10.792  -12.978 1.00 47.13  ? 20  GLN A N   1 
ATOM   194  C  CA  . GLN A 1 39  ? 7.629   11.152  -13.946 1.00 48.81  ? 20  GLN A CA  1 
ATOM   195  C  C   . GLN A 1 39  ? 6.639   12.226  -13.457 1.00 49.28  ? 20  GLN A C   1 
ATOM   196  O  O   . GLN A 1 39  ? 6.388   13.188  -14.162 1.00 50.54  ? 20  GLN A O   1 
ATOM   197  C  CB  . GLN A 1 39  ? 6.873   9.888   -14.394 1.00 48.40  ? 20  GLN A CB  1 
ATOM   198  N  N   . SER A 1 40  ? 6.146   12.068  -12.229 1.00 50.14  ? 21  SER A N   1 
ATOM   199  C  CA  . SER A 1 40  ? 5.159   12.977  -11.613 1.00 50.04  ? 21  SER A CA  1 
ATOM   200  C  C   . SER A 1 40  ? 5.749   14.169  -10.849 1.00 48.83  ? 21  SER A C   1 
ATOM   201  O  O   . SER A 1 40  ? 5.086   15.193  -10.693 1.00 50.71  ? 21  SER A O   1 
ATOM   202  C  CB  . SER A 1 40  ? 4.291   12.204  -10.609 1.00 51.11  ? 21  SER A CB  1 
ATOM   203  O  OG  . SER A 1 40  ? 4.995   11.860  -9.415  1.00 50.09  ? 21  SER A OG  1 
ATOM   204  N  N   . ASN A 1 41  ? 6.967   13.994  -10.351 1.00 48.18  ? 22  ASN A N   1 
ATOM   205  C  CA  . ASN A 1 41  ? 7.684   14.963  -9.530  1.00 48.54  ? 22  ASN A CA  1 
ATOM   206  C  C   . ASN A 1 41  ? 7.055   15.093  -8.109  1.00 47.79  ? 22  ASN A C   1 
ATOM   207  O  O   . ASN A 1 41  ? 7.289   16.066  -7.433  1.00 45.19  ? 22  ASN A O   1 
ATOM   208  C  CB  . ASN A 1 41  ? 7.806   16.326  -10.254 1.00 48.08  ? 22  ASN A CB  1 
ATOM   209  C  CG  . ASN A 1 41  ? 9.014   17.155  -9.792  1.00 46.91  ? 22  ASN A CG  1 
ATOM   210  O  OD1 . ASN A 1 41  ? 9.939   16.654  -9.149  1.00 48.97  ? 22  ASN A OD1 1 
ATOM   211  N  ND2 . ASN A 1 41  ? 9.007   18.426  -10.155 1.00 51.68  ? 22  ASN A ND2 1 
ATOM   212  N  N   . ASN A 1 42  ? 6.303   14.087  -7.651  1.00 50.41  ? 23  ASN A N   1 
ATOM   213  C  CA  . ASN A 1 42  ? 5.671   14.133  -6.312  1.00 50.63  ? 23  ASN A CA  1 
ATOM   214  C  C   . ASN A 1 42  ? 6.694   13.624  -5.271  1.00 48.99  ? 23  ASN A C   1 
ATOM   215  O  O   . ASN A 1 42  ? 7.564   12.845  -5.648  1.00 45.41  ? 23  ASN A O   1 
ATOM   216  C  CB  . ASN A 1 42  ? 4.360   13.324  -6.312  1.00 52.22  ? 23  ASN A CB  1 
ATOM   217  C  CG  . ASN A 1 42  ? 3.367   13.783  -5.235  1.00 57.83  ? 23  ASN A CG  1 
ATOM   218  O  OD1 . ASN A 1 42  ? 3.369   14.942  -4.797  1.00 62.22  ? 23  ASN A OD1 1 
ATOM   219  N  ND2 . ASN A 1 42  ? 2.492   12.882  -4.838  1.00 68.19  ? 23  ASN A ND2 1 
ATOM   220  N  N   . GLU A 1 43  ? 6.583   14.081  -4.001  1.00 49.02  ? 24  GLU A N   1 
ATOM   221  C  CA  . GLU A 1 43  ? 7.525   13.754  -2.884  1.00 49.24  ? 24  GLU A CA  1 
ATOM   222  C  C   . GLU A 1 43  ? 6.886   13.015  -1.703  1.00 49.88  ? 24  GLU A C   1 
ATOM   223  O  O   . GLU A 1 43  ? 5.807   13.407  -1.273  1.00 51.06  ? 24  GLU A O   1 
ATOM   224  C  CB  . GLU A 1 43  ? 8.177   15.025  -2.289  1.00 50.52  ? 24  GLU A CB  1 
ATOM   225  C  CG  . GLU A 1 43  ? 9.205   14.762  -1.136  1.00 48.52  ? 24  GLU A CG  1 
ATOM   226  C  CD  . GLU A 1 43  ? 9.852   15.994  -0.541  1.00 50.85  ? 24  GLU A CD  1 
ATOM   227  O  OE1 . GLU A 1 43  ? 9.159   17.013  -0.335  1.00 57.62  ? 24  GLU A OE1 1 
ATOM   228  O  OE2 . GLU A 1 43  ? 11.062  15.931  -0.231  1.00 43.82  ? 24  GLU A OE2 1 
ATOM   229  N  N   . ILE A 1 44  ? 7.601   12.000  -1.181  1.00 46.08  ? 25  ILE A N   1 
ATOM   230  C  CA  A ILE A 1 44  ? 7.202   11.180  -0.022  0.50 45.67  ? 25  ILE A CA  1 
ATOM   231  C  CA  B ILE A 1 44  ? 7.171   11.252  0.011   0.50 46.20  ? 25  ILE A CA  1 
ATOM   232  C  C   . ILE A 1 44  ? 8.345   11.162  0.996   1.00 46.68  ? 25  ILE A C   1 
ATOM   233  O  O   . ILE A 1 44  ? 9.504   11.040  0.608   1.00 49.18  ? 25  ILE A O   1 
ATOM   234  C  CB  A ILE A 1 44  ? 6.867   9.742   -0.474  0.50 45.60  ? 25  ILE A CB  1 
ATOM   235  C  CB  B ILE A 1 44  ? 6.541   9.866   -0.300  0.50 46.55  ? 25  ILE A CB  1 
ATOM   236  C  CG1 A ILE A 1 44  ? 5.528   9.764   -1.214  0.50 42.81  ? 25  ILE A CG1 1 
ATOM   237  C  CG1 B ILE A 1 44  ? 7.528   8.907   -0.954  0.50 43.73  ? 25  ILE A CG1 1 
ATOM   238  C  CG2 A ILE A 1 44  ? 6.816   8.761   0.714   0.50 42.80  ? 25  ILE A CG2 1 
ATOM   239  C  CG2 B ILE A 1 44  ? 5.306   10.032  -1.200  0.50 46.14  ? 25  ILE A CG2 1 
ATOM   240  C  CD1 A ILE A 1 44  ? 5.137   8.491   -1.779  0.50 37.38  ? 25  ILE A CD1 1 
ATOM   241  C  CD1 B ILE A 1 44  ? 6.959   7.551   -1.136  0.50 41.87  ? 25  ILE A CD1 1 
ATOM   242  N  N   . ILE A 1 45  ? 8.016   11.264  2.279   1.00 45.49  ? 26  ILE A N   1 
ATOM   243  C  CA  . ILE A 1 45  ? 8.986   11.275  3.363   1.00 45.28  ? 26  ILE A CA  1 
ATOM   244  C  C   . ILE A 1 45  ? 8.799   10.023  4.200   1.00 42.32  ? 26  ILE A C   1 
ATOM   245  O  O   . ILE A 1 45  ? 7.678   9.547   4.329   1.00 43.32  ? 26  ILE A O   1 
ATOM   246  C  CB  . ILE A 1 45  ? 8.768   12.498  4.300   1.00 43.10  ? 26  ILE A CB  1 
ATOM   247  C  CG1 . ILE A 1 45  ? 8.796   13.838  3.531   1.00 48.36  ? 26  ILE A CG1 1 
ATOM   248  C  CG2 . ILE A 1 45  ? 9.792   12.533  5.438   1.00 48.10  ? 26  ILE A CG2 1 
ATOM   249  C  CD1 . ILE A 1 45  ? 10.058  14.101  2.754   1.00 45.53  ? 26  ILE A CD1 1 
ATOM   250  N  N   . THR A 1 46  ? 9.899   9.480   4.715   1.00 41.53  ? 27  THR A N   1 
ATOM   251  C  CA  . THR A 1 46  ? 9.833   8.425   5.732   1.00 41.14  ? 27  THR A CA  1 
ATOM   252  C  C   . THR A 1 46  ? 10.668  8.827   6.938   1.00 41.72  ? 27  THR A C   1 
ATOM   253  O  O   . THR A 1 46  ? 11.629  9.569   6.806   1.00 41.44  ? 27  THR A O   1 
ATOM   254  C  CB  . THR A 1 46  ? 10.291  7.013   5.254   1.00 42.99  ? 27  THR A CB  1 
ATOM   255  O  OG1 . THR A 1 46  ? 11.702  7.001   5.027   1.00 43.16  ? 27  THR A OG1 1 
ATOM   256  C  CG2 . THR A 1 46  ? 9.525   6.551   4.006   1.00 41.98  ? 27  THR A CG2 1 
ATOM   257  N  N   . ASP A 1 47  ? 10.255  8.342   8.109   1.00 41.84  ? 28  ASP A N   1 
ATOM   258  C  CA  . ASP A 1 47  ? 10.962  8.499   9.360   1.00 41.82  ? 28  ASP A CA  1 
ATOM   259  C  C   . ASP A 1 47  ? 10.948  7.158   10.069  1.00 42.06  ? 28  ASP A C   1 
ATOM   260  O  O   . ASP A 1 47  ? 9.973   6.414   9.963   1.00 40.53  ? 28  ASP A O   1 
ATOM   261  C  CB  . ASP A 1 47  ? 10.244  9.475   10.301  1.00 41.68  ? 28  ASP A CB  1 
ATOM   262  C  CG  . ASP A 1 47  ? 10.463  10.933  9.968   1.00 44.35  ? 28  ASP A CG  1 
ATOM   263  O  OD1 . ASP A 1 47  ? 11.484  11.318  9.372   1.00 40.01  ? 28  ASP A OD1 1 
ATOM   264  O  OD2 . ASP A 1 47  ? 9.614   11.731  10.401  1.00 46.93  ? 28  ASP A OD2 1 
ATOM   265  N  N   . ALA A 1 48  ? 12.014  6.875   10.806  1.00 42.98  ? 29  ALA A N   1 
ATOM   266  C  CA  . ALA A 1 48  ? 12.051  5.707   11.687  1.00 47.13  ? 29  ALA A CA  1 
ATOM   267  C  C   . ALA A 1 48  ? 11.161  6.050   12.903  1.00 49.81  ? 29  ALA A C   1 
ATOM   268  O  O   . ALA A 1 48  ? 11.019  7.234   13.252  1.00 48.71  ? 29  ALA A O   1 
ATOM   269  C  CB  . ALA A 1 48  ? 13.458  5.408   12.138  1.00 45.81  ? 29  ALA A CB  1 
ATOM   270  N  N   . PRO A 1 49  ? 10.516  5.039   13.527  1.00 56.52  ? 30  PRO A N   1 
ATOM   271  C  CA  . PRO A 1 49  ? 9.742   5.363   14.748  1.00 60.25  ? 30  PRO A CA  1 
ATOM   272  C  C   . PRO A 1 49  ? 10.615  5.892   15.903  1.00 63.69  ? 30  PRO A C   1 
ATOM   273  O  O   . PRO A 1 49  ? 11.839  5.696   15.895  1.00 65.33  ? 30  PRO A O   1 
ATOM   274  C  CB  . PRO A 1 49  ? 9.096   4.022   15.134  1.00 59.35  ? 30  PRO A CB  1 
ATOM   275  C  CG  . PRO A 1 49  ? 9.158   3.175   13.877  1.00 61.95  ? 30  PRO A CG  1 
ATOM   276  C  CD  . PRO A 1 49  ? 10.396  3.612   13.160  1.00 56.59  ? 30  PRO A CD  1 
ATOM   277  N  N   . VAL A 1 50  ? 9.989   6.570   16.868  1.00 67.01  ? 31  VAL A N   1 
ATOM   278  C  CA  . VAL A 1 50  ? 10.695  7.061   18.077  1.00 69.20  ? 31  VAL A CA  1 
ATOM   279  C  C   . VAL A 1 50  ? 11.235  5.856   18.894  1.00 70.50  ? 31  VAL A C   1 
ATOM   280  O  O   . VAL A 1 50  ? 12.236  5.995   19.609  1.00 69.89  ? 31  VAL A O   1 
ATOM   281  C  CB  . VAL A 1 50  ? 9.812   8.017   18.936  1.00 69.47  ? 31  VAL A CB  1 
ATOM   282  C  CG1 . VAL A 1 50  ? 10.552  8.489   20.197  1.00 72.72  ? 31  VAL A CG1 1 
ATOM   283  C  CG2 . VAL A 1 50  ? 9.384   9.230   18.106  1.00 69.99  ? 31  VAL A CG2 1 
ATOM   284  N  N   . ASP A 1 51  ? 10.569  4.694   18.756  1.00 72.02  ? 32  ASP A N   1 
ATOM   285  C  CA  . ASP A 1 51  ? 11.006  3.389   19.306  1.00 73.18  ? 32  ASP A CA  1 
ATOM   286  C  C   . ASP A 1 51  ? 12.503  3.099   19.088  1.00 73.39  ? 32  ASP A C   1 
ATOM   287  O  O   . ASP A 1 51  ? 13.124  2.465   19.947  1.00 74.26  ? 32  ASP A O   1 
ATOM   288  C  CB  . ASP A 1 51  ? 10.175  2.243   18.704  1.00 74.02  ? 32  ASP A CB  1 
ATOM   289  N  N   . ASN A 1 52  ? 13.056  3.532   17.940  1.00 72.81  ? 33  ASN A N   1 
ATOM   290  C  CA  . ASN A 1 52  ? 14.510  3.461   17.678  1.00 72.23  ? 33  ASN A CA  1 
ATOM   291  C  C   . ASN A 1 52  ? 15.123  4.776   17.128  1.00 70.35  ? 33  ASN A C   1 
ATOM   292  O  O   . ASN A 1 52  ? 15.761  4.807   16.074  1.00 70.22  ? 33  ASN A O   1 
ATOM   293  C  CB  . ASN A 1 52  ? 14.917  2.207   16.878  1.00 72.43  ? 33  ASN A CB  1 
ATOM   294  C  CG  . ASN A 1 52  ? 14.289  2.142   15.505  1.00 74.70  ? 33  ASN A CG  1 
ATOM   295  O  OD1 . ASN A 1 52  ? 13.077  2.305   15.347  1.00 79.40  ? 33  ASN A OD1 1 
ATOM   296  N  ND2 . ASN A 1 52  ? 15.113  1.871   14.503  1.00 75.37  ? 33  ASN A ND2 1 
ATOM   297  N  N   . GLN A 1 53  ? 14.902  5.849   17.892  1.00 67.77  ? 34  GLN A N   1 
ATOM   298  C  CA  . GLN A 1 53  ? 15.529  7.178   17.706  1.00 66.22  ? 34  GLN A CA  1 
ATOM   299  C  C   . GLN A 1 53  ? 15.234  7.993   16.417  1.00 64.60  ? 34  GLN A C   1 
ATOM   300  O  O   . GLN A 1 53  ? 15.972  8.933   16.088  1.00 63.14  ? 34  GLN A O   1 
ATOM   301  C  CB  . GLN A 1 53  ? 17.054  7.057   17.919  1.00 66.26  ? 34  GLN A CB  1 
ATOM   302  C  CG  . GLN A 1 53  ? 17.501  6.279   19.178  1.00 66.49  ? 34  GLN A CG  1 
ATOM   303  C  CD  . GLN A 1 53  ? 19.029  6.199   19.339  1.00 66.83  ? 34  GLN A CD  1 
ATOM   304  O  OE1 . GLN A 1 53  ? 19.765  7.127   18.990  1.00 58.84  ? 34  GLN A OE1 1 
ATOM   305  N  NE2 . GLN A 1 53  ? 19.500  5.087   19.898  1.00 70.56  ? 34  GLN A NE2 1 
ATOM   306  N  N   . GLY A 1 54  ? 14.159  7.664   15.706  1.00 63.22  ? 35  GLY A N   1 
ATOM   307  C  CA  . GLY A 1 54  ? 13.760  8.446   14.524  1.00 62.39  ? 35  GLY A CA  1 
ATOM   308  C  C   . GLY A 1 54  ? 12.872  9.622   14.919  1.00 61.53  ? 35  GLY A C   1 
ATOM   309  O  O   . GLY A 1 54  ? 12.455  9.732   16.088  1.00 62.75  ? 35  GLY A O   1 
ATOM   310  N  N   . LYS A 1 55  ? 12.606  10.515  13.961  1.00 58.76  ? 36  LYS A N   1 
ATOM   311  C  CA  . LYS A 1 55  ? 11.729  11.684  14.184  1.00 58.22  ? 36  LYS A CA  1 
ATOM   312  C  C   . LYS A 1 55  ? 10.235  11.326  14.274  1.00 58.46  ? 36  LYS A C   1 
ATOM   313  O  O   . LYS A 1 55  ? 9.464   12.095  14.839  1.00 60.51  ? 36  LYS A O   1 
ATOM   314  C  CB  . LYS A 1 55  ? 11.918  12.755  13.098  1.00 57.41  ? 36  LYS A CB  1 
ATOM   315  C  CG  . LYS A 1 55  ? 13.305  13.361  13.022  1.00 58.44  ? 36  LYS A CG  1 
ATOM   316  C  CD  . LYS A 1 55  ? 13.432  14.284  11.819  1.00 58.72  ? 36  LYS A CD  1 
ATOM   317  N  N   . GLY A 1 56  ? 9.820   10.186  13.717  1.00 58.92  ? 37  GLY A N   1 
ATOM   318  C  CA  . GLY A 1 56  ? 8.410   9.761   13.724  1.00 57.86  ? 37  GLY A CA  1 
ATOM   319  C  C   . GLY A 1 56  ? 7.315   10.715  13.227  1.00 57.59  ? 37  GLY A C   1 
ATOM   320  O  O   . GLY A 1 56  ? 6.163   10.531  13.609  1.00 59.62  ? 37  GLY A O   1 
ATOM   321  N  N   . GLU A 1 57  ? 7.650   11.720  12.400  1.00 57.15  ? 38  GLU A N   1 
ATOM   322  C  CA  . GLU A 1 57  ? 6.647   12.640  11.802  1.00 56.44  ? 38  GLU A CA  1 
ATOM   323  C  C   . GLU A 1 57  ? 6.438   12.358  10.286  1.00 52.94  ? 38  GLU A C   1 
ATOM   324  O  O   . GLU A 1 57  ? 6.227   13.268  9.458   1.00 52.30  ? 38  GLU A O   1 
ATOM   325  C  CB  . GLU A 1 57  ? 6.924   14.114  12.142  1.00 59.95  ? 38  GLU A CB  1 
ATOM   326  C  CG  . GLU A 1 57  ? 8.174   14.716  11.581  1.00 63.82  ? 38  GLU A CG  1 
ATOM   327  C  CD  . GLU A 1 57  ? 8.442   16.122  12.102  1.00 59.69  ? 38  GLU A CD  1 
ATOM   328  O  OE1 . GLU A 1 57  ? 8.423   16.323  13.341  1.00 73.42  ? 38  GLU A OE1 1 
ATOM   329  O  OE2 . GLU A 1 57  ? 8.703   17.028  11.272  1.00 61.07  ? 38  GLU A OE2 1 
ATOM   330  N  N   . ALA A 1 58  ? 6.395   11.060  9.980   1.00 45.46  ? 39  ALA A N   1 
ATOM   331  C  CA  . ALA A 1 58  ? 6.114   10.534  8.646   1.00 42.12  ? 39  ALA A CA  1 
ATOM   332  C  C   . ALA A 1 58  ? 5.880   9.033   8.723   1.00 39.83  ? 39  ALA A C   1 
ATOM   333  O  O   . ALA A 1 58  ? 6.169   8.404   9.740   1.00 39.15  ? 39  ALA A O   1 
ATOM   334  C  CB  . ALA A 1 58  ? 7.268   10.803  7.703   1.00 39.81  ? 39  ALA A CB  1 
ATOM   335  N  N   . PHE A 1 59  ? 5.337   8.463   7.646   1.00 40.05  ? 40  PHE A N   1 
ATOM   336  C  CA  . PHE A 1 59  ? 5.221   6.997   7.489   1.00 39.93  ? 40  PHE A CA  1 
ATOM   337  C  C   . PHE A 1 59  ? 6.605   6.366   7.673   1.00 40.38  ? 40  PHE A C   1 
ATOM   338  O  O   . PHE A 1 59  ? 7.575   6.945   7.197   1.00 40.80  ? 40  PHE A O   1 
ATOM   339  C  CB  . PHE A 1 59  ? 4.857   6.627   6.041   1.00 40.39  ? 40  PHE A CB  1 
ATOM   340  C  CG  . PHE A 1 59  ? 3.430   6.836   5.652   1.00 41.73  ? 40  PHE A CG  1 
ATOM   341  C  CD1 . PHE A 1 59  ? 2.973   8.085   5.237   1.00 43.15  ? 40  PHE A CD1 1 
ATOM   342  C  CD2 . PHE A 1 59  ? 2.562   5.740   5.544   1.00 38.13  ? 40  PHE A CD2 1 
ATOM   343  C  CE1 . PHE A 1 59  ? 1.660   8.262   4.820   1.00 43.33  ? 40  PHE A CE1 1 
ATOM   344  C  CE2 . PHE A 1 59  ? 1.240   5.917   5.115   1.00 43.30  ? 40  PHE A CE2 1 
ATOM   345  C  CZ  . PHE A 1 59  ? 0.784   7.171   4.775   1.00 39.28  ? 40  PHE A CZ  1 
ATOM   346  N  N   . SER A 1 60  ? 6.716   5.229   8.371   1.00 38.34  ? 41  SER A N   1 
ATOM   347  C  CA  . SER A 1 60  ? 7.965   4.464   8.387   1.00 38.92  ? 41  SER A CA  1 
ATOM   348  C  C   . SER A 1 60  ? 8.052   3.688   7.062   1.00 39.79  ? 41  SER A C   1 
ATOM   349  O  O   . SER A 1 60  ? 7.048   3.567   6.369   1.00 39.63  ? 41  SER A O   1 
ATOM   350  C  CB  . SER A 1 60  ? 8.023   3.478   9.557   1.00 38.85  ? 41  SER A CB  1 
ATOM   351  O  OG  . SER A 1 60  ? 7.127   2.409   9.334   1.00 38.28  ? 41  SER A OG  1 
ATOM   352  N  N   . PRO A 1 61  ? 9.256   3.205   6.665   1.00 38.09  ? 42  PRO A N   1 
ATOM   353  C  CA  . PRO A 1 61  ? 9.334   2.384   5.444   1.00 35.78  ? 42  PRO A CA  1 
ATOM   354  C  C   . PRO A 1 61  ? 8.407   1.151   5.464   1.00 37.67  ? 42  PRO A C   1 
ATOM   355  O  O   . PRO A 1 61  ? 7.721   0.920   4.484   1.00 37.75  ? 42  PRO A O   1 
ATOM   356  C  CB  . PRO A 1 61  ? 10.827  2.028   5.353   1.00 35.41  ? 42  PRO A CB  1 
ATOM   357  C  CG  . PRO A 1 61  ? 11.493  3.165   6.044   1.00 38.33  ? 42  PRO A CG  1 
ATOM   358  C  CD  . PRO A 1 61  ? 10.603  3.461   7.211   1.00 38.21  ? 42  PRO A CD  1 
ATOM   359  N  N   . THR A 1 62  ? 8.303   0.403   6.566   1.00 39.27  ? 43  THR A N   1 
ATOM   360  C  CA  . THR A 1 62  ? 7.330   -0.740  6.583   1.00 40.18  ? 43  THR A CA  1 
ATOM   361  C  C   . THR A 1 62  ? 5.856   -0.248  6.575   1.00 39.34  ? 43  THR A C   1 
ATOM   362  O  O   . THR A 1 62  ? 4.989   -0.908  5.948   1.00 39.50  ? 43  THR A O   1 
ATOM   363  C  CB  . THR A 1 62  ? 7.585   -1.752  7.722   1.00 41.78  ? 43  THR A CB  1 
ATOM   364  O  OG1 . THR A 1 62  ? 7.390   -1.134  8.984   1.00 41.73  ? 43  THR A OG1 1 
ATOM   365  C  CG2 . THR A 1 62  ? 9.002   -2.275  7.640   1.00 40.06  ? 43  THR A CG2 1 
ATOM   366  N  N   . ASP A 1 63  ? 5.567   0.893   7.206   1.00 38.72  ? 44  ASP A N   1 
ATOM   367  C  CA  . ASP A 1 63  ? 4.214   1.511   7.096   1.00 40.30  ? 44  ASP A CA  1 
ATOM   368  C  C   . ASP A 1 63  ? 3.911   1.784   5.629   1.00 42.12  ? 44  ASP A C   1 
ATOM   369  O  O   . ASP A 1 63  ? 2.812   1.536   5.153   1.00 42.44  ? 44  ASP A O   1 
ATOM   370  C  CB  . ASP A 1 63  ? 4.076   2.854   7.839   1.00 42.15  ? 44  ASP A CB  1 
ATOM   371  C  CG  . ASP A 1 63  ? 4.154   2.735   9.330   1.00 40.04  ? 44  ASP A CG  1 
ATOM   372  O  OD1 . ASP A 1 63  ? 3.915   1.634   9.877   1.00 40.68  ? 44  ASP A OD1 1 
ATOM   373  O  OD2 . ASP A 1 63  ? 4.487   3.769   9.954   1.00 38.54  ? 44  ASP A OD2 1 
ATOM   374  N  N   . LEU A 1 64  ? 4.914   2.285   4.914   1.00 42.45  ? 45  LEU A N   1 
ATOM   375  C  CA  . LEU A 1 64  ? 4.773   2.589   3.488   1.00 42.95  ? 45  LEU A CA  1 
ATOM   376  C  C   . LEU A 1 64  ? 4.448   1.323   2.680   1.00 41.18  ? 45  LEU A C   1 
ATOM   377  O  O   . LEU A 1 64  ? 3.560   1.346   1.820   1.00 38.02  ? 45  LEU A O   1 
ATOM   378  C  CB  . LEU A 1 64  ? 6.049   3.284   2.988   1.00 43.68  ? 45  LEU A CB  1 
ATOM   379  C  CG  . LEU A 1 64  ? 5.985   4.202   1.786   1.00 54.57  ? 45  LEU A CG  1 
ATOM   380  C  CD1 . LEU A 1 64  ? 5.029   5.345   2.101   1.00 49.52  ? 45  LEU A CD1 1 
ATOM   381  C  CD2 . LEU A 1 64  ? 7.390   4.741   1.531   1.00 48.98  ? 45  LEU A CD2 1 
ATOM   382  N  N   . LEU A 1 65  ? 5.137   0.218   2.971   1.00 40.54  ? 46  LEU A N   1 
ATOM   383  C  CA  A LEU A 1 65  ? 4.864   -1.057  2.298   0.50 40.01  ? 46  LEU A CA  1 
ATOM   384  C  CA  B LEU A 1 65  ? 4.850   -1.063  2.288   0.50 40.34  ? 46  LEU A CA  1 
ATOM   385  C  C   . LEU A 1 65  ? 3.432   -1.521  2.586   1.00 39.12  ? 46  LEU A C   1 
ATOM   386  O  O   . LEU A 1 65  ? 2.724   -1.932  1.679   1.00 39.14  ? 46  LEU A O   1 
ATOM   387  C  CB  A LEU A 1 65  ? 5.841   -2.139  2.761   0.50 39.01  ? 46  LEU A CB  1 
ATOM   388  C  CB  B LEU A 1 65  ? 5.844   -2.178  2.662   0.50 38.91  ? 46  LEU A CB  1 
ATOM   389  C  CG  A LEU A 1 65  ? 5.803   -3.498  2.067   0.50 39.30  ? 46  LEU A CG  1 
ATOM   390  C  CG  B LEU A 1 65  ? 5.530   -3.634  2.241   0.50 41.14  ? 46  LEU A CG  1 
ATOM   391  C  CD1 A LEU A 1 65  ? 6.312   -3.333  0.669   0.50 30.76  ? 46  LEU A CD1 1 
ATOM   392  C  CD1 B LEU A 1 65  ? 6.802   -4.466  2.105   0.50 39.37  ? 46  LEU A CD1 1 
ATOM   393  C  CD2 A LEU A 1 65  ? 6.641   -4.525  2.845   0.50 38.75  ? 46  LEU A CD2 1 
ATOM   394  C  CD2 B LEU A 1 65  ? 4.513   -4.375  3.178   0.50 32.38  ? 46  LEU A CD2 1 
ATOM   395  N  N   . ALA A 1 66  ? 3.034   -1.489  3.858   1.00 38.44  ? 47  ALA A N   1 
ATOM   396  C  CA  . ALA A 1 66  ? 1.653   -1.927  4.269   1.00 39.44  ? 47  ALA A CA  1 
ATOM   397  C  C   . ALA A 1 66  ? 0.614   -1.084  3.540   1.00 40.33  ? 47  ALA A C   1 
ATOM   398  O  O   . ALA A 1 66  ? -0.326  -1.620  2.937   1.00 36.04  ? 47  ALA A O   1 
ATOM   399  C  CB  . ALA A 1 66  ? 1.455   -1.837  5.805   1.00 39.75  ? 47  ALA A CB  1 
ATOM   400  N  N   . THR A 1 67  ? 0.834   0.230   3.527   1.00 42.06  ? 48  THR A N   1 
ATOM   401  C  CA  . THR A 1 67  ? -0.078  1.159   2.841   1.00 41.95  ? 48  THR A CA  1 
ATOM   402  C  C   . THR A 1 67  ? -0.148  0.968   1.315   1.00 41.46  ? 48  THR A C   1 
ATOM   403  O  O   . THR A 1 67  ? -1.223  1.112   0.732   1.00 42.17  ? 48  THR A O   1 
ATOM   404  C  CB  . THR A 1 67  ? 0.258   2.620   3.203   1.00 44.62  ? 48  THR A CB  1 
ATOM   405  O  OG1 . THR A 1 67  ? 0.353   2.714   4.626   1.00 45.66  ? 48  THR A OG1 1 
ATOM   406  C  CG2 . THR A 1 67  ? -0.808  3.589   2.667   1.00 39.99  ? 48  THR A CG2 1 
ATOM   407  N  N   . SER A 1 68  ? 0.980   0.655   0.680   1.00 42.30  ? 49  SER A N   1 
ATOM   408  C  CA  . SER A 1 68  ? 1.029   0.394   -0.768  1.00 40.13  ? 49  SER A CA  1 
ATOM   409  C  C   . SER A 1 68  ? 0.116   -0.770  -1.169  1.00 40.13  ? 49  SER A C   1 
ATOM   410  O  O   . SER A 1 68  ? -0.496  -0.706  -2.221  1.00 42.04  ? 49  SER A O   1 
ATOM   411  C  CB  . SER A 1 68  ? 2.468   0.157   -1.286  1.00 43.76  ? 49  SER A CB  1 
ATOM   412  O  OG  . SER A 1 68  ? 2.962   -1.121  -0.954  1.00 42.92  ? 49  SER A OG  1 
ATOM   413  N  N   . LEU A 1 69  ? 0.000   -1.791  -0.301  1.00 41.23  ? 50  LEU A N   1 
ATOM   414  C  CA  . LEU A 1 69  ? -0.888  -2.921  -0.535  1.00 40.73  ? 50  LEU A CA  1 
ATOM   415  C  C   . LEU A 1 69  ? -2.319  -2.449  -0.612  1.00 40.71  ? 50  LEU A C   1 
ATOM   416  O  O   . LEU A 1 69  ? -3.010  -2.792  -1.553  1.00 40.72  ? 50  LEU A O   1 
ATOM   417  C  CB  . LEU A 1 69  ? -0.788  -3.991  0.569   1.00 41.72  ? 50  LEU A CB  1 
ATOM   418  C  CG  . LEU A 1 69  ? -1.668  -5.242  0.378   1.00 42.00  ? 50  LEU A CG  1 
ATOM   419  C  CD1 . LEU A 1 69  ? -1.449  -5.902  -1.037  1.00 36.44  ? 50  LEU A CD1 1 
ATOM   420  C  CD2 . LEU A 1 69  ? -1.364  -6.250  1.509   1.00 40.71  ? 50  LEU A CD2 1 
ATOM   421  N  N   . ALA A 1 70  ? -2.736  -1.647  0.374   1.00 40.53  ? 51  ALA A N   1 
ATOM   422  C  CA  . ALA A 1 70  ? -4.091  -1.078  0.422   1.00 42.06  ? 51  ALA A CA  1 
ATOM   423  C  C   . ALA A 1 70  ? -4.365  -0.154  -0.770  1.00 41.52  ? 51  ALA A C   1 
ATOM   424  O  O   . ALA A 1 70  ? -5.443  -0.205  -1.369  1.00 40.50  ? 51  ALA A O   1 
ATOM   425  C  CB  . ALA A 1 70  ? -4.328  -0.341  1.737   1.00 38.90  ? 51  ALA A CB  1 
ATOM   426  N  N   . SER A 1 71  ? -3.397  0.685   -1.109  1.00 41.89  ? 52  SER A N   1 
ATOM   427  C  CA  . SER A 1 71  ? -3.527  1.565   -2.295  1.00 39.36  ? 52  SER A CA  1 
ATOM   428  C  C   . SER A 1 71  ? -3.688  0.776   -3.584  1.00 39.19  ? 52  SER A C   1 
ATOM   429  O  O   . SER A 1 71  ? -4.518  1.125   -4.431  1.00 37.70  ? 52  SER A O   1 
ATOM   430  C  CB  . SER A 1 71  ? -2.326  2.490   -2.438  1.00 41.06  ? 52  SER A CB  1 
ATOM   431  O  OG  . SER A 1 71  ? -2.424  3.502   -1.475  1.00 40.55  ? 52  SER A OG  1 
ATOM   432  N  N   . CYS A 1 72  ? -2.913  -0.294  -3.709  1.00 39.70  ? 53  CYS A N   1 
ATOM   433  C  CA  . CYS A 1 72  ? -2.968  -1.160  -4.873  1.00 41.88  ? 53  CYS A CA  1 
ATOM   434  C  C   . CYS A 1 72  ? -4.344  -1.830  -4.995  1.00 39.39  ? 53  CYS A C   1 
ATOM   435  O  O   . CYS A 1 72  ? -4.932  -1.860  -6.086  1.00 40.67  ? 53  CYS A O   1 
ATOM   436  C  CB  . CYS A 1 72  ? -1.864  -2.208  -4.800  1.00 42.38  ? 53  CYS A CB  1 
ATOM   437  S  SG  . CYS A 1 72  ? -1.730  -3.156  -6.276  1.00 44.12  ? 53  CYS A SG  1 
HETATM 438  N  N   . MSE A 1 73  ? -4.856  -2.310  -3.860  1.00 40.08  ? 54  MSE A N   1 
HETATM 439  C  CA  . MSE A 1 73  ? -6.177  -2.957  -3.782  1.00 40.72  ? 54  MSE A CA  1 
HETATM 440  C  C   . MSE A 1 73  ? -7.319  -2.023  -4.195  1.00 40.34  ? 54  MSE A C   1 
HETATM 441  O  O   . MSE A 1 73  ? -8.165  -2.417  -4.999  1.00 40.16  ? 54  MSE A O   1 
HETATM 442  C  CB  . MSE A 1 73  ? -6.436  -3.491  -2.379  1.00 36.42  ? 54  MSE A CB  1 
HETATM 443  C  CG  . MSE A 1 73  ? -5.635  -4.709  -2.080  1.00 37.47  ? 54  MSE A CG  1 
HETATM 444  SE SE  . MSE A 1 73  ? -6.043  -5.470  -0.330  0.75 43.47  ? 54  MSE A SE  1 
HETATM 445  C  CE  . MSE A 1 73  ? -4.832  -6.972  -0.428  1.00 43.78  ? 54  MSE A CE  1 
ATOM   446  N  N   . LEU A 1 74  ? -7.316  -0.796  -3.651  1.00 40.56  ? 55  LEU A N   1 
ATOM   447  C  CA  . LEU A 1 74  ? -8.312  0.209   -4.014  1.00 39.73  ? 55  LEU A CA  1 
ATOM   448  C  C   . LEU A 1 74  ? -8.216  0.594   -5.495  1.00 40.44  ? 55  LEU A C   1 
ATOM   449  O  O   . LEU A 1 74  ? -9.240  0.813   -6.137  1.00 38.02  ? 55  LEU A O   1 
ATOM   450  C  CB  . LEU A 1 74  ? -8.221  1.456   -3.129  1.00 39.64  ? 55  LEU A CB  1 
ATOM   451  C  CG  . LEU A 1 74  ? -8.610  1.361   -1.647  1.00 42.68  ? 55  LEU A CG  1 
ATOM   452  C  CD1 . LEU A 1 74  ? -8.447  2.724   -1.009  1.00 41.52  ? 55  LEU A CD1 1 
ATOM   453  C  CD2 . LEU A 1 74  ? -10.044 0.864   -1.466  1.00 41.72  ? 55  LEU A CD2 1 
ATOM   454  N  N   . THR A 1 75  ? -6.991  0.647   -6.031  1.00 41.77  ? 56  THR A N   1 
ATOM   455  C  CA  . THR A 1 75  ? -6.752  1.029   -7.434  1.00 39.43  ? 56  THR A CA  1 
ATOM   456  C  C   . THR A 1 75  ? -7.307  -0.035  -8.387  1.00 41.29  ? 56  THR A C   1 
ATOM   457  O  O   . THR A 1 75  ? -8.032  0.304   -9.334  1.00 41.82  ? 56  THR A O   1 
ATOM   458  C  CB  . THR A 1 75  ? -5.254  1.294   -7.695  1.00 38.26  ? 56  THR A CB  1 
ATOM   459  O  OG1 . THR A 1 75  ? -4.793  2.311   -6.786  1.00 39.93  ? 56  THR A OG1 1 
ATOM   460  C  CG2 . THR A 1 75  ? -5.003  1.740   -9.145  1.00 32.05  ? 56  THR A CG2 1 
ATOM   461  N  N   . ILE A 1 76  ? -6.984  -1.305  -8.132  1.00 40.71  ? 57  ILE A N   1 
ATOM   462  C  CA  . ILE A 1 76  ? -7.484  -2.417  -8.969  1.00 42.10  ? 57  ILE A CA  1 
ATOM   463  C  C   . ILE A 1 76  ? -9.004  -2.592  -8.799  1.00 39.95  ? 57  ILE A C   1 
ATOM   464  O  O   . ILE A 1 76  ? -9.676  -2.947  -9.774  1.00 38.76  ? 57  ILE A O   1 
ATOM   465  C  CB  . ILE A 1 76  ? -6.692  -3.743  -8.763  1.00 41.18  ? 57  ILE A CB  1 
ATOM   466  C  CG1 . ILE A 1 76  ? -6.912  -4.680  -9.953  1.00 46.52  ? 57  ILE A CG1 1 
ATOM   467  C  CG2 . ILE A 1 76  ? -7.044  -4.404  -7.438  1.00 46.69  ? 57  ILE A CG2 1 
ATOM   468  C  CD1 . ILE A 1 76  ? -6.177  -6.002  -9.858  1.00 50.21  ? 57  ILE A CD1 1 
ATOM   469  N  N   . ILE A 1 77  ? -9.536  -2.336  -7.589  1.00 39.68  ? 58  ILE A N   1 
ATOM   470  C  CA  . ILE A 1 77  ? -11.012 -2.294  -7.374  1.00 38.96  ? 58  ILE A CA  1 
ATOM   471  C  C   . ILE A 1 77  ? -11.623 -1.146  -8.200  1.00 40.59  ? 58  ILE A C   1 
ATOM   472  O  O   . ILE A 1 77  ? -12.673 -1.329  -8.816  1.00 38.11  ? 58  ILE A O   1 
ATOM   473  C  CB  . ILE A 1 77  ? -11.431 -2.194  -5.862  1.00 38.68  ? 58  ILE A CB  1 
ATOM   474  C  CG1 . ILE A 1 77  ? -11.192 -3.538  -5.172  1.00 38.37  ? 58  ILE A CG1 1 
ATOM   475  C  CG2 . ILE A 1 77  ? -12.927 -1.826  -5.720  1.00 38.88  ? 58  ILE A CG2 1 
ATOM   476  C  CD1 . ILE A 1 77  ? -11.238 -3.482  -3.630  1.00 37.90  ? 58  ILE A CD1 1 
ATOM   477  N  N   . GLY A 1 78  ? -10.949 0.008   -8.231  1.00 38.79  ? 59  GLY A N   1 
ATOM   478  C  CA  . GLY A 1 78  ? -11.386 1.159   -9.049  1.00 39.70  ? 59  GLY A CA  1 
ATOM   479  C  C   . GLY A 1 78  ? -11.494 0.860   -10.538 1.00 38.69  ? 59  GLY A C   1 
ATOM   480  O  O   . GLY A 1 78  ? -12.414 1.322   -11.196 1.00 39.75  ? 59  GLY A O   1 
ATOM   481  N  N   . ILE A 1 79  ? -10.549 0.081   -11.063 1.00 38.91  ? 60  ILE A N   1 
ATOM   482  C  CA  . ILE A 1 79  ? -10.572 -0.368  -12.465 1.00 38.54  ? 60  ILE A CA  1 
ATOM   483  C  C   . ILE A 1 79  ? -11.801 -1.242  -12.698 1.00 38.38  ? 60  ILE A C   1 
ATOM   484  O  O   . ILE A 1 79  ? -12.503 -1.070  -13.691 1.00 35.07  ? 60  ILE A O   1 
ATOM   485  C  CB  . ILE A 1 79  ? -9.293  -1.179  -12.832 1.00 39.94  ? 60  ILE A CB  1 
ATOM   486  C  CG1 . ILE A 1 79  ? -8.065  -0.261  -12.834 1.00 42.05  ? 60  ILE A CG1 1 
ATOM   487  C  CG2 . ILE A 1 79  ? -9.444  -1.868  -14.188 1.00 34.54  ? 60  ILE A CG2 1 
ATOM   488  C  CD1 . ILE A 1 79  ? -6.748  -0.966  -13.179 1.00 43.41  ? 60  ILE A CD1 1 
ATOM   489  N  N   . LYS A 1 80  ? -12.057 -2.155  -11.763 1.00 37.94  ? 61  LYS A N   1 
ATOM   490  C  CA  . LYS A 1 80  ? -13.202 -3.072  -11.839 1.00 40.49  ? 61  LYS A CA  1 
ATOM   491  C  C   . LYS A 1 80  ? -14.511 -2.307  -11.678 1.00 40.81  ? 61  LYS A C   1 
ATOM   492  O  O   . LYS A 1 80  ? -15.463 -2.573  -12.411 1.00 40.54  ? 61  LYS A O   1 
ATOM   493  C  CB  . LYS A 1 80  ? -13.121 -4.200  -10.797 1.00 41.98  ? 61  LYS A CB  1 
ATOM   494  C  CG  . LYS A 1 80  ? -13.861 -5.458  -11.273 1.00 48.65  ? 61  LYS A CG  1 
ATOM   495  C  CD  . LYS A 1 80  ? -12.947 -6.309  -12.174 1.00 54.94  ? 61  LYS A CD  1 
ATOM   496  C  CE  . LYS A 1 80  ? -13.708 -7.130  -13.184 1.00 57.04  ? 61  LYS A CE  1 
ATOM   497  N  NZ  . LYS A 1 80  ? -14.782 -7.950  -12.593 1.00 61.57  ? 61  LYS A NZ  1 
ATOM   498  N  N   . ALA A 1 81  ? -14.544 -1.360  -10.736 1.00 42.35  ? 62  ALA A N   1 
ATOM   499  C  CA  . ALA A 1 81  ? -15.727 -0.483  -10.523 1.00 41.84  ? 62  ALA A CA  1 
ATOM   500  C  C   . ALA A 1 81  ? -16.009 0.405   -11.716 1.00 40.98  ? 62  ALA A C   1 
ATOM   501  O  O   . ALA A 1 81  ? -17.175 0.709   -11.978 1.00 39.56  ? 62  ALA A O   1 
ATOM   502  C  CB  . ALA A 1 81  ? -15.572 0.374   -9.259  1.00 41.56  ? 62  ALA A CB  1 
ATOM   503  N  N   . ARG A 1 82  ? -14.949 0.835   -12.418 1.00 42.29  ? 63  ARG A N   1 
ATOM   504  C  CA  A ARG A 1 82  ? -15.099 1.660   -13.623 0.50 42.00  ? 63  ARG A CA  1 
ATOM   505  C  CA  B ARG A 1 82  ? -15.085 1.661   -13.625 0.50 41.85  ? 63  ARG A CA  1 
ATOM   506  C  C   . ARG A 1 82  ? -15.716 0.814   -14.729 1.00 42.61  ? 63  ARG A C   1 
ATOM   507  O  O   . ARG A 1 82  ? -16.632 1.274   -15.414 1.00 38.14  ? 63  ARG A O   1 
ATOM   508  C  CB  A ARG A 1 82  ? -13.764 2.259   -14.086 0.50 42.07  ? 63  ARG A CB  1 
ATOM   509  C  CB  B ARG A 1 82  ? -13.719 2.203   -14.073 0.50 42.08  ? 63  ARG A CB  1 
ATOM   510  C  CG  A ARG A 1 82  ? -13.858 3.137   -15.339 0.50 44.77  ? 63  ARG A CG  1 
ATOM   511  C  CG  B ARG A 1 82  ? -13.691 3.071   -15.351 0.50 43.75  ? 63  ARG A CG  1 
ATOM   512  C  CD  A ARG A 1 82  ? -12.507 3.665   -15.746 0.50 44.62  ? 63  ARG A CD  1 
ATOM   513  C  CD  B ARG A 1 82  ? -12.278 3.131   -15.920 0.50 44.13  ? 63  ARG A CD  1 
ATOM   514  N  NE  A ARG A 1 82  ? -11.987 4.639   -14.789 0.50 50.18  ? 63  ARG A NE  1 
ATOM   515  N  NE  B ARG A 1 82  ? -11.813 1.797   -16.347 0.50 46.33  ? 63  ARG A NE  1 
ATOM   516  C  CZ  A ARG A 1 82  ? -10.764 5.177   -14.816 0.50 49.49  ? 63  ARG A CZ  1 
ATOM   517  C  CZ  B ARG A 1 82  ? -10.540 1.419   -16.516 0.50 47.07  ? 63  ARG A CZ  1 
ATOM   518  N  NH1 A ARG A 1 82  ? -9.869  4.845   -15.746 0.50 43.41  ? 63  ARG A NH1 1 
ATOM   519  N  NH1 B ARG A 1 82  ? -9.522  2.253   -16.290 0.50 41.51  ? 63  ARG A NH1 1 
ATOM   520  N  NH2 A ARG A 1 82  ? -10.428 6.064   -13.886 0.50 50.38  ? 63  ARG A NH2 1 
ATOM   521  N  NH2 B ARG A 1 82  ? -10.272 0.166   -16.895 0.50 47.02  ? 63  ARG A NH2 1 
ATOM   522  N  N   . ASP A 1 83  ? -15.205 -0.409  -14.905 1.00 42.71  ? 64  ASP A N   1 
ATOM   523  C  CA  . ASP A 1 83  ? -15.738 -1.334  -15.919 1.00 42.71  ? 64  ASP A CA  1 
ATOM   524  C  C   . ASP A 1 83  ? -17.195 -1.720  -15.650 1.00 42.71  ? 64  ASP A C   1 
ATOM   525  O  O   . ASP A 1 83  ? -17.953 -1.906  -16.584 1.00 43.53  ? 64  ASP A O   1 
ATOM   526  C  CB  . ASP A 1 83  ? -14.919 -2.626  -16.002 1.00 42.80  ? 64  ASP A CB  1 
ATOM   527  C  CG  . ASP A 1 83  ? -13.524 -2.433  -16.579 1.00 44.10  ? 64  ASP A CG  1 
ATOM   528  O  OD1 . ASP A 1 83  ? -13.271 -1.439  -17.288 1.00 52.60  ? 64  ASP A OD1 1 
ATOM   529  O  OD2 . ASP A 1 83  ? -12.675 -3.319  -16.329 1.00 44.93  ? 64  ASP A OD2 1 
HETATM 530  N  N   . MSE A 1 84  ? -17.557 -1.849  -14.377 1.00 43.74  ? 65  MSE A N   1 
HETATM 531  C  CA  . MSE A 1 84  ? -18.930 -2.163  -13.968 1.00 44.47  ? 65  MSE A CA  1 
HETATM 532  C  C   . MSE A 1 84  ? -19.828 -0.925  -13.789 1.00 43.78  ? 65  MSE A C   1 
HETATM 533  O  O   . MSE A 1 84  ? -21.008 -1.076  -13.462 1.00 45.46  ? 65  MSE A O   1 
HETATM 534  C  CB  . MSE A 1 84  ? -18.895 -2.990  -12.681 1.00 43.57  ? 65  MSE A CB  1 
HETATM 535  C  CG  . MSE A 1 84  ? -18.151 -4.306  -12.854 1.00 46.34  ? 65  MSE A CG  1 
HETATM 536  SE SE  . MSE A 1 84  ? -17.978 -5.297  -11.220 0.75 45.86  ? 65  MSE A SE  1 
HETATM 537  C  CE  . MSE A 1 84  ? -19.846 -5.774  -11.132 1.00 37.39  ? 65  MSE A CE  1 
ATOM   538  N  N   . GLU A 1 85  ? -19.281 0.281   -13.999 1.00 44.04  ? 66  GLU A N   1 
ATOM   539  C  CA  . GLU A 1 85  ? -20.016 1.558   -13.890 1.00 45.11  ? 66  GLU A CA  1 
ATOM   540  C  C   . GLU A 1 85  ? -20.594 1.829   -12.479 1.00 45.67  ? 66  GLU A C   1 
ATOM   541  O  O   . GLU A 1 85  ? -21.738 2.285   -12.322 1.00 43.09  ? 66  GLU A O   1 
ATOM   542  C  CB  . GLU A 1 85  ? -21.063 1.681   -15.015 1.00 45.31  ? 66  GLU A CB  1 
ATOM   543  C  CG  . GLU A 1 85  ? -20.438 1.605   -16.423 1.00 44.42  ? 66  GLU A CG  1 
ATOM   544  C  CD  . GLU A 1 85  ? -21.411 1.869   -17.565 1.00 47.44  ? 66  GLU A CD  1 
ATOM   545  O  OE1 . GLU A 1 85  ? -22.399 2.626   -17.386 1.00 44.74  ? 66  GLU A OE1 1 
ATOM   546  O  OE2 . GLU A 1 85  ? -21.169 1.325   -18.668 1.00 46.58  ? 66  GLU A OE2 1 
ATOM   547  N  N   . ILE A 1 86  ? -19.755 1.560   -11.473 1.00 45.87  ? 67  ILE A N   1 
ATOM   548  C  CA  . ILE A 1 86  ? -20.051 1.762   -10.053 1.00 48.14  ? 67  ILE A CA  1 
ATOM   549  C  C   . ILE A 1 86  ? -19.087 2.847   -9.554  1.00 48.92  ? 67  ILE A C   1 
ATOM   550  O  O   . ILE A 1 86  ? -17.863 2.653   -9.613  1.00 49.17  ? 67  ILE A O   1 
ATOM   551  C  CB  . ILE A 1 86  ? -19.813 0.459   -9.230  1.00 50.18  ? 67  ILE A CB  1 
ATOM   552  C  CG1 . ILE A 1 86  ? -20.689 -0.700  -9.744  1.00 47.76  ? 67  ILE A CG1 1 
ATOM   553  C  CG2 . ILE A 1 86  ? -20.085 0.692   -7.736  1.00 48.29  ? 67  ILE A CG2 1 
ATOM   554  C  CD1 . ILE A 1 86  ? -20.316 -2.053  -9.122  1.00 49.67  ? 67  ILE A CD1 1 
ATOM   555  N  N   . ASP A 1 87  ? -19.630 3.982   -9.097  1.00 49.31  ? 68  ASP A N   1 
ATOM   556  C  CA  . ASP A 1 87  ? -18.831 5.077   -8.532  1.00 50.14  ? 68  ASP A CA  1 
ATOM   557  C  C   . ASP A 1 87  ? -18.519 4.659   -7.099  1.00 49.63  ? 68  ASP A C   1 
ATOM   558  O  O   . ASP A 1 87  ? -19.441 4.485   -6.291  1.00 50.93  ? 68  ASP A O   1 
ATOM   559  C  CB  . ASP A 1 87  ? -19.589 6.420   -8.551  1.00 51.48  ? 68  ASP A CB  1 
ATOM   560  C  CG  . ASP A 1 87  ? -18.710 7.623   -8.158  1.00 53.52  ? 68  ASP A CG  1 
ATOM   561  O  OD1 . ASP A 1 87  ? -17.672 7.462   -7.480  1.00 58.78  ? 68  ASP A OD1 1 
ATOM   562  O  OD2 . ASP A 1 87  ? -19.069 8.760   -8.530  1.00 57.27  ? 68  ASP A OD2 1 
ATOM   563  N  N   . ILE A 1 88  ? -17.230 4.489   -6.808  1.00 46.83  ? 69  ILE A N   1 
ATOM   564  C  CA  . ILE A 1 88  ? -16.767 4.119   -5.470  1.00 44.91  ? 69  ILE A CA  1 
ATOM   565  C  C   . ILE A 1 88  ? -15.931 5.219   -4.805  1.00 42.85  ? 69  ILE A C   1 
ATOM   566  O  O   . ILE A 1 88  ? -15.230 4.940   -3.840  1.00 42.40  ? 69  ILE A O   1 
ATOM   567  C  CB  . ILE A 1 88  ? -16.034 2.719   -5.453  1.00 45.76  ? 69  ILE A CB  1 
ATOM   568  C  CG1 . ILE A 1 88  ? -14.820 2.691   -6.383  1.00 39.13  ? 69  ILE A CG1 1 
ATOM   569  C  CG2 . ILE A 1 88  ? -17.016 1.633   -5.830  1.00 46.05  ? 69  ILE A CG2 1 
ATOM   570  C  CD1 . ILE A 1 88  ? -13.795 1.625   -6.010  1.00 45.83  ? 69  ILE A CD1 1 
ATOM   571  N  N   . ALA A 1 89  ? -16.031 6.474   -5.274  1.00 41.63  ? 70  ALA A N   1 
ATOM   572  C  CA  . ALA A 1 89  ? -15.281 7.598   -4.664  1.00 40.88  ? 70  ALA A CA  1 
ATOM   573  C  C   . ALA A 1 89  ? -15.672 7.717   -3.187  1.00 42.55  ? 70  ALA A C   1 
ATOM   574  O  O   . ALA A 1 89  ? -16.831 7.487   -2.818  1.00 41.80  ? 70  ALA A O   1 
ATOM   575  C  CB  . ALA A 1 89  ? -15.527 8.928   -5.415  1.00 40.50  ? 70  ALA A CB  1 
ATOM   576  N  N   . GLY A 1 90  ? -14.692 7.995   -2.334  1.00 42.30  ? 71  GLY A N   1 
ATOM   577  C  CA  . GLY A 1 90  ? -14.931 8.078   -0.891  1.00 41.71  ? 71  GLY A CA  1 
ATOM   578  C  C   . GLY A 1 90  ? -14.775 6.752   -0.158  1.00 41.07  ? 71  GLY A C   1 
ATOM   579  O  O   . GLY A 1 90  ? -14.855 6.730   1.081   1.00 39.54  ? 71  GLY A O   1 
ATOM   580  N  N   . THR A 1 91  ? -14.553 5.653   -0.895  1.00 39.81  ? 72  THR A N   1 
ATOM   581  C  CA  . THR A 1 91  ? -14.252 4.353   -0.296  1.00 40.95  ? 72  THR A CA  1 
ATOM   582  C  C   . THR A 1 91  ? -12.964 4.532   0.516   1.00 43.37  ? 72  THR A C   1 
ATOM   583  O  O   . THR A 1 91  ? -12.076 5.292   0.114   1.00 45.13  ? 72  THR A O   1 
ATOM   584  C  CB  . THR A 1 91  ? -14.076 3.238   -1.374  1.00 40.34  ? 72  THR A CB  1 
ATOM   585  O  OG1 . THR A 1 91  ? -15.330 3.018   -2.030  1.00 40.64  ? 72  THR A OG1 1 
ATOM   586  C  CG2 . THR A 1 91  ? -13.611 1.893   -0.732  1.00 36.76  ? 72  THR A CG2 1 
ATOM   587  N  N   . THR A 1 92  ? -12.890 3.877   1.670   1.00 45.18  ? 73  THR A N   1 
ATOM   588  C  CA  . THR A 1 92  ? -11.740 3.986   2.551   1.00 44.47  ? 73  THR A CA  1 
ATOM   589  C  C   . THR A 1 92  ? -11.187 2.621   2.931   1.00 44.84  ? 73  THR A C   1 
ATOM   590  O  O   . THR A 1 92  ? -11.919 1.623   2.941   1.00 44.39  ? 73  THR A O   1 
ATOM   591  C  CB  . THR A 1 92  ? -12.098 4.757   3.826   1.00 46.85  ? 73  THR A CB  1 
ATOM   592  O  OG1 . THR A 1 92  ? -13.150 4.073   4.519   1.00 46.19  ? 73  THR A OG1 1 
ATOM   593  C  CG2 . THR A 1 92  ? -12.550 6.184   3.494   1.00 41.27  ? 73  THR A CG2 1 
ATOM   594  N  N   . ALA A 1 93  ? -9.896  2.594   3.250   1.00 44.27  ? 74  ALA A N   1 
ATOM   595  C  CA  . ALA A 1 93  ? -9.201  1.382   3.683   1.00 45.34  ? 74  ALA A CA  1 
ATOM   596  C  C   . ALA A 1 93  ? -8.346  1.699   4.912   1.00 46.45  ? 74  ALA A C   1 
ATOM   597  O  O   . ALA A 1 93  ? -7.415  2.499   4.786   1.00 48.13  ? 74  ALA A O   1 
ATOM   598  C  CB  . ALA A 1 93  ? -8.323  0.829   2.543   1.00 43.86  ? 74  ALA A CB  1 
ATOM   599  N  N   . GLU A 1 94  ? -8.684  1.116   6.079   1.00 45.64  ? 75  GLU A N   1 
ATOM   600  C  CA  . GLU A 1 94  ? -7.892  1.245   7.327   1.00 44.35  ? 75  GLU A CA  1 
ATOM   601  C  C   . GLU A 1 94  ? -6.865  0.124   7.322   1.00 42.66  ? 75  GLU A C   1 
ATOM   602  O  O   . GLU A 1 94  ? -7.228  -1.048  7.209   1.00 40.63  ? 75  GLU A O   1 
ATOM   603  C  CB  . GLU A 1 94  ? -8.736  1.136   8.600   1.00 43.82  ? 75  GLU A CB  1 
ATOM   604  C  CG  . GLU A 1 94  ? -9.503  2.380   8.893   1.00 51.37  ? 75  GLU A CG  1 
ATOM   605  C  CD  . GLU A 1 94  ? -10.531 2.251   10.005  1.00 57.98  ? 75  GLU A CD  1 
ATOM   606  O  OE1 . GLU A 1 94  ? -10.587 1.204   10.693  1.00 65.93  ? 75  GLU A OE1 1 
ATOM   607  O  OE2 . GLU A 1 94  ? -11.297 3.220   10.187  1.00 65.12  ? 75  GLU A OE2 1 
ATOM   608  N  N   . VAL A 1 95  ? -5.595  0.496   7.455   1.00 42.14  ? 76  VAL A N   1 
ATOM   609  C  CA  . VAL A 1 95  ? -4.483  -0.430  7.339   1.00 41.22  ? 76  VAL A CA  1 
ATOM   610  C  C   . VAL A 1 95  ? -3.888  -0.616  8.709   1.00 41.08  ? 76  VAL A C   1 
ATOM   611  O  O   . VAL A 1 95  ? -3.598  0.362   9.412   1.00 40.88  ? 76  VAL A O   1 
ATOM   612  C  CB  . VAL A 1 95  ? -3.387  0.103   6.383   1.00 41.22  ? 76  VAL A CB  1 
ATOM   613  C  CG1 . VAL A 1 95  ? -2.234  -0.945  6.235   1.00 39.85  ? 76  VAL A CG1 1 
ATOM   614  C  CG2 . VAL A 1 95  ? -3.965  0.450   4.997   1.00 42.61  ? 76  VAL A CG2 1 
ATOM   615  N  N   . THR A 1 96  ? -3.746  -1.874  9.105   1.00 40.94  ? 77  THR A N   1 
ATOM   616  C  CA  . THR A 1 96  ? -3.138  -2.230  10.382  1.00 41.07  ? 77  THR A CA  1 
ATOM   617  C  C   . THR A 1 96  ? -2.025  -3.201  10.031  1.00 42.24  ? 77  THR A C   1 
ATOM   618  O  O   . THR A 1 96  ? -2.237  -4.081  9.214   1.00 41.30  ? 77  THR A O   1 
ATOM   619  C  CB  . THR A 1 96  ? -4.206  -2.869  11.327  1.00 39.36  ? 77  THR A CB  1 
ATOM   620  O  OG1 . THR A 1 96  ? -5.162  -1.867  11.719  1.00 45.52  ? 77  THR A OG1 1 
ATOM   621  C  CG2 . THR A 1 96  ? -3.571  -3.438  12.572  1.00 39.75  ? 77  THR A CG2 1 
ATOM   622  N  N   . LYS A 1 97  ? -0.838  -3.035  10.610  1.00 43.91  ? 78  LYS A N   1 
ATOM   623  C  CA  . LYS A 1 97  ? 0.259   -3.971  10.339  1.00 44.46  ? 78  LYS A CA  1 
ATOM   624  C  C   . LYS A 1 97  ? 0.641   -4.687  11.612  1.00 45.05  ? 78  LYS A C   1 
ATOM   625  O  O   . LYS A 1 97  ? 0.523   -4.114  12.704  1.00 43.27  ? 78  LYS A O   1 
ATOM   626  C  CB  . LYS A 1 97  ? 1.483   -3.280  9.710   1.00 48.00  ? 78  LYS A CB  1 
ATOM   627  C  CG  . LYS A 1 97  ? 2.295   -2.404  10.647  1.00 52.51  ? 78  LYS A CG  1 
ATOM   628  C  CD  . LYS A 1 97  ? 3.590   -1.915  10.026  1.00 47.11  ? 78  LYS A CD  1 
ATOM   629  C  CE  . LYS A 1 97  ? 4.395   -1.223  11.115  1.00 44.39  ? 78  LYS A CE  1 
ATOM   630  N  NZ  . LYS A 1 97  ? 5.533   -0.488  10.554  1.00 44.67  ? 78  LYS A NZ  1 
ATOM   631  N  N   . VAL A 1 98  ? 1.087   -5.933  11.458  1.00 43.93  ? 79  VAL A N   1 
ATOM   632  C  CA  . VAL A 1 98  ? 1.648   -6.716  12.547  1.00 42.99  ? 79  VAL A CA  1 
ATOM   633  C  C   . VAL A 1 98  ? 3.076   -7.055  12.102  1.00 42.57  ? 79  VAL A C   1 
ATOM   634  O  O   . VAL A 1 98  ? 3.317   -7.404  10.924  1.00 39.54  ? 79  VAL A O   1 
ATOM   635  C  CB  . VAL A 1 98  ? 0.862   -8.011  12.834  1.00 42.92  ? 79  VAL A CB  1 
ATOM   636  C  CG1 . VAL A 1 98  ? 1.464   -8.760  14.066  1.00 40.44  ? 79  VAL A CG1 1 
ATOM   637  C  CG2 . VAL A 1 98  ? -0.620  -7.689  13.084  1.00 43.25  ? 79  VAL A CG2 1 
HETATM 638  N  N   . MSE A 1 99  ? 4.011   -6.920  13.039  1.00 39.56  ? 80  MSE A N   1 
HETATM 639  C  CA  . MSE A 1 99  ? 5.411   -7.255  12.812  1.00 39.55  ? 80  MSE A CA  1 
HETATM 640  C  C   . MSE A 1 99  ? 5.736   -8.540  13.552  1.00 40.36  ? 80  MSE A C   1 
HETATM 641  O  O   . MSE A 1 99  ? 5.068   -8.878  14.537  1.00 37.34  ? 80  MSE A O   1 
HETATM 642  C  CB  . MSE A 1 99  ? 6.341   -6.141  13.324  1.00 40.01  ? 80  MSE A CB  1 
HETATM 643  C  CG  . MSE A 1 99  ? 6.064   -4.739  12.768  1.00 42.84  ? 80  MSE A CG  1 
HETATM 644  SE SE  . MSE A 1 99  ? 6.208   -4.609  10.848  0.75 42.21  ? 80  MSE A SE  1 
HETATM 645  C  CE  . MSE A 1 99  ? 8.105   -4.703  10.583  1.00 36.94  ? 80  MSE A CE  1 
ATOM   646  N  N   . ALA A 1 100 ? 6.737   -9.256  13.031  1.00 40.82  ? 81  ALA A N   1 
ATOM   647  C  CA  . ALA A 1 100 ? 7.366   -10.399 13.675  1.00 39.80  ? 81  ALA A CA  1 
ATOM   648  C  C   . ALA A 1 100 ? 8.813   -9.970  13.928  1.00 39.13  ? 81  ALA A C   1 
ATOM   649  O  O   . ALA A 1 100 ? 9.295   -9.002  13.328  1.00 39.27  ? 81  ALA A O   1 
ATOM   650  C  CB  . ALA A 1 100 ? 7.316   -11.636 12.794  1.00 41.95  ? 81  ALA A CB  1 
ATOM   651  N  N   . ALA A 1 101 ? 9.488   -10.684 14.818  1.00 38.90  ? 82  ALA A N   1 
ATOM   652  C  CA  . ALA A 1 101 ? 10.894  -10.423 15.178  1.00 38.83  ? 82  ALA A CA  1 
ATOM   653  C  C   . ALA A 1 101 ? 11.795  -11.516 14.642  1.00 40.29  ? 82  ALA A C   1 
ATOM   654  O  O   . ALA A 1 101 ? 11.326  -12.562 14.167  1.00 40.24  ? 82  ALA A O   1 
ATOM   655  C  CB  . ALA A 1 101 ? 11.044  -10.338 16.707  1.00 38.58  ? 82  ALA A CB  1 
ATOM   656  N  N   . ASP A 1 102 ? 13.098  -11.234 14.711  1.00 43.12  ? 83  ASP A N   1 
ATOM   657  C  CA  . ASP A 1 102 ? 14.183  -12.175 14.428  1.00 44.64  ? 83  ASP A CA  1 
ATOM   658  C  C   . ASP A 1 102 ? 14.061  -12.905 13.069  1.00 43.86  ? 83  ASP A C   1 
ATOM   659  O  O   . ASP A 1 102 ? 13.808  -14.105 13.037  1.00 44.30  ? 83  ASP A O   1 
ATOM   660  C  CB  . ASP A 1 102 ? 14.297  -13.156 15.614  1.00 46.35  ? 83  ASP A CB  1 
ATOM   661  C  CG  . ASP A 1 102 ? 14.493  -12.431 16.959  1.00 54.65  ? 83  ASP A CG  1 
ATOM   662  O  OD1 . ASP A 1 102 ? 15.401  -11.571 17.050  1.00 59.54  ? 83  ASP A OD1 1 
ATOM   663  O  OD2 . ASP A 1 102 ? 13.737  -12.719 17.920  1.00 55.94  ? 83  ASP A OD2 1 
ATOM   664  N  N   . PRO A 1 103 ? 14.213  -12.169 11.945  1.00 42.54  ? 84  PRO A N   1 
ATOM   665  C  CA  . PRO A 1 103 ? 14.453  -10.727 11.810  1.00 41.33  ? 84  PRO A CA  1 
ATOM   666  C  C   . PRO A 1 103 ? 13.192  -9.872  11.784  1.00 41.16  ? 84  PRO A C   1 
ATOM   667  O  O   . PRO A 1 103 ? 12.116  -10.370 11.423  1.00 38.35  ? 84  PRO A O   1 
ATOM   668  C  CB  . PRO A 1 103 ? 15.140  -10.637 10.437  1.00 42.23  ? 84  PRO A CB  1 
ATOM   669  C  CG  . PRO A 1 103 ? 14.517  -11.718 9.655   1.00 42.48  ? 84  PRO A CG  1 
ATOM   670  C  CD  . PRO A 1 103 ? 14.246  -12.836 10.621  1.00 42.47  ? 84  PRO A CD  1 
ATOM   671  N  N   . ARG A 1 104 ? 13.326  -8.590  12.146  1.00 38.47  ? 85  ARG A N   1 
ATOM   672  C  CA  . ARG A 1 104 ? 12.205  -7.655  12.069  1.00 39.71  ? 85  ARG A CA  1 
ATOM   673  C  C   . ARG A 1 104 ? 11.663  -7.640  10.621  1.00 39.97  ? 85  ARG A C   1 
ATOM   674  O  O   . ARG A 1 104 ? 12.427  -7.467  9.673   1.00 37.76  ? 85  ARG A O   1 
ATOM   675  C  CB  . ARG A 1 104 ? 12.608  -6.235  12.509  1.00 39.46  ? 85  ARG A CB  1 
ATOM   676  C  CG  . ARG A 1 104 ? 11.460  -5.198  12.401  1.00 42.81  ? 85  ARG A CG  1 
ATOM   677  C  CD  . ARG A 1 104 ? 11.767  -3.892  13.160  1.00 45.30  ? 85  ARG A CD  1 
ATOM   678  N  NE  . ARG A 1 104 ? 10.690  -2.898  12.978  1.00 54.94  ? 85  ARG A NE  1 
ATOM   679  C  CZ  . ARG A 1 104 ? 9.530   -2.864  13.650  1.00 51.98  ? 85  ARG A CZ  1 
ATOM   680  N  NH1 . ARG A 1 104 ? 9.235   -3.751  14.596  1.00 43.36  ? 85  ARG A NH1 1 
ATOM   681  N  NH2 . ARG A 1 104 ? 8.642   -1.912  13.370  1.00 54.94  ? 85  ARG A NH2 1 
ATOM   682  N  N   . ARG A 1 105 ? 10.355  -7.849  10.474  1.00 36.49  ? 86  ARG A N   1 
ATOM   683  C  CA  . ARG A 1 105 ? 9.694   -7.900  9.169   1.00 39.23  ? 86  ARG A CA  1 
ATOM   684  C  C   . ARG A 1 105 ? 8.187   -7.835  9.408   1.00 38.14  ? 86  ARG A C   1 
ATOM   685  O  O   . ARG A 1 105 ? 7.734   -8.056  10.533  1.00 40.60  ? 86  ARG A O   1 
ATOM   686  C  CB  . ARG A 1 105 ? 10.045  -9.217  8.442   1.00 39.05  ? 86  ARG A CB  1 
ATOM   687  C  CG  . ARG A 1 105 ? 9.553   -10.469 9.191   1.00 37.83  ? 86  ARG A CG  1 
ATOM   688  C  CD  . ARG A 1 105 ? 10.052  -11.804 8.672   1.00 41.43  ? 86  ARG A CD  1 
ATOM   689  N  NE  . ARG A 1 105 ? 9.300   -12.867 9.364   1.00 39.83  ? 86  ARG A NE  1 
ATOM   690  C  CZ  . ARG A 1 105 ? 9.653   -13.470 10.506  1.00 45.80  ? 86  ARG A CZ  1 
ATOM   691  N  NH1 . ARG A 1 105 ? 10.777  -13.169 11.149  1.00 45.07  ? 86  ARG A NH1 1 
ATOM   692  N  NH2 . ARG A 1 105 ? 8.845   -14.401 11.019  1.00 43.69  ? 86  ARG A NH2 1 
ATOM   693  N  N   . VAL A 1 106 ? 7.439   -7.557  8.350   1.00 38.40  ? 87  VAL A N   1 
ATOM   694  C  CA  . VAL A 1 106 ? 5.963   -7.538  8.365   1.00 38.91  ? 87  VAL A CA  1 
ATOM   695  C  C   . VAL A 1 106 ? 5.486   -8.996  8.334   1.00 39.87  ? 87  VAL A C   1 
ATOM   696  O  O   . VAL A 1 106 ? 6.005   -9.801  7.544   1.00 39.44  ? 87  VAL A O   1 
ATOM   697  C  CB  . VAL A 1 106 ? 5.388   -6.780  7.136   1.00 41.54  ? 87  VAL A CB  1 
ATOM   698  C  CG1 . VAL A 1 106 ? 3.826   -6.744  7.160   1.00 37.79  ? 87  VAL A CG1 1 
ATOM   699  C  CG2 . VAL A 1 106 ? 5.949   -5.338  7.052   1.00 38.91  ? 87  VAL A CG2 1 
ATOM   700  N  N   . SER A 1 107 ? 4.549   -9.336  9.221   1.00 41.74  ? 88  SER A N   1 
ATOM   701  C  CA  . SER A 1 107 ? 3.936   -10.680 9.294   1.00 41.21  ? 88  SER A CA  1 
ATOM   702  C  C   . SER A 1 107 ? 2.453   -10.664 8.868   1.00 40.91  ? 88  SER A C   1 
ATOM   703  O  O   . SER A 1 107 ? 1.950   -11.668 8.367   1.00 37.22  ? 88  SER A O   1 
ATOM   704  C  CB  . SER A 1 107 ? 4.072   -11.266 10.696  1.00 41.91  ? 88  SER A CB  1 
ATOM   705  O  OG  . SER A 1 107 ? 3.402   -10.472 11.679  1.00 45.94  ? 88  SER A OG  1 
ATOM   706  N  N   . GLU A 1 108 ? 1.737   -9.566  9.132   1.00 40.46  ? 89  GLU A N   1 
ATOM   707  C  CA  . GLU A 1 108 ? 0.343   -9.447  8.717   1.00 40.41  ? 89  GLU A CA  1 
ATOM   708  C  C   . GLU A 1 108 ? 0.032   -8.016  8.300   1.00 39.96  ? 89  GLU A C   1 
ATOM   709  O  O   . GLU A 1 108 ? 0.636   -7.062  8.826   1.00 40.66  ? 89  GLU A O   1 
ATOM   710  C  CB  . GLU A 1 108 ? -0.631  -9.867  9.845   1.00 38.63  ? 89  GLU A CB  1 
ATOM   711  C  CG  . GLU A 1 108 ? -0.256  -11.136 10.622  1.00 40.94  ? 89  GLU A CG  1 
ATOM   712  C  CD  . GLU A 1 108 ? -1.279  -11.539 11.689  1.00 41.13  ? 89  GLU A CD  1 
ATOM   713  O  OE1 . GLU A 1 108 ? -2.393  -10.978 11.738  1.00 42.83  ? 89  GLU A OE1 1 
ATOM   714  O  OE2 . GLU A 1 108 ? -0.957  -12.446 12.471  1.00 52.21  ? 89  GLU A OE2 1 
ATOM   715  N  N   . VAL A 1 109 ? -0.861  -7.877  7.319   1.00 37.87  ? 90  VAL A N   1 
ATOM   716  C  CA  . VAL A 1 109 ? -1.407  -6.568  6.946   1.00 38.73  ? 90  VAL A CA  1 
ATOM   717  C  C   . VAL A 1 109 ? -2.914  -6.736  6.921   1.00 39.74  ? 90  VAL A C   1 
ATOM   718  O  O   . VAL A 1 109 ? -3.443  -7.546  6.120   1.00 39.47  ? 90  VAL A O   1 
ATOM   719  C  CB  . VAL A 1 109 ? -0.909  -6.050  5.593   1.00 38.60  ? 90  VAL A CB  1 
ATOM   720  C  CG1 . VAL A 1 109 ? -1.580  -4.724  5.273   1.00 40.34  ? 90  VAL A CG1 1 
ATOM   721  C  CG2 . VAL A 1 109 ? 0.609   -5.893  5.582   1.00 39.70  ? 90  VAL A CG2 1 
ATOM   722  N  N   . HIS A 1 110 ? -3.608  -6.014  7.799   1.00 40.44  ? 91  HIS A N   1 
ATOM   723  C  CA  . HIS A 1 110 ? -5.078  -6.074  7.854   1.00 42.14  ? 91  HIS A CA  1 
ATOM   724  C  C   . HIS A 1 110 ? -5.600  -4.824  7.182   1.00 44.07  ? 91  HIS A C   1 
ATOM   725  O  O   . HIS A 1 110 ? -5.171  -3.711  7.530   1.00 46.03  ? 91  HIS A O   1 
ATOM   726  C  CB  . HIS A 1 110 ? -5.631  -6.192  9.279   1.00 42.26  ? 91  HIS A CB  1 
ATOM   727  C  CG  . HIS A 1 110 ? -5.009  -7.281  10.096  1.00 40.50  ? 91  HIS A CG  1 
ATOM   728  N  ND1 . HIS A 1 110 ? -5.090  -7.306  11.469  1.00 45.18  ? 91  HIS A ND1 1 
ATOM   729  C  CD2 . HIS A 1 110 ? -4.236  -8.340  9.745   1.00 39.57  ? 91  HIS A CD2 1 
ATOM   730  C  CE1 . HIS A 1 110 ? -4.446  -8.367  11.928  1.00 49.20  ? 91  HIS A CE1 1 
ATOM   731  N  NE2 . HIS A 1 110 ? -3.909  -9.003  10.903  1.00 46.65  ? 91  HIS A NE2 1 
ATOM   732  N  N   . ILE A 1 111 ? -6.493  -5.004  6.209   1.00 44.49  ? 92  ILE A N   1 
ATOM   733  C  CA  . ILE A 1 111 ? -7.072  -3.913  5.426   1.00 44.30  ? 92  ILE A CA  1 
ATOM   734  C  C   . ILE A 1 111 ? -8.581  -4.007  5.589   1.00 42.97  ? 92  ILE A C   1 
ATOM   735  O  O   . ILE A 1 111 ? -9.172  -4.994  5.182   1.00 42.54  ? 92  ILE A O   1 
ATOM   736  C  CB  . ILE A 1 111 ? -6.687  -3.994  3.920   1.00 45.92  ? 92  ILE A CB  1 
ATOM   737  C  CG1 . ILE A 1 111 ? -5.171  -4.118  3.722   1.00 47.97  ? 92  ILE A CG1 1 
ATOM   738  C  CG2 . ILE A 1 111 ? -7.247  -2.794  3.126   1.00 43.21  ? 92  ILE A CG2 1 
ATOM   739  C  CD1 . ILE A 1 111 ? -4.660  -5.539  3.800   1.00 55.43  ? 92  ILE A CD1 1 
ATOM   740  N  N   . ALA A 1 112 ? -9.180  -3.018  6.254   1.00 41.91  ? 93  ALA A N   1 
ATOM   741  C  CA  . ALA A 1 112 ? -10.629 -2.946  6.450   1.00 42.74  ? 93  ALA A CA  1 
ATOM   742  C  C   . ALA A 1 112 ? -11.151 -1.943  5.427   1.00 41.68  ? 93  ALA A C   1 
ATOM   743  O  O   . ALA A 1 112 ? -10.900 -0.735  5.556   1.00 40.06  ? 93  ALA A O   1 
ATOM   744  C  CB  . ALA A 1 112 ? -10.970 -2.496  7.873   1.00 42.04  ? 93  ALA A CB  1 
ATOM   745  N  N   . ILE A 1 113 ? -11.890 -2.436  4.430   1.00 43.14  ? 94  ILE A N   1 
ATOM   746  C  CA  . ILE A 1 113 ? -12.414 -1.584  3.347   1.00 42.59  ? 94  ILE A CA  1 
ATOM   747  C  C   . ILE A 1 113 ? -13.890 -1.214  3.589   1.00 44.51  ? 94  ILE A C   1 
ATOM   748  O  O   . ILE A 1 113 ? -14.722 -2.090  3.776   1.00 44.41  ? 94  ILE A O   1 
ATOM   749  C  CB  . ILE A 1 113 ? -12.251 -2.236  1.963   1.00 42.91  ? 94  ILE A CB  1 
ATOM   750  C  CG1 . ILE A 1 113 ? -10.792 -2.661  1.711   1.00 41.25  ? 94  ILE A CG1 1 
ATOM   751  C  CG2 . ILE A 1 113 ? -12.737 -1.272  0.870   1.00 42.05  ? 94  ILE A CG2 1 
ATOM   752  C  CD1 . ILE A 1 113 ? -10.541 -3.238  0.318   1.00 44.59  ? 94  ILE A CD1 1 
ATOM   753  N  N   . THR A 1 114 ? -14.196 0.082   3.578   1.00 42.52  ? 95  THR A N   1 
ATOM   754  C  CA  . THR A 1 114 ? -15.557 0.579   3.774   1.00 42.76  ? 95  THR A CA  1 
ATOM   755  C  C   . THR A 1 114 ? -15.957 1.327   2.501   1.00 42.38  ? 95  THR A C   1 
ATOM   756  O  O   . THR A 1 114 ? -15.383 2.358   2.168   1.00 40.73  ? 95  THR A O   1 
ATOM   757  C  CB  . THR A 1 114 ? -15.674 1.451   5.051   1.00 40.08  ? 95  THR A CB  1 
ATOM   758  O  OG1 . THR A 1 114 ? -15.251 0.676   6.185   1.00 43.50  ? 95  THR A OG1 1 
ATOM   759  C  CG2 . THR A 1 114 ? -17.122 1.916   5.295   1.00 42.03  ? 95  THR A CG2 1 
ATOM   760  N  N   . PHE A 1 115 ? -16.905 0.751   1.767   1.00 45.59  ? 96  PHE A N   1 
ATOM   761  C  CA  . PHE A 1 115 ? -17.430 1.357   0.558   1.00 46.89  ? 96  PHE A CA  1 
ATOM   762  C  C   . PHE A 1 115 ? -18.398 2.501   0.872   1.00 50.41  ? 96  PHE A C   1 
ATOM   763  O  O   . PHE A 1 115 ? -19.122 2.462   1.876   1.00 48.43  ? 96  PHE A O   1 
ATOM   764  C  CB  . PHE A 1 115 ? -18.087 0.304   -0.339  1.00 46.21  ? 96  PHE A CB  1 
ATOM   765  C  CG  . PHE A 1 115 ? -17.098 -0.566  -1.014  1.00 46.21  ? 96  PHE A CG  1 
ATOM   766  C  CD1 . PHE A 1 115 ? -16.527 -0.168  -2.222  1.00 46.61  ? 96  PHE A CD1 1 
ATOM   767  C  CD2 . PHE A 1 115 ? -16.658 -1.745  -0.410  1.00 49.37  ? 96  PHE A CD2 1 
ATOM   768  C  CE1 . PHE A 1 115 ? -15.562 -0.970  -2.857  1.00 46.87  ? 96  PHE A CE1 1 
ATOM   769  C  CE2 . PHE A 1 115 ? -15.699 -2.557  -1.029  1.00 48.25  ? 96  PHE A CE2 1 
ATOM   770  C  CZ  . PHE A 1 115 ? -15.149 -2.166  -2.256  1.00 50.96  ? 96  PHE A CZ  1 
ATOM   771  N  N   . ASN A 1 116 ? -18.369 3.519   0.005   1.00 52.41  ? 97  ASN A N   1 
ATOM   772  C  CA  . ASN A 1 116 ? -19.263 4.681   0.108   1.00 55.91  ? 97  ASN A CA  1 
ATOM   773  C  C   . ASN A 1 116 ? -20.763 4.321   -0.016  1.00 56.70  ? 97  ASN A C   1 
ATOM   774  O  O   . ASN A 1 116 ? -21.594 4.931   0.668   1.00 57.62  ? 97  ASN A O   1 
ATOM   775  C  CB  . ASN A 1 116 ? -18.885 5.763   -0.935  1.00 56.48  ? 97  ASN A CB  1 
ATOM   776  C  CG  . ASN A 1 116 ? -18.955 5.255   -2.384  1.00 60.30  ? 97  ASN A CG  1 
ATOM   777  O  OD1 . ASN A 1 116 ? -18.712 4.073   -2.652  1.00 68.02  ? 97  ASN A OD1 1 
ATOM   778  N  ND2 . ASN A 1 116 ? -19.263 6.153   -3.314  1.00 62.40  ? 97  ASN A ND2 1 
ATOM   779  N  N   . GLN A 1 117 ? -21.082 3.329   -0.862  1.00 56.57  ? 98  GLN A N   1 
ATOM   780  C  CA  . GLN A 1 117 ? -22.461 2.879   -1.128  1.00 55.25  ? 98  GLN A CA  1 
ATOM   781  C  C   . GLN A 1 117 ? -22.705 1.407   -0.783  1.00 54.01  ? 98  GLN A C   1 
ATOM   782  O  O   . GLN A 1 117 ? -21.772 0.673   -0.465  1.00 54.57  ? 98  GLN A O   1 
ATOM   783  C  CB  . GLN A 1 117 ? -22.781 3.098   -2.608  1.00 55.01  ? 98  GLN A CB  1 
ATOM   784  N  N   . GLU A 1 118 ? -23.970 0.987   -0.864  1.00 52.36  ? 99  GLU A N   1 
ATOM   785  C  CA  . GLU A 1 118 ? -24.365 -0.411  -0.616  1.00 51.53  ? 99  GLU A CA  1 
ATOM   786  C  C   . GLU A 1 118 ? -23.982 -1.271  -1.831  1.00 50.36  ? 99  GLU A C   1 
ATOM   787  O  O   . GLU A 1 118 ? -24.211 -0.854  -2.965  1.00 48.36  ? 99  GLU A O   1 
ATOM   788  C  CB  . GLU A 1 118 ? -25.867 -0.526  -0.336  1.00 51.41  ? 99  GLU A CB  1 
ATOM   789  N  N   . LEU A 1 119 ? -23.378 -2.440  -1.576  1.00 49.86  ? 100 LEU A N   1 
ATOM   790  C  CA  . LEU A 1 119 ? -22.941 -3.399  -2.611  1.00 49.55  ? 100 LEU A CA  1 
ATOM   791  C  C   . LEU A 1 119 ? -23.541 -4.781  -2.369  1.00 48.78  ? 100 LEU A C   1 
ATOM   792  O  O   . LEU A 1 119 ? -23.544 -5.245  -1.226  1.00 50.01  ? 100 LEU A O   1 
ATOM   793  C  CB  . LEU A 1 119 ? -21.411 -3.556  -2.600  1.00 50.20  ? 100 LEU A CB  1 
ATOM   794  C  CG  . LEU A 1 119 ? -20.525 -2.355  -2.926  1.00 51.00  ? 100 LEU A CG  1 
ATOM   795  C  CD1 . LEU A 1 119 ? -19.073 -2.757  -2.824  1.00 52.00  ? 100 LEU A CD1 1 
ATOM   796  C  CD2 . LEU A 1 119 ? -20.825 -1.812  -4.308  1.00 50.69  ? 100 LEU A CD2 1 
ATOM   797  N  N   . ASP A 1 120 ? -24.024 -5.438  -3.433  1.00 47.13  ? 101 ASP A N   1 
ATOM   798  C  CA  . ASP A 1 120 ? -24.553 -6.816  -3.330  1.00 45.95  ? 101 ASP A CA  1 
ATOM   799  C  C   . ASP A 1 120 ? -23.414 -7.824  -3.166  1.00 45.44  ? 101 ASP A C   1 
ATOM   800  O  O   . ASP A 1 120 ? -22.247 -7.485  -3.395  1.00 47.26  ? 101 ASP A O   1 
ATOM   801  C  CB  . ASP A 1 120 ? -25.509 -7.197  -4.491  1.00 46.58  ? 101 ASP A CB  1 
ATOM   802  C  CG  . ASP A 1 120 ? -24.865 -7.143  -5.896  1.00 46.22  ? 101 ASP A CG  1 
ATOM   803  O  OD1 . ASP A 1 120 ? -23.647 -7.366  -6.068  1.00 49.44  ? 101 ASP A OD1 1 
ATOM   804  O  OD2 . ASP A 1 120 ? -25.629 -6.906  -6.859  1.00 51.32  ? 101 ASP A OD2 1 
ATOM   805  N  N   . ASP A 1 121 ? -23.766 -9.051  -2.785  1.00 44.22  ? 102 ASP A N   1 
ATOM   806  C  CA  . ASP A 1 121 ? -22.793 -10.130 -2.540  1.00 44.65  ? 102 ASP A CA  1 
ATOM   807  C  C   . ASP A 1 121 ? -21.865 -10.445 -3.711  1.00 42.91  ? 102 ASP A C   1 
ATOM   808  O  O   . ASP A 1 121 ? -20.661 -10.626 -3.504  1.00 41.05  ? 102 ASP A O   1 
ATOM   809  C  CB  . ASP A 1 121 ? -23.497 -11.433 -2.094  1.00 45.31  ? 102 ASP A CB  1 
ATOM   810  C  CG  . ASP A 1 121 ? -24.119 -11.337 -0.696  1.00 50.20  ? 102 ASP A CG  1 
ATOM   811  O  OD1 . ASP A 1 121 ? -23.820 -10.387 0.070   1.00 51.83  ? 102 ASP A OD1 1 
ATOM   812  O  OD2 . ASP A 1 121 ? -24.911 -12.243 -0.361  1.00 61.41  ? 102 ASP A OD2 1 
ATOM   813  N  N   . LYS A 1 122 ? -22.426 -10.523 -4.918  1.00 41.83  ? 103 LYS A N   1 
ATOM   814  C  CA  . LYS A 1 122 ? -21.627 -10.810 -6.122  1.00 43.84  ? 103 LYS A CA  1 
ATOM   815  C  C   . LYS A 1 122 ? -20.516 -9.766  -6.311  1.00 42.63  ? 103 LYS A C   1 
ATOM   816  O  O   . LYS A 1 122 ? -19.355 -10.135 -6.485  1.00 42.50  ? 103 LYS A O   1 
ATOM   817  C  CB  . LYS A 1 122 ? -22.520 -10.918 -7.378  1.00 43.89  ? 103 LYS A CB  1 
ATOM   818  C  CG  . LYS A 1 122 ? -21.785 -11.425 -8.638  1.00 47.30  ? 103 LYS A CG  1 
ATOM   819  C  CD  . LYS A 1 122 ? -22.697 -11.477 -9.865  1.00 46.69  ? 103 LYS A CD  1 
ATOM   820  C  CE  . LYS A 1 122 ? -21.907 -11.869 -11.117 1.00 49.28  ? 103 LYS A CE  1 
ATOM   821  N  NZ  . LYS A 1 122 ? -22.767 -11.872 -12.336 1.00 58.57  ? 103 LYS A NZ  1 
ATOM   822  N  N   . THR A 1 123 ? -20.863 -8.478  -6.205  1.00 43.29  ? 104 THR A N   1 
ATOM   823  C  CA  . THR A 1 123 ? -19.892 -7.370  -6.393  1.00 41.90  ? 104 THR A CA  1 
ATOM   824  C  C   . THR A 1 123 ? -18.822 -7.324  -5.323  1.00 41.52  ? 104 THR A C   1 
ATOM   825  O  O   . THR A 1 123 ? -17.636 -7.132  -5.640  1.00 38.95  ? 104 THR A O   1 
ATOM   826  C  CB  . THR A 1 123 ? -20.577 -5.984  -6.444  1.00 43.74  ? 104 THR A CB  1 
ATOM   827  O  OG1 . THR A 1 123 ? -21.624 -6.015  -7.407  1.00 40.14  ? 104 THR A OG1 1 
ATOM   828  C  CG2 . THR A 1 123 ? -19.581 -4.885  -6.826  1.00 44.34  ? 104 THR A CG2 1 
ATOM   829  N  N   . GLN A 1 124 ? -19.237 -7.472  -4.061  1.00 41.43  ? 105 GLN A N   1 
ATOM   830  C  CA  . GLN A 1 124 ? -18.291 -7.525  -2.938  1.00 42.21  ? 105 GLN A CA  1 
ATOM   831  C  C   . GLN A 1 124 ? -17.258 -8.613  -3.190  1.00 40.13  ? 105 GLN A C   1 
ATOM   832  O  O   . GLN A 1 124 ? -16.067 -8.385  -3.004  1.00 40.00  ? 105 GLN A O   1 
ATOM   833  C  CB  . GLN A 1 124 ? -18.990 -7.829  -1.612  1.00 41.34  ? 105 GLN A CB  1 
ATOM   834  C  CG  . GLN A 1 124 ? -19.855 -6.719  -1.035  1.00 45.65  ? 105 GLN A CG  1 
ATOM   835  C  CD  . GLN A 1 124 ? -20.559 -7.155  0.250   1.00 47.73  ? 105 GLN A CD  1 
ATOM   836  O  OE1 . GLN A 1 124 ? -20.152 -8.123  0.898   1.00 52.38  ? 105 GLN A OE1 1 
ATOM   837  N  NE2 . GLN A 1 124 ? -21.635 -6.455  0.607   1.00 58.66  ? 105 GLN A NE2 1 
ATOM   838  N  N   . LYS A 1 125 ? -17.741 -9.780  -3.628  1.00 40.18  ? 106 LYS A N   1 
ATOM   839  C  CA  . LYS A 1 125 ? -16.897 -10.932 -3.945  1.00 41.25  ? 106 LYS A CA  1 
ATOM   840  C  C   . LYS A 1 125 ? -15.952 -10.649 -5.110  1.00 38.73  ? 106 LYS A C   1 
ATOM   841  O  O   . LYS A 1 125 ? -14.790 -11.033 -5.038  1.00 38.03  ? 106 LYS A O   1 
ATOM   842  C  CB  . LYS A 1 125 ? -17.749 -12.184 -4.214  1.00 42.61  ? 106 LYS A CB  1 
ATOM   843  C  CG  . LYS A 1 125 ? -16.940 -13.437 -4.522  1.00 48.13  ? 106 LYS A CG  1 
ATOM   844  N  N   . ILE A 1 126 ? -16.445 -9.981  -6.159  1.00 40.44  ? 107 ILE A N   1 
ATOM   845  C  CA  . ILE A 1 126 ? -15.598 -9.558  -7.299  1.00 38.38  ? 107 ILE A CA  1 
ATOM   846  C  C   . ILE A 1 126 ? -14.497 -8.639  -6.767  1.00 40.70  ? 107 ILE A C   1 
ATOM   847  O  O   . ILE A 1 126 ? -13.296 -8.895  -6.997  1.00 41.38  ? 107 ILE A O   1 
ATOM   848  C  CB  . ILE A 1 126 ? -16.426 -8.884  -8.438  1.00 38.93  ? 107 ILE A CB  1 
ATOM   849  C  CG1 . ILE A 1 126 ? -17.277 -9.945  -9.154  1.00 35.30  ? 107 ILE A CG1 1 
ATOM   850  C  CG2 . ILE A 1 126 ? -15.500 -8.183  -9.472  1.00 36.24  ? 107 ILE A CG2 1 
ATOM   851  C  CD1 . ILE A 1 126 ? -18.464 -9.395  -10.063 1.00 37.63  ? 107 ILE A CD1 1 
ATOM   852  N  N   . PHE A 1 127 ? -14.899 -7.613  -6.009  1.00 41.04  ? 108 PHE A N   1 
ATOM   853  C  CA  . PHE A 1 127 ? -13.929 -6.665  -5.438  1.00 41.24  ? 108 PHE A CA  1 
ATOM   854  C  C   . PHE A 1 127 ? -12.968 -7.315  -4.462  1.00 41.78  ? 108 PHE A C   1 
ATOM   855  O  O   . PHE A 1 127 ? -11.776 -6.985  -4.451  1.00 41.87  ? 108 PHE A O   1 
ATOM   856  C  CB  . PHE A 1 127 ? -14.598 -5.464  -4.753  1.00 42.04  ? 108 PHE A CB  1 
ATOM   857  C  CG  . PHE A 1 127 ? -15.413 -4.580  -5.658  1.00 33.67  ? 108 PHE A CG  1 
ATOM   858  C  CD1 . PHE A 1 127 ? -15.191 -4.488  -7.046  1.00 40.89  ? 108 PHE A CD1 1 
ATOM   859  C  CD2 . PHE A 1 127 ? -16.327 -3.700  -5.080  1.00 39.92  ? 108 PHE A CD2 1 
ATOM   860  C  CE1 . PHE A 1 127 ? -15.933 -3.609  -7.834  1.00 35.19  ? 108 PHE A CE1 1 
ATOM   861  C  CE2 . PHE A 1 127 ? -17.069 -2.815  -5.857  1.00 37.49  ? 108 PHE A CE2 1 
ATOM   862  C  CZ  . PHE A 1 127 ? -16.881 -2.774  -7.241  1.00 42.87  ? 108 PHE A CZ  1 
ATOM   863  N  N   . TYR A 1 128 ? -13.473 -8.245  -3.657  1.00 41.00  ? 109 TYR A N   1 
ATOM   864  C  CA  . TYR A 1 128 ? -12.611 -8.982  -2.736  1.00 40.88  ? 109 TYR A CA  1 
ATOM   865  C  C   . TYR A 1 128 ? -11.529 -9.760  -3.495  1.00 42.19  ? 109 TYR A C   1 
ATOM   866  O  O   . TYR A 1 128 ? -10.329 -9.623  -3.216  1.00 41.24  ? 109 TYR A O   1 
ATOM   867  C  CB  . TYR A 1 128 ? -13.441 -9.952  -1.900  1.00 41.34  ? 109 TYR A CB  1 
ATOM   868  C  CG  . TYR A 1 128 ? -12.625 -10.713 -0.900  1.00 44.40  ? 109 TYR A CG  1 
ATOM   869  C  CD1 . TYR A 1 128 ? -12.231 -10.112 0.284   1.00 43.80  ? 109 TYR A CD1 1 
ATOM   870  C  CD2 . TYR A 1 128 ? -12.226 -12.036 -1.143  1.00 43.74  ? 109 TYR A CD2 1 
ATOM   871  C  CE1 . TYR A 1 128 ? -11.454 -10.811 1.220   1.00 43.15  ? 109 TYR A CE1 1 
ATOM   872  C  CE2 . TYR A 1 128 ? -11.450 -12.750 -0.202  1.00 46.52  ? 109 TYR A CE2 1 
ATOM   873  C  CZ  . TYR A 1 128 ? -11.072 -12.122 0.977   1.00 43.06  ? 109 TYR A CZ  1 
ATOM   874  O  OH  . TYR A 1 128 ? -10.310 -12.796 1.924   1.00 47.33  ? 109 TYR A OH  1 
ATOM   875  N  N   . ASN A 1 129 ? -11.982 -10.565 -4.449  1.00 41.78  ? 110 ASN A N   1 
ATOM   876  C  CA  . ASN A 1 129 ? -11.091 -11.398 -5.262  1.00 45.99  ? 110 ASN A CA  1 
ATOM   877  C  C   . ASN A 1 129 ? -10.112 -10.602 -6.115  1.00 46.42  ? 110 ASN A C   1 
ATOM   878  O  O   . ASN A 1 129 ? -8.942  -10.979 -6.191  1.00 47.31  ? 110 ASN A O   1 
ATOM   879  C  CB  . ASN A 1 129 ? -11.888 -12.357 -6.151  1.00 44.11  ? 110 ASN A CB  1 
ATOM   880  C  CG  . ASN A 1 129 ? -12.714 -13.378 -5.346  1.00 46.75  ? 110 ASN A CG  1 
ATOM   881  O  OD1 . ASN A 1 129 ? -12.428 -13.665 -4.190  1.00 48.38  ? 110 ASN A OD1 1 
ATOM   882  N  ND2 . ASN A 1 129 ? -13.738 -13.930 -5.981  1.00 48.65  ? 110 ASN A ND2 1 
ATOM   883  N  N   . THR A 1 130 ? -10.583 -9.512  -6.736  1.00 48.41  ? 111 THR A N   1 
ATOM   884  C  CA  . THR A 1 130 ? -9.711  -8.644  -7.550  1.00 49.40  ? 111 THR A CA  1 
ATOM   885  C  C   . THR A 1 130 ? -8.608  -8.030  -6.682  1.00 47.41  ? 111 THR A C   1 
ATOM   886  O  O   . THR A 1 130 ? -7.456  -8.000  -7.099  1.00 46.62  ? 111 THR A O   1 
ATOM   887  C  CB  . THR A 1 130 ? -10.478 -7.521  -8.284  1.00 49.93  ? 111 THR A CB  1 
ATOM   888  O  OG1 . THR A 1 130 ? -11.643 -8.057  -8.911  1.00 55.12  ? 111 THR A OG1 1 
ATOM   889  C  CG2 . THR A 1 130 ? -9.607  -6.897  -9.352  1.00 51.61  ? 111 THR A CG2 1 
ATOM   890  N  N   . ALA A 1 131 ? -8.982  -7.559  -5.484  1.00 47.59  ? 112 ALA A N   1 
ATOM   891  C  CA  . ALA A 1 131 ? -8.051  -7.016  -4.477  1.00 46.30  ? 112 ALA A CA  1 
ATOM   892  C  C   . ALA A 1 131 ? -6.886  -7.954  -4.123  1.00 49.17  ? 112 ALA A C   1 
ATOM   893  O  O   . ALA A 1 131 ? -5.724  -7.528  -4.092  1.00 50.74  ? 112 ALA A O   1 
ATOM   894  C  CB  . ALA A 1 131 ? -8.800  -6.679  -3.203  1.00 42.43  ? 112 ALA A CB  1 
ATOM   895  N  N   . LEU A 1 132 ? -7.211  -9.212  -3.826  1.00 49.73  ? 113 LEU A N   1 
ATOM   896  C  CA  . LEU A 1 132 ? -6.196  -10.233 -3.485  1.00 50.42  ? 113 LEU A CA  1 
ATOM   897  C  C   . LEU A 1 132 ? -5.231  -10.605 -4.630  1.00 51.84  ? 113 LEU A C   1 
ATOM   898  O  O   . LEU A 1 132 ? -4.161  -11.139 -4.360  1.00 53.36  ? 113 LEU A O   1 
ATOM   899  C  CB  . LEU A 1 132 ? -6.851  -11.497 -2.892  1.00 51.45  ? 113 LEU A CB  1 
ATOM   900  C  CG  . LEU A 1 132 ? -7.507  -11.376 -1.500  1.00 53.22  ? 113 LEU A CG  1 
ATOM   901  C  CD1 . LEU A 1 132 ? -8.019  -12.752 -1.019  1.00 55.88  ? 113 LEU A CD1 1 
ATOM   902  C  CD2 . LEU A 1 132 ? -6.533  -10.827 -0.486  1.00 57.61  ? 113 LEU A CD2 1 
ATOM   903  N  N   . THR A 1 133 ? -5.601  -10.320 -5.881  1.00 52.55  ? 114 THR A N   1 
ATOM   904  C  CA  . THR A 1 133 ? -4.739  -10.603 -7.045  1.00 52.99  ? 114 THR A CA  1 
ATOM   905  C  C   . THR A 1 133 ? -3.887  -9.409  -7.503  1.00 48.43  ? 114 THR A C   1 
ATOM   906  O  O   . THR A 1 133 ? -3.147  -9.545  -8.491  1.00 46.29  ? 114 THR A O   1 
ATOM   907  C  CB  . THR A 1 133 ? -5.581  -11.098 -8.296  1.00 51.71  ? 114 THR A CB  1 
ATOM   908  O  OG1 . THR A 1 133 ? -6.263  -10.001 -8.934  1.00 56.81  ? 114 THR A OG1 1 
ATOM   909  C  CG2 . THR A 1 133 ? -6.564  -12.185 -7.899  1.00 57.11  ? 114 THR A CG2 1 
ATOM   910  N  N   . CYS A 1 134 ? -3.944  -8.273  -6.789  1.00 45.65  ? 115 CYS A N   1 
ATOM   911  C  CA  . CYS A 1 134 ? -3.323  -7.038  -7.272  1.00 44.05  ? 115 CYS A CA  1 
ATOM   912  C  C   . CYS A 1 134 ? -1.799  -7.101  -7.245  1.00 43.72  ? 115 CYS A C   1 
ATOM   913  O  O   . CYS A 1 134 ? -1.238  -7.913  -6.506  1.00 43.50  ? 115 CYS A O   1 
ATOM   914  C  CB  . CYS A 1 134 ? -3.841  -5.814  -6.509  1.00 47.67  ? 115 CYS A CB  1 
ATOM   915  S  SG  . CYS A 1 134 ? -3.150  -5.563  -4.883  1.00 46.92  ? 115 CYS A SG  1 
ATOM   916  N  N   . PRO A 1 135 ? -1.133  -6.277  -8.067  1.00 42.74  ? 116 PRO A N   1 
ATOM   917  C  CA  . PRO A 1 135 ? 0.330   -6.387  -8.143  1.00 43.09  ? 116 PRO A CA  1 
ATOM   918  C  C   . PRO A 1 135 ? 1.132   -6.355  -6.843  1.00 42.17  ? 116 PRO A C   1 
ATOM   919  O  O   . PRO A 1 135 ? 2.038   -7.170  -6.706  1.00 40.44  ? 116 PRO A O   1 
ATOM   920  C  CB  . PRO A 1 135 ? 0.710   -5.244  -9.087  1.00 42.57  ? 116 PRO A CB  1 
ATOM   921  C  CG  . PRO A 1 135 ? -0.461  -5.161  -9.993  1.00 43.48  ? 116 PRO A CG  1 
ATOM   922  C  CD  . PRO A 1 135 ? -1.621  -5.291  -9.055  1.00 44.81  ? 116 PRO A CD  1 
ATOM   923  N  N   . VAL A 1 136 ? 0.780   -5.466  -5.910  1.00 41.16  ? 117 VAL A N   1 
ATOM   924  C  CA  . VAL A 1 136 ? 1.460   -5.411  -4.606  1.00 42.15  ? 117 VAL A CA  1 
ATOM   925  C  C   . VAL A 1 136 ? 1.136   -6.675  -3.791  1.00 41.61  ? 117 VAL A C   1 
ATOM   926  O  O   . VAL A 1 136 ? 2.034   -7.210  -3.113  1.00 37.60  ? 117 VAL A O   1 
ATOM   927  C  CB  . VAL A 1 136 ? 1.154   -4.124  -3.813  1.00 41.51  ? 117 VAL A CB  1 
ATOM   928  C  CG1 . VAL A 1 136 ? 1.826   -4.155  -2.419  1.00 39.31  ? 117 VAL A CG1 1 
ATOM   929  C  CG2 . VAL A 1 136 ? 1.619   -2.923  -4.599  1.00 42.55  ? 117 VAL A CG2 1 
ATOM   930  N  N   . ALA A 1 137 ? -0.095  -7.204  -3.892  1.00 40.77  ? 118 ALA A N   1 
ATOM   931  C  CA  . ALA A 1 137 ? -0.425  -8.464  -3.170  1.00 41.79  ? 118 ALA A CA  1 
ATOM   932  C  C   . ALA A 1 137 ? 0.526   -9.608  -3.587  1.00 42.57  ? 118 ALA A C   1 
ATOM   933  O  O   . ALA A 1 137 ? 0.978   -10.393 -2.741  1.00 44.61  ? 118 ALA A O   1 
ATOM   934  C  CB  . ALA A 1 137 ? -1.894  -8.885  -3.376  1.00 38.93  ? 118 ALA A CB  1 
ATOM   935  N  N   . LYS A 1 138 ? 0.879   -9.623  -4.874  1.00 40.87  ? 119 LYS A N   1 
ATOM   936  C  CA  . LYS A 1 138 ? 1.769   -10.623 -5.467  1.00 40.12  ? 119 LYS A CA  1 
ATOM   937  C  C   . LYS A 1 138 ? 3.258   -10.280 -5.418  1.00 38.72  ? 119 LYS A C   1 
ATOM   938  O  O   . LYS A 1 138 ? 4.072   -10.999 -5.999  1.00 36.34  ? 119 LYS A O   1 
ATOM   939  C  CB  . LYS A 1 138 ? 1.322   -10.869 -6.912  1.00 40.30  ? 119 LYS A CB  1 
ATOM   940  C  CG  . LYS A 1 138 ? -0.114  -11.361 -7.038  1.00 41.47  ? 119 LYS A CG  1 
ATOM   941  C  CD  . LYS A 1 138 ? -0.293  -12.715 -6.337  1.00 45.15  ? 119 LYS A CD  1 
ATOM   942  C  CE  . LYS A 1 138 ? -1.645  -13.301 -6.515  1.00 57.49  ? 119 LYS A CE  1 
ATOM   943  N  NZ  . LYS A 1 138 ? -1.669  -14.577 -5.757  1.00 63.12  ? 119 LYS A NZ  1 
ATOM   944  N  N   . SER A 1 139 ? 3.604   -9.181  -4.748  1.00 39.28  ? 120 SER A N   1 
ATOM   945  C  CA  . SER A 1 139 ? 4.971   -8.691  -4.614  1.00 40.06  ? 120 SER A CA  1 
ATOM   946  C  C   . SER A 1 139 ? 5.488   -8.656  -3.164  1.00 41.47  ? 120 SER A C   1 
ATOM   947  O  O   . SER A 1 139 ? 6.668   -8.356  -2.966  1.00 39.61  ? 120 SER A O   1 
ATOM   948  C  CB  . SER A 1 139 ? 5.075   -7.285  -5.224  1.00 38.24  ? 120 SER A CB  1 
ATOM   949  O  OG  . SER A 1 139 ? 4.670   -7.261  -6.590  1.00 38.22  ? 120 SER A OG  1 
ATOM   950  N  N   . ILE A 1 140 ? 4.618   -8.888  -2.170  1.00 43.53  ? 121 ILE A N   1 
ATOM   951  C  CA  . ILE A 1 140 ? 5.029   -8.981  -0.770  1.00 43.06  ? 121 ILE A CA  1 
ATOM   952  C  C   . ILE A 1 140 ? 5.309   -10.435 -0.440  1.00 41.69  ? 121 ILE A C   1 
ATOM   953  O  O   . ILE A 1 140 ? 5.026   -11.333 -1.257  1.00 44.01  ? 121 ILE A O   1 
ATOM   954  C  CB  . ILE A 1 140 ? 4.073   -8.270  0.235   1.00 43.00  ? 121 ILE A CB  1 
ATOM   955  C  CG1 . ILE A 1 140 ? 2.717   -8.964  0.392   1.00 39.86  ? 121 ILE A CG1 1 
ATOM   956  C  CG2 . ILE A 1 140 ? 3.874   -6.830  -0.190  1.00 40.64  ? 121 ILE A CG2 1 
ATOM   957  C  CD1 . ILE A 1 140 ? 1.809   -8.281  1.475   1.00 45.63  ? 121 ILE A CD1 1 
ATOM   958  N  N   . HIS A 1 141 ? 5.920   -10.661 0.725   1.00 42.38  ? 122 HIS A N   1 
ATOM   959  C  CA  . HIS A 1 141 ? 6.300   -11.997 1.148   1.00 41.03  ? 122 HIS A CA  1 
ATOM   960  C  C   . HIS A 1 141 ? 5.034   -12.864 1.253   1.00 41.20  ? 122 HIS A C   1 
ATOM   961  O  O   . HIS A 1 141 ? 4.090   -12.435 1.927   1.00 38.81  ? 122 HIS A O   1 
ATOM   962  C  CB  . HIS A 1 141 ? 7.034   -11.993 2.489   1.00 40.67  ? 122 HIS A CB  1 
ATOM   963  C  CG  . HIS A 1 141 ? 7.833   -13.230 2.720   1.00 35.94  ? 122 HIS A CG  1 
ATOM   964  N  ND1 . HIS A 1 141 ? 7.261   -14.463 2.969   1.00 34.83  ? 122 HIS A ND1 1 
ATOM   965  C  CD2 . HIS A 1 141 ? 9.169   -13.426 2.739   1.00 37.56  ? 122 HIS A CD2 1 
ATOM   966  C  CE1 . HIS A 1 141 ? 8.216   -15.363 3.111   1.00 40.31  ? 122 HIS A CE1 1 
ATOM   967  N  NE2 . HIS A 1 141 ? 9.383   -14.754 2.993   1.00 33.12  ? 122 HIS A NE2 1 
ATOM   968  N  N   . PRO A 1 142 ? 4.983   -14.035 0.557   1.00 41.92  ? 123 PRO A N   1 
ATOM   969  C  CA  . PRO A 1 142 ? 3.779   -14.909 0.612   1.00 43.15  ? 123 PRO A CA  1 
ATOM   970  C  C   . PRO A 1 142 ? 3.326   -15.349 2.026   1.00 43.44  ? 123 PRO A C   1 
ATOM   971  O  O   . PRO A 1 142 ? 2.158   -15.640 2.230   1.00 43.82  ? 123 PRO A O   1 
ATOM   972  C  CB  . PRO A 1 142 ? 4.178   -16.143 -0.221  1.00 44.27  ? 123 PRO A CB  1 
ATOM   973  C  CG  . PRO A 1 142 ? 5.294   -15.726 -1.045  1.00 43.98  ? 123 PRO A CG  1 
ATOM   974  C  CD  . PRO A 1 142 ? 6.003   -14.595 -0.349  1.00 42.76  ? 123 PRO A CD  1 
ATOM   975  N  N   . ASP A 1 143 ? 4.253   -15.410 2.970   1.00 43.23  ? 124 ASP A N   1 
ATOM   976  C  CA  . ASP A 1 143 ? 3.938   -15.737 4.371   1.00 44.02  ? 124 ASP A CA  1 
ATOM   977  C  C   . ASP A 1 143 ? 3.192   -14.648 5.141   1.00 42.90  ? 124 ASP A C   1 
ATOM   978  O  O   . ASP A 1 143 ? 2.738   -14.906 6.266   1.00 41.88  ? 124 ASP A O   1 
ATOM   979  C  CB  . ASP A 1 143 ? 5.206   -16.144 5.128   1.00 44.22  ? 124 ASP A CB  1 
ATOM   980  C  CG  . ASP A 1 143 ? 5.802   -17.443 4.607   1.00 47.74  ? 124 ASP A CG  1 
ATOM   981  O  OD1 . ASP A 1 143 ? 5.172   -18.125 3.756   1.00 42.85  ? 124 ASP A OD1 1 
ATOM   982  O  OD2 . ASP A 1 143 ? 6.904   -17.795 5.080   1.00 44.76  ? 124 ASP A OD2 1 
ATOM   983  N  N   . ILE A 1 144 ? 3.088   -13.450 4.564   1.00 39.94  ? 125 ILE A N   1 
ATOM   984  C  CA  . ILE A 1 144 ? 2.323   -12.362 5.146   1.00 40.69  ? 125 ILE A CA  1 
ATOM   985  C  C   . ILE A 1 144 ? 0.834   -12.671 5.022   1.00 40.71  ? 125 ILE A C   1 
ATOM   986  O  O   . ILE A 1 144 ? 0.344   -12.998 3.925   1.00 42.06  ? 125 ILE A O   1 
ATOM   987  C  CB  . ILE A 1 144 ? 2.677   -10.997 4.515   1.00 41.60  ? 125 ILE A CB  1 
ATOM   988  C  CG1 . ILE A 1 144 ? 4.110   -10.629 4.913   1.00 41.04  ? 125 ILE A CG1 1 
ATOM   989  C  CG2 . ILE A 1 144 ? 1.702   -9.866  4.964   1.00 39.86  ? 125 ILE A CG2 1 
ATOM   990  C  CD1 . ILE A 1 144 ? 4.698   -9.460  4.144   1.00 41.83  ? 125 ILE A CD1 1 
ATOM   991  N  N   . PHE A 1 145 ? 0.131   -12.621 6.160   1.00 39.46  ? 126 PHE A N   1 
ATOM   992  C  CA  . PHE A 1 145 ? -1.322  -12.803 6.157   1.00 40.16  ? 126 PHE A CA  1 
ATOM   993  C  C   . PHE A 1 145 ? -1.932  -11.471 5.683   1.00 40.44  ? 126 PHE A C   1 
ATOM   994  O  O   . PHE A 1 145 ? -1.821  -10.458 6.367   1.00 41.26  ? 126 PHE A O   1 
ATOM   995  C  CB  . PHE A 1 145 ? -1.833  -13.268 7.538   1.00 42.78  ? 126 PHE A CB  1 
ATOM   996  C  CG  . PHE A 1 145 ? -3.342  -13.393 7.647   1.00 39.49  ? 126 PHE A CG  1 
ATOM   997  C  CD1 . PHE A 1 145 ? -4.137  -13.836 6.565   1.00 42.82  ? 126 PHE A CD1 1 
ATOM   998  C  CD2 . PHE A 1 145 ? -3.964  -13.144 8.869   1.00 42.22  ? 126 PHE A CD2 1 
ATOM   999  C  CE1 . PHE A 1 145 ? -5.535  -13.952 6.690   1.00 38.38  ? 126 PHE A CE1 1 
ATOM   1000 C  CE2 . PHE A 1 145 ? -5.356  -13.278 9.008   1.00 37.57  ? 126 PHE A CE2 1 
ATOM   1001 C  CZ  . PHE A 1 145 ? -6.145  -13.671 7.911   1.00 39.20  ? 126 PHE A CZ  1 
ATOM   1002 N  N   . GLN A 1 146 ? -2.467  -11.464 4.464   1.00 42.73  ? 127 GLN A N   1 
ATOM   1003 C  CA  . GLN A 1 146 ? -3.173  -10.301 3.896   1.00 42.01  ? 127 GLN A CA  1 
ATOM   1004 C  C   . GLN A 1 146 ? -4.647  -10.501 4.258   1.00 44.49  ? 127 GLN A C   1 
ATOM   1005 O  O   . GLN A 1 146 ? -5.334  -11.299 3.636   1.00 43.22  ? 127 GLN A O   1 
ATOM   1006 C  CB  . GLN A 1 146 ? -2.976  -10.225 2.389   1.00 43.12  ? 127 GLN A CB  1 
ATOM   1007 C  CG  . GLN A 1 146 ? -1.511  -10.123 1.984   1.00 44.74  ? 127 GLN A CG  1 
ATOM   1008 C  CD  . GLN A 1 146 ? -1.315  -10.043 0.495   1.00 51.68  ? 127 GLN A CD  1 
ATOM   1009 O  OE1 . GLN A 1 146 ? -2.074  -9.375  -0.215  1.00 45.69  ? 127 GLN A OE1 1 
ATOM   1010 N  NE2 . GLN A 1 146 ? -0.274  -10.705 0.009   1.00 45.90  ? 127 GLN A NE2 1 
ATOM   1011 N  N   . LYS A 1 147 ? -5.098  -9.838  5.321   1.00 44.67  ? 128 LYS A N   1 
ATOM   1012 C  CA  . LYS A 1 147 ? -6.470  -9.968  5.830   1.00 45.03  ? 128 LYS A CA  1 
ATOM   1013 C  C   . LYS A 1 147 ? -7.325  -8.801  5.370   1.00 45.39  ? 128 LYS A C   1 
ATOM   1014 O  O   . LYS A 1 147 ? -7.182  -7.694  5.875   1.00 46.99  ? 128 LYS A O   1 
ATOM   1015 C  CB  . LYS A 1 147 ? -6.447  -10.026 7.352   1.00 44.45  ? 128 LYS A CB  1 
ATOM   1016 C  CG  . LYS A 1 147 ? -7.786  -10.300 8.020   1.00 49.29  ? 128 LYS A CG  1 
ATOM   1017 C  CD  . LYS A 1 147 ? -7.605  -10.323 9.511   1.00 47.18  ? 128 LYS A CD  1 
ATOM   1018 C  CE  . LYS A 1 147 ? -8.915  -10.583 10.242  1.00 57.51  ? 128 LYS A CE  1 
ATOM   1019 N  NZ  . LYS A 1 147 ? -8.717  -10.649 11.723  1.00 56.31  ? 128 LYS A NZ  1 
ATOM   1020 N  N   . VAL A 1 148 ? -8.226  -9.067  4.433   1.00 44.39  ? 129 VAL A N   1 
ATOM   1021 C  CA  . VAL A 1 148 ? -9.121  -8.064  3.887   1.00 43.99  ? 129 VAL A CA  1 
ATOM   1022 C  C   . VAL A 1 148 ? -10.555 -8.303  4.383   1.00 44.51  ? 129 VAL A C   1 
ATOM   1023 O  O   . VAL A 1 148 ? -11.067 -9.414  4.284   1.00 43.88  ? 129 VAL A O   1 
ATOM   1024 C  CB  . VAL A 1 148 ? -9.071  -8.051  2.351   1.00 44.66  ? 129 VAL A CB  1 
ATOM   1025 C  CG1 . VAL A 1 148 ? -9.932  -6.919  1.801   1.00 45.87  ? 129 VAL A CG1 1 
ATOM   1026 C  CG2 . VAL A 1 148 ? -7.623  -7.911  1.857   1.00 43.13  ? 129 VAL A CG2 1 
ATOM   1027 N  N   . ILE A 1 149 ? -11.161 -7.269  4.964   1.00 44.42  ? 130 ILE A N   1 
ATOM   1028 C  CA  . ILE A 1 149 ? -12.571 -7.299  5.393   1.00 47.81  ? 130 ILE A CA  1 
ATOM   1029 C  C   . ILE A 1 149 ? -13.279 -6.103  4.726   1.00 47.70  ? 130 ILE A C   1 
ATOM   1030 O  O   . ILE A 1 149 ? -12.684 -5.019  4.616   1.00 44.15  ? 130 ILE A O   1 
ATOM   1031 C  CB  . ILE A 1 149 ? -12.737 -7.338  6.946   1.00 47.75  ? 130 ILE A CB  1 
ATOM   1032 C  CG1 . ILE A 1 149 ? -12.173 -6.088  7.639   1.00 51.47  ? 130 ILE A CG1 1 
ATOM   1033 C  CG2 . ILE A 1 149 ? -12.055 -8.596  7.524   1.00 53.96  ? 130 ILE A CG2 1 
ATOM   1034 C  CD1 . ILE A 1 149 ? -12.155 -6.163  9.204   1.00 51.67  ? 130 ILE A CD1 1 
ATOM   1035 N  N   . ILE A 1 150 ? -14.503 -6.331  4.236   1.00 49.78  ? 131 ILE A N   1 
ATOM   1036 C  CA  . ILE A 1 150 ? -15.344 -5.295  3.608   1.00 51.39  ? 131 ILE A CA  1 
ATOM   1037 C  C   . ILE A 1 150 ? -16.459 -4.895  4.579   1.00 53.41  ? 131 ILE A C   1 
ATOM   1038 O  O   . ILE A 1 150 ? -17.199 -5.757  5.012   1.00 53.21  ? 131 ILE A O   1 
ATOM   1039 C  CB  . ILE A 1 150 ? -16.024 -5.788  2.315   1.00 51.58  ? 131 ILE A CB  1 
ATOM   1040 C  CG1 . ILE A 1 150 ? -15.009 -6.190  1.255   1.00 52.28  ? 131 ILE A CG1 1 
ATOM   1041 C  CG2 . ILE A 1 150 ? -16.921 -4.686  1.712   1.00 49.58  ? 131 ILE A CG2 1 
ATOM   1042 C  CD1 . ILE A 1 150 ? -15.656 -6.887  0.083   1.00 47.69  ? 131 ILE A CD1 1 
ATOM   1043 N  N   . HIS A 1 151 ? -16.575 -3.608  4.918   1.00 55.17  ? 132 HIS A N   1 
ATOM   1044 C  CA  . HIS A 1 151 ? -17.654 -3.109  5.796   1.00 58.30  ? 132 HIS A CA  1 
ATOM   1045 C  C   . HIS A 1 151 ? -18.653 -2.308  4.966   1.00 59.04  ? 132 HIS A C   1 
ATOM   1046 O  O   . HIS A 1 151 ? -18.330 -1.820  3.877   1.00 60.61  ? 132 HIS A O   1 
ATOM   1047 C  CB  . HIS A 1 151 ? -17.122 -2.232  6.940   1.00 59.73  ? 132 HIS A CB  1 
ATOM   1048 C  CG  . HIS A 1 151 ? -16.043 -2.873  7.764   1.00 66.58  ? 132 HIS A CG  1 
ATOM   1049 N  ND1 . HIS A 1 151 ? -14.979 -2.161  8.282   1.00 69.31  ? 132 HIS A ND1 1 
ATOM   1050 C  CD2 . HIS A 1 151 ? -15.843 -4.161  8.130   1.00 73.88  ? 132 HIS A CD2 1 
ATOM   1051 C  CE1 . HIS A 1 151 ? -14.190 -2.978  8.957   1.00 71.26  ? 132 HIS A CE1 1 
ATOM   1052 N  NE2 . HIS A 1 151 ? -14.687 -4.199  8.876   1.00 73.92  ? 132 HIS A NE2 1 
HETATM 1053 CL CL  . CL  B 2 .   ? 22.034  11.864  11.633  1.00 71.32  ? 137 CL  A CL  1 
HETATM 1054 CL CL  . CL  C 2 .   ? 5.974   -3.171  16.241  1.00 93.65  ? 138 CL  A CL  1 
HETATM 1055 S  S   . SO4 D 3 .   ? 10.009  0.050   10.330  1.00 64.21  ? 139 SO4 A S   1 
HETATM 1056 O  O1  . SO4 D 3 .   ? 8.673   0.419   10.804  1.00 68.33  ? 139 SO4 A O1  1 
HETATM 1057 O  O2  . SO4 D 3 .   ? 10.211  0.501   8.948   1.00 50.02  ? 139 SO4 A O2  1 
HETATM 1058 O  O3  . SO4 D 3 .   ? 10.977  0.725   11.191  1.00 70.05  ? 139 SO4 A O3  1 
HETATM 1059 O  O4  . SO4 D 3 .   ? 10.190  -1.394  10.428  1.00 64.60  ? 139 SO4 A O4  1 
HETATM 1060 O  O   . HOH E 4 .   ? 0.974   -5.999  16.786  1.00 49.92  ? 140 HOH A O   1 
HETATM 1061 O  O   . HOH E 4 .   ? 15.384  12.568  -3.412  1.00 35.57  ? 141 HOH A O   1 
HETATM 1062 O  O   . HOH E 4 .   ? 9.638   -14.991 14.291  1.00 49.78  ? 142 HOH A O   1 
HETATM 1063 O  O   . HOH E 4 .   ? 8.118   -12.869 15.949  1.00 42.75  ? 143 HOH A O   1 
HETATM 1064 O  O   . HOH E 4 .   ? -18.727 -12.762 -7.466  1.00 37.07  ? 144 HOH A O   1 
HETATM 1065 O  O   . HOH E 4 .   ? 3.286   -5.750  15.529  1.00 40.19  ? 145 HOH A O   1 
HETATM 1066 O  O   . HOH E 4 .   ? -12.579 1.439   6.568   1.00 45.73  ? 146 HOH A O   1 
HETATM 1067 O  O   . HOH E 4 .   ? -3.309  4.613   -7.420  1.00 28.53  ? 147 HOH A O   1 
HETATM 1068 O  O   . HOH E 4 .   ? 14.311  14.481  -1.991  1.00 49.05  ? 148 HOH A O   1 
HETATM 1069 O  O   . HOH E 4 .   ? 4.929   12.505  2.539   1.00 39.22  ? 149 HOH A O   1 
HETATM 1070 O  O   . HOH E 4 .   ? 2.772   -12.392 -2.354  1.00 29.43  ? 150 HOH A O   1 
HETATM 1071 O  O   . HOH E 4 .   ? 7.669   6.671   11.453  1.00 32.64  ? 151 HOH A O   1 
HETATM 1072 O  O   . HOH E 4 .   ? -4.948  -12.035 12.742  1.00 36.65  ? 152 HOH A O   1 
HETATM 1073 O  O   . HOH E 4 .   ? 7.717   -11.098 5.836   1.00 29.43  ? 153 HOH A O   1 
HETATM 1074 O  O   . HOH E 4 .   ? -7.115  -2.279  9.642   1.00 35.78  ? 154 HOH A O   1 
HETATM 1075 O  O   . HOH E 4 .   ? -2.843  -13.974 3.149   1.00 30.44  ? 155 HOH A O   1 
HETATM 1076 O  O   . HOH E 4 .   ? 2.184   -14.431 8.969   1.00 43.11  ? 156 HOH A O   1 
HETATM 1077 O  O   . HOH E 4 .   ? -8.840  -13.841 -6.234  1.00 50.93  ? 157 HOH A O   1 
HETATM 1078 O  O   . HOH E 4 .   ? 2.402   1.673   12.013  1.00 39.45  ? 158 HOH A O   1 
HETATM 1079 O  O   . HOH E 4 .   ? 2.788   -12.346 13.519  1.00 47.69  ? 159 HOH A O   1 
HETATM 1080 O  O   . HOH E 4 .   ? 5.217   3.527   12.563  1.00 46.58  ? 160 HOH A O   1 
HETATM 1081 O  O   . HOH E 4 .   ? 1.276   -12.517 1.504   1.00 29.14  ? 161 HOH A O   1 
HETATM 1082 O  O   . HOH E 4 .   ? -0.394  -15.796 3.412   1.00 38.53  ? 162 HOH A O   1 
HETATM 1083 O  O   . HOH E 4 .   ? 15.661  0.193   9.710   1.00 58.27  ? 163 HOH A O   1 
HETATM 1084 O  O   . HOH E 4 .   ? -14.647 -14.657 -2.165  1.00 53.83  ? 164 HOH A O   1 
HETATM 1085 O  O   . HOH E 4 .   ? 2.447   -14.615 -3.856  1.00 41.38  ? 165 HOH A O   1 
HETATM 1086 O  O   . HOH E 4 .   ? -9.406  -1.225  11.081  1.00 52.55  ? 166 HOH A O   1 
HETATM 1087 O  O   . HOH E 4 .   ? -21.150 -2.907  1.046   1.00 59.45  ? 167 HOH A O   1 
HETATM 1088 O  O   . HOH E 4 .   ? 9.522   -6.866  15.230  1.00 40.32  ? 168 HOH A O   1 
HETATM 1089 O  O   . HOH E 4 .   ? -13.044 3.703   -10.386 1.00 35.51  ? 169 HOH A O   1 
HETATM 1090 O  O   . HOH E 4 .   ? -25.499 -10.782 -5.511  1.00 50.97  ? 170 HOH A O   1 
HETATM 1091 O  O   . HOH E 4 .   ? 7.533   -13.583 7.177   1.00 43.85  ? 171 HOH A O   1 
HETATM 1092 O  O   . HOH E 4 .   ? 4.523   16.138  -0.693  1.00 57.90  ? 172 HOH A O   1 
HETATM 1093 O  O   . HOH E 4 .   ? 5.380   10.463  4.820   1.00 43.20  ? 173 HOH A O   1 
HETATM 1094 O  O   . HOH E 4 .   ? 13.010  17.254  1.736   1.00 52.88  ? 174 HOH A O   1 
HETATM 1095 O  O   . HOH E 4 .   ? -1.399  -8.573  -10.333 1.00 36.45  ? 175 HOH A O   1 
HETATM 1096 O  O   . HOH E 4 .   ? 6.553   17.836  -1.264  1.00 50.08  ? 176 HOH A O   1 
HETATM 1097 O  O   . HOH E 4 .   ? -0.744  -1.074  12.786  1.00 37.70  ? 177 HOH A O   1 
HETATM 1098 O  O   . HOH E 4 .   ? 0.442   -17.292 -0.111  1.00 44.73  ? 178 HOH A O   1 
HETATM 1099 O  O   . HOH E 4 .   ? 0.001   -14.247 -0.050  1.00 43.45  ? 179 HOH A O   1 
HETATM 1100 O  O   . HOH E 4 .   ? -3.556  -7.139  -11.878 1.00 49.64  ? 180 HOH A O   1 
HETATM 1101 O  O   . HOH E 4 .   ? -9.410  -4.825  -12.082 1.00 51.05  ? 181 HOH A O   1 
HETATM 1102 O  O   . HOH E 4 .   ? -15.093 8.832   2.625   1.00 47.15  ? 182 HOH A O   1 
HETATM 1103 O  O   . HOH E 4 .   ? -15.292 5.372   -8.531  1.00 53.31  ? 183 HOH A O   1 
HETATM 1104 O  O   . HOH E 4 .   ? -0.892  -13.521 -2.799  1.00 51.11  ? 184 HOH A O   1 
HETATM 1105 O  O   . HOH E 4 .   ? -12.434 -16.187 -0.401  1.00 54.44  ? 185 HOH A O   1 
HETATM 1106 O  O   . HOH E 4 .   ? 13.329  0.659   8.350   1.00 42.11  ? 186 HOH A O   1 
HETATM 1107 O  O   . HOH E 4 .   ? 13.232  9.848   11.343  1.00 38.32  ? 187 HOH A O   1 
HETATM 1108 O  O   . HOH E 4 .   ? 3.731   -13.690 -6.486  1.00 35.04  ? 188 HOH A O   1 
HETATM 1109 O  O   . HOH E 4 .   ? 3.221   -3.240  14.473  1.00 52.21  ? 189 HOH A O   1 
HETATM 1110 O  O   . HOH E 4 .   ? 7.680   15.520  -13.923 1.00 57.46  ? 190 HOH A O   1 
HETATM 1111 O  O   . HOH E 4 .   ? -15.244 5.418   5.491   1.00 60.01  ? 191 HOH A O   1 
HETATM 1112 O  O   . HOH E 4 .   ? -21.545 -10.050 2.229   1.00 45.42  ? 192 HOH A O   1 
HETATM 1113 O  O   . HOH E 4 .   ? -10.252 -11.701 -9.129  1.00 55.63  ? 193 HOH A O   1 
HETATM 1114 O  O   . HOH E 4 .   ? 20.152  15.928  10.393  1.00 64.79  ? 194 HOH A O   1 
HETATM 1115 O  O   . HOH E 4 .   ? 10.994  14.540  -11.266 1.00 51.01  ? 195 HOH A O   1 
HETATM 1116 O  O   . HOH E 4 .   ? 3.562   13.506  0.159   0.50 49.70  ? 196 HOH A O   1 
HETATM 1117 O  O   . HOH E 4 .   ? -3.038  -11.519 -1.990  1.00 48.34  ? 197 HOH A O   1 
HETATM 1118 O  O   . HOH E 4 .   ? -8.324  -12.001 3.236   1.00 47.52  ? 198 HOH A O   1 
HETATM 1119 O  O   . HOH E 4 .   ? 13.522  11.381  -9.391  1.00 44.81  ? 199 HOH A O   1 
HETATM 1120 O  O   . HOH E 4 .   ? -17.389 3.871   -15.186 1.00 54.82  ? 200 HOH A O   1 
HETATM 1121 O  O   . HOH E 4 .   ? 12.929  16.839  5.348   1.00 55.86  ? 201 HOH A O   1 
HETATM 1122 O  O   . HOH E 4 .   ? 13.249  -0.977  12.208  1.00 57.29  ? 202 HOH A O   1 
HETATM 1123 O  O   . HOH E 4 .   ? 12.738  1.113   -16.377 1.00 62.57  ? 203 HOH A O   1 
HETATM 1124 O  O   . HOH E 4 .   ? 15.508  16.843  6.968   1.00 54.63  ? 204 HOH A O   1 
HETATM 1125 O  O   . HOH E 4 .   ? 4.083   10.020  15.202  1.00 64.04  ? 205 HOH A O   1 
# 
